data_4D45
#
_entry.id   4D45
#
_cell.length_a   90.077
_cell.length_b   95.168
_cell.length_c   95.200
_cell.angle_alpha   98.43
_cell.angle_beta   97.53
_cell.angle_gamma   111.47
#
_symmetry.space_group_name_H-M   'P 1'
#
loop_
_entity.id
_entity.type
_entity.pdbx_description
1 polymer 'ENOYL-[ACYL-CARRIER-PROTEIN] REDUCTASE [NADPH]'
2 non-polymer 'GLUTAMIC ACID'
3 non-polymer 'NADP NICOTINAMIDE-ADENINE-DINUCLEOTIDE PHOSPHATE'
4 non-polymer 5-bromo-2-(4-chloro-2-hydroxyphenoxy)benzonitrile
5 water water
#
_entity_poly.entity_id   1
_entity_poly.type   'polypeptide(L)'
_entity_poly.pdbx_seq_one_letter_code
;MKHHHHHHPMSDYDIPTTENLYFQGAMVNLENKTYVIMGIANKRSIAFGVAKVLDQLGAKLVFTYRKERSRKELEKLLEQ
LNQPEAHLYQIDVQSDEEVINGFEQIGKDVGNIDGVYHSIAFANMEDLRGRFSETSREGFLLAQDISSYSLTIVAHEAKK
LMPEGGSIVATTYLGGEFAVQNYNVMGVAKASLEANVKYLALDLGPDNIRVNAISAGPIRTLSAKGVGGFNTILKEIEER
APLKRNVDQVEVGKTAAYLLSDLSSGVTGENIHVDSGFHAIK
;
_entity_poly.pdbx_strand_id   A,B,C,D,E,F,G,H
#
# COMPACT_ATOMS: atom_id res chain seq x y z
N ASN A 29 30.42 -7.79 38.25
CA ASN A 29 29.72 -8.68 39.22
C ASN A 29 28.26 -9.04 38.88
N LEU A 30 28.01 -10.31 38.58
CA LEU A 30 26.74 -10.75 38.01
C LEU A 30 25.93 -11.72 38.89
N GLU A 31 26.14 -11.69 40.19
CA GLU A 31 25.27 -12.39 41.12
C GLU A 31 23.83 -11.92 40.94
N ASN A 32 22.91 -12.88 40.93
CA ASN A 32 21.48 -12.61 40.70
C ASN A 32 21.12 -12.17 39.30
N LYS A 33 22.04 -12.40 38.36
CA LYS A 33 21.72 -12.36 36.94
C LYS A 33 21.59 -13.77 36.41
N THR A 34 20.67 -13.96 35.47
CA THR A 34 20.54 -15.22 34.76
C THR A 34 20.72 -14.97 33.26
N TYR A 35 21.49 -15.80 32.58
CA TYR A 35 21.73 -15.63 31.15
C TYR A 35 21.56 -16.94 30.43
N VAL A 36 21.10 -16.87 29.18
CA VAL A 36 20.95 -18.04 28.34
C VAL A 36 22.03 -18.01 27.26
N ILE A 37 22.77 -19.11 27.19
CA ILE A 37 23.89 -19.20 26.29
C ILE A 37 23.53 -20.26 25.27
N MET A 38 23.43 -19.86 24.01
CA MET A 38 23.04 -20.78 22.95
C MET A 38 24.23 -21.11 22.04
N GLY A 39 24.56 -22.39 21.86
CA GLY A 39 25.61 -22.78 20.91
C GLY A 39 26.97 -23.28 21.38
N ILE A 40 27.03 -23.84 22.58
CA ILE A 40 28.22 -24.63 22.97
C ILE A 40 28.14 -26.02 22.36
N ALA A 41 29.19 -26.42 21.62
CA ALA A 41 29.34 -27.82 21.19
C ALA A 41 30.44 -28.55 21.95
N ASN A 42 31.52 -27.84 22.29
CA ASN A 42 32.61 -28.43 23.06
C ASN A 42 33.43 -27.36 23.79
N LYS A 43 34.58 -27.77 24.33
CA LYS A 43 35.40 -26.92 25.17
C LYS A 43 35.98 -25.78 24.33
N ARG A 44 36.03 -25.94 23.01
CA ARG A 44 36.56 -24.87 22.18
C ARG A 44 35.49 -23.86 21.75
N SER A 45 34.21 -24.14 21.97
CA SER A 45 33.20 -23.22 21.46
C SER A 45 33.42 -21.83 22.00
N ILE A 46 33.25 -20.83 21.15
CA ILE A 46 33.29 -19.44 21.63
C ILE A 46 32.31 -19.26 22.78
N ALA A 47 31.11 -19.85 22.66
CA ALA A 47 30.14 -19.74 23.75
C ALA A 47 30.58 -20.33 25.11
N PHE A 48 31.53 -21.26 25.12
CA PHE A 48 32.03 -21.80 26.41
C PHE A 48 33.05 -20.85 27.06
N GLY A 49 33.66 -20.02 26.22
CA GLY A 49 34.49 -18.92 26.69
C GLY A 49 33.62 -17.87 27.37
N VAL A 50 32.48 -17.60 26.75
CA VAL A 50 31.50 -16.72 27.35
C VAL A 50 30.99 -17.31 28.68
N ALA A 51 30.64 -18.60 28.70
CA ALA A 51 30.19 -19.26 29.95
C ALA A 51 31.19 -19.22 31.09
N LYS A 52 32.42 -19.66 30.84
CA LYS A 52 33.48 -19.52 31.83
C LYS A 52 33.58 -18.11 32.42
N VAL A 53 33.49 -17.06 31.59
CA VAL A 53 33.58 -15.70 32.15
C VAL A 53 32.36 -15.37 33.01
N LEU A 54 31.17 -15.57 32.47
CA LEU A 54 29.96 -15.24 33.22
C LEU A 54 29.82 -16.11 34.49
N ASP A 55 30.24 -17.36 34.39
CA ASP A 55 30.21 -18.23 35.56
C ASP A 55 31.15 -17.73 36.66
N GLN A 56 32.35 -17.32 36.27
CA GLN A 56 33.33 -16.72 37.16
C GLN A 56 32.77 -15.46 37.81
N LEU A 57 31.97 -14.67 37.08
CA LEU A 57 31.42 -13.45 37.65
C LEU A 57 30.15 -13.66 38.50
N GLY A 58 29.74 -14.91 38.71
CA GLY A 58 28.61 -15.18 39.60
C GLY A 58 27.25 -15.39 38.95
N ALA A 59 27.14 -15.36 37.62
CA ALA A 59 25.82 -15.46 36.95
C ALA A 59 25.23 -16.86 37.01
N LYS A 60 23.90 -16.97 37.09
CA LYS A 60 23.23 -18.26 36.87
C LYS A 60 23.20 -18.50 35.36
N LEU A 61 23.61 -19.68 34.90
CA LEU A 61 23.55 -19.95 33.47
C LEU A 61 22.57 -21.05 33.05
N VAL A 62 21.96 -20.82 31.87
CA VAL A 62 21.08 -21.77 31.20
C VAL A 62 21.65 -21.98 29.80
N PHE A 63 21.66 -23.22 29.34
CA PHE A 63 22.37 -23.59 28.12
C PHE A 63 21.43 -24.23 27.11
N THR A 64 21.57 -23.89 25.84
CA THR A 64 20.86 -24.63 24.80
C THR A 64 21.79 -25.27 23.76
N TYR A 65 21.33 -26.36 23.13
CA TYR A 65 22.13 -27.19 22.23
C TYR A 65 21.17 -27.70 21.18
N ARG A 66 21.69 -28.04 20.01
CA ARG A 66 20.96 -28.79 19.00
C ARG A 66 21.19 -30.32 19.07
N LYS A 67 22.43 -30.79 18.95
CA LYS A 67 22.70 -32.22 19.01
C LYS A 67 22.86 -32.83 20.41
N GLU A 68 22.38 -34.07 20.53
CA GLU A 68 22.56 -34.98 21.65
CA GLU A 68 22.53 -34.83 21.75
C GLU A 68 24.00 -34.94 22.14
N ARG A 69 24.90 -35.01 21.16
CA ARG A 69 26.32 -35.06 21.40
C ARG A 69 26.80 -33.78 22.10
N SER A 70 26.21 -32.65 21.75
CA SER A 70 26.51 -31.39 22.43
C SER A 70 25.97 -31.31 23.86
N ARG A 71 24.82 -31.95 24.12
CA ARG A 71 24.29 -31.98 25.48
C ARG A 71 25.25 -32.78 26.35
N LYS A 72 25.78 -33.87 25.81
CA LYS A 72 26.73 -34.70 26.55
C LYS A 72 28.02 -33.91 26.82
N GLU A 73 28.47 -33.13 25.84
CA GLU A 73 29.65 -32.30 26.09
C GLU A 73 29.37 -31.28 27.18
N LEU A 74 28.17 -30.70 27.14
CA LEU A 74 27.75 -29.69 28.11
C LEU A 74 27.70 -30.28 29.52
N GLU A 75 27.21 -31.51 29.64
CA GLU A 75 27.22 -32.17 30.93
C GLU A 75 28.64 -32.36 31.49
N LYS A 76 29.60 -32.70 30.63
CA LYS A 76 31.02 -32.79 31.02
C LYS A 76 31.60 -31.40 31.40
N LEU A 77 31.38 -30.41 30.53
CA LEU A 77 31.92 -29.04 30.70
C LEU A 77 31.45 -28.35 31.97
N LEU A 78 30.23 -28.66 32.40
CA LEU A 78 29.64 -28.07 33.61
C LEU A 78 30.38 -28.42 34.89
N GLU A 79 31.20 -29.47 34.88
CA GLU A 79 32.01 -29.80 36.06
C GLU A 79 33.15 -28.80 36.32
N GLN A 80 33.56 -28.10 35.28
CA GLN A 80 34.53 -27.01 35.42
C GLN A 80 33.92 -25.67 35.84
N LEU A 81 32.59 -25.57 35.84
CA LEU A 81 31.94 -24.33 36.26
C LEU A 81 31.45 -24.44 37.70
N ASN A 82 31.11 -23.30 38.29
CA ASN A 82 30.50 -23.23 39.60
C ASN A 82 29.00 -23.43 39.57
N GLN A 83 28.40 -23.63 38.39
CA GLN A 83 26.94 -23.77 38.31
C GLN A 83 26.48 -24.95 39.16
N PRO A 84 25.73 -24.71 40.27
CA PRO A 84 25.33 -25.85 41.13
C PRO A 84 24.23 -26.72 40.51
N GLU A 85 23.66 -26.25 39.40
CA GLU A 85 22.47 -26.85 38.80
C GLU A 85 22.68 -26.84 37.30
N ALA A 86 22.31 -27.94 36.66
CA ALA A 86 22.46 -28.14 35.22
C ALA A 86 21.16 -27.79 34.50
N HIS A 87 21.02 -26.57 33.99
CA HIS A 87 19.84 -26.19 33.21
C HIS A 87 20.10 -26.29 31.70
N LEU A 88 19.67 -27.39 31.05
CA LEU A 88 19.93 -27.62 29.60
C LEU A 88 18.67 -27.90 28.77
N TYR A 89 18.60 -27.31 27.58
CA TYR A 89 17.40 -27.34 26.75
C TYR A 89 17.78 -27.55 25.31
N GLN A 90 17.16 -28.54 24.67
CA GLN A 90 17.43 -28.74 23.25
C GLN A 90 16.66 -27.68 22.47
N ILE A 91 17.38 -26.85 21.70
CA ILE A 91 16.73 -25.91 20.82
C ILE A 91 17.44 -25.87 19.48
N ASP A 92 16.79 -26.48 18.49
CA ASP A 92 17.16 -26.28 17.10
C ASP A 92 16.48 -25.02 16.59
N VAL A 93 17.26 -23.99 16.32
CA VAL A 93 16.63 -22.71 15.96
C VAL A 93 15.97 -22.72 14.57
N GLN A 94 16.07 -23.81 13.81
CA GLN A 94 15.27 -23.96 12.59
C GLN A 94 13.79 -24.20 12.88
N SER A 95 13.47 -24.51 14.13
CA SER A 95 12.10 -24.80 14.54
C SER A 95 11.53 -23.75 15.48
N ASP A 96 10.51 -23.03 15.02
CA ASP A 96 9.83 -22.08 15.90
C ASP A 96 9.37 -22.77 17.17
N GLU A 97 8.66 -23.88 17.02
CA GLU A 97 8.17 -24.69 18.14
CA GLU A 97 8.16 -24.69 18.15
C GLU A 97 9.22 -24.89 19.22
N GLU A 98 10.42 -25.26 18.79
CA GLU A 98 11.51 -25.54 19.74
C GLU A 98 12.01 -24.28 20.45
N VAL A 99 12.04 -23.17 19.73
CA VAL A 99 12.49 -21.89 20.29
C VAL A 99 11.44 -21.37 21.22
N ILE A 100 10.20 -21.39 20.73
CA ILE A 100 9.07 -21.00 21.57
C ILE A 100 8.94 -21.86 22.84
N ASN A 101 8.88 -23.18 22.70
CA ASN A 101 8.66 -24.04 23.87
C ASN A 101 9.90 -24.08 24.74
N GLY A 102 11.07 -23.97 24.11
CA GLY A 102 12.35 -23.91 24.82
C GLY A 102 12.33 -22.79 25.86
N PHE A 103 12.02 -21.58 25.40
CA PHE A 103 12.10 -20.39 26.24
C PHE A 103 10.98 -20.39 27.26
N GLU A 104 9.80 -20.84 26.86
CA GLU A 104 8.73 -20.99 27.82
C GLU A 104 9.19 -21.86 28.99
N GLN A 105 9.76 -23.02 28.68
CA GLN A 105 10.22 -23.95 29.71
C GLN A 105 11.31 -23.29 30.57
N ILE A 106 12.22 -22.55 29.94
CA ILE A 106 13.22 -21.78 30.70
C ILE A 106 12.61 -20.85 31.77
N GLY A 107 11.61 -20.06 31.39
CA GLY A 107 10.98 -19.14 32.35
C GLY A 107 10.21 -19.87 33.44
N LYS A 108 9.68 -21.03 33.08
CA LYS A 108 9.04 -21.90 34.05
C LYS A 108 10.07 -22.47 35.03
N ASP A 109 11.23 -22.89 34.54
CA ASP A 109 12.25 -23.50 35.42
C ASP A 109 13.09 -22.52 36.26
N VAL A 110 13.42 -21.33 35.71
CA VAL A 110 14.37 -20.41 36.35
C VAL A 110 13.83 -18.99 36.58
N GLY A 111 12.73 -18.65 35.94
CA GLY A 111 12.17 -17.31 36.06
C GLY A 111 12.66 -16.38 34.97
N ASN A 112 12.45 -15.08 35.20
CA ASN A 112 12.93 -14.02 34.32
C ASN A 112 14.45 -14.05 34.16
N ILE A 113 14.93 -13.71 32.97
CA ILE A 113 16.36 -13.76 32.70
C ILE A 113 16.86 -12.34 32.43
N ASP A 114 18.18 -12.21 32.31
CA ASP A 114 18.78 -10.90 32.07
C ASP A 114 19.41 -10.74 30.68
N GLY A 115 19.61 -11.83 29.94
CA GLY A 115 20.11 -11.67 28.59
C GLY A 115 20.34 -12.99 27.87
N VAL A 116 20.70 -12.90 26.59
CA VAL A 116 20.93 -14.08 25.78
C VAL A 116 22.25 -13.87 25.08
N TYR A 117 23.10 -14.90 25.13
CA TYR A 117 24.22 -14.95 24.22
C TYR A 117 23.93 -15.92 23.05
N HIS A 118 24.00 -15.43 21.81
CA HIS A 118 23.67 -16.23 20.64
C HIS A 118 24.98 -16.53 19.87
N SER A 119 25.29 -17.81 19.70
CA SER A 119 26.60 -18.23 19.22
C SER A 119 26.38 -19.32 18.18
N ILE A 120 25.51 -19.02 17.21
CA ILE A 120 25.00 -20.05 16.29
C ILE A 120 25.10 -19.64 14.83
N ALA A 121 25.64 -20.52 14.01
CA ALA A 121 25.64 -20.30 12.57
C ALA A 121 25.79 -21.64 11.87
N PHE A 122 25.40 -21.71 10.60
CA PHE A 122 25.59 -22.92 9.77
C PHE A 122 25.53 -22.57 8.28
N ALA A 123 26.19 -23.37 7.43
CA ALA A 123 26.07 -23.25 5.99
C ALA A 123 26.60 -24.58 5.45
N ASN A 124 26.09 -25.04 4.32
CA ASN A 124 26.62 -26.27 3.73
C ASN A 124 28.05 -26.03 3.24
N MET A 125 28.94 -26.96 3.57
CA MET A 125 30.25 -27.09 2.94
C MET A 125 30.22 -26.94 1.42
N GLU A 126 29.24 -27.49 0.73
CA GLU A 126 29.33 -27.45 -0.74
C GLU A 126 28.97 -26.10 -1.34
N ASP A 127 28.22 -25.26 -0.62
CA ASP A 127 28.19 -23.83 -0.95
C ASP A 127 29.48 -23.12 -0.54
N LEU A 128 29.89 -23.25 0.72
CA LEU A 128 31.12 -22.62 1.22
C LEU A 128 32.37 -22.85 0.37
N ARG A 129 32.56 -24.09 -0.10
CA ARG A 129 33.74 -24.48 -0.85
C ARG A 129 33.59 -24.33 -2.36
N GLY A 130 32.49 -23.77 -2.84
CA GLY A 130 32.40 -23.39 -4.24
C GLY A 130 32.60 -21.89 -4.36
N ARG A 131 32.70 -21.40 -5.59
CA ARG A 131 32.62 -19.97 -5.90
C ARG A 131 31.28 -19.40 -5.44
N PHE A 132 31.27 -18.15 -4.98
CA PHE A 132 30.04 -17.59 -4.38
C PHE A 132 28.91 -17.51 -5.41
N SER A 133 29.24 -17.17 -6.65
CA SER A 133 28.24 -17.03 -7.68
C SER A 133 27.51 -18.35 -7.94
N GLU A 134 28.11 -19.47 -7.52
CA GLU A 134 27.48 -20.80 -7.61
C GLU A 134 26.68 -21.22 -6.36
N THR A 135 26.56 -20.35 -5.35
CA THR A 135 25.72 -20.71 -4.20
C THR A 135 24.31 -21.16 -4.65
N SER A 136 23.83 -22.27 -4.09
CA SER A 136 22.50 -22.80 -4.31
C SER A 136 21.51 -21.95 -3.54
N ARG A 137 20.29 -21.86 -4.08
CA ARG A 137 19.21 -21.15 -3.43
C ARG A 137 18.91 -21.72 -2.03
N GLU A 138 18.77 -23.03 -1.92
CA GLU A 138 18.42 -23.67 -0.64
C GLU A 138 19.56 -23.53 0.39
N GLY A 139 20.81 -23.61 -0.09
CA GLY A 139 21.99 -23.23 0.69
C GLY A 139 22.07 -21.80 1.24
N PHE A 140 21.78 -20.83 0.38
CA PHE A 140 21.77 -19.43 0.76
C PHE A 140 20.74 -19.21 1.86
N LEU A 141 19.54 -19.77 1.66
CA LEU A 141 18.45 -19.54 2.60
C LEU A 141 18.62 -20.31 3.91
N LEU A 142 19.17 -21.53 3.86
CA LEU A 142 19.64 -22.27 5.04
C LEU A 142 20.59 -21.43 5.89
N ALA A 143 21.58 -20.83 5.24
CA ALA A 143 22.49 -19.94 5.98
C ALA A 143 21.76 -18.74 6.61
N GLN A 144 20.86 -18.07 5.87
CA GLN A 144 20.04 -16.99 6.43
C GLN A 144 19.23 -17.45 7.65
N ASP A 145 18.63 -18.62 7.50
CA ASP A 145 17.66 -19.14 8.45
C ASP A 145 18.35 -19.33 9.80
N ILE A 146 19.44 -20.11 9.80
CA ILE A 146 20.09 -20.45 11.05
C ILE A 146 20.95 -19.33 11.58
N SER A 147 21.68 -18.66 10.68
CA SER A 147 22.67 -17.67 11.10
C SER A 147 22.14 -16.23 11.36
N SER A 148 20.97 -15.90 10.81
CA SER A 148 20.44 -14.56 11.01
C SER A 148 19.04 -14.56 11.65
N TYR A 149 18.09 -15.17 10.95
CA TYR A 149 16.70 -15.20 11.42
C TYR A 149 16.55 -15.79 12.82
N SER A 150 17.37 -16.78 13.14
CA SER A 150 17.32 -17.37 14.47
C SER A 150 17.41 -16.28 15.54
N LEU A 151 18.19 -15.24 15.28
CA LEU A 151 18.32 -14.17 16.26
C LEU A 151 16.98 -13.46 16.44
N THR A 152 16.27 -13.22 15.36
CA THR A 152 14.98 -12.52 15.44
C THR A 152 13.94 -13.24 16.33
N ILE A 153 13.74 -14.53 16.07
CA ILE A 153 12.79 -15.33 16.83
C ILE A 153 13.24 -15.56 18.27
N VAL A 154 14.53 -15.74 18.48
CA VAL A 154 15.04 -15.89 19.82
C VAL A 154 14.77 -14.60 20.61
N ALA A 155 14.95 -13.45 19.96
CA ALA A 155 14.72 -12.20 20.66
C ALA A 155 13.25 -12.05 21.07
N HIS A 156 12.37 -12.32 20.10
CA HIS A 156 10.95 -12.28 20.39
C HIS A 156 10.58 -13.13 21.60
N GLU A 157 11.18 -14.33 21.71
CA GLU A 157 10.79 -15.28 22.77
C GLU A 157 11.43 -14.93 24.12
N ALA A 158 12.69 -14.48 24.05
CA ALA A 158 13.44 -14.07 25.23
C ALA A 158 12.88 -12.79 25.85
N LYS A 159 12.38 -11.89 25.00
CA LYS A 159 11.68 -10.68 25.41
C LYS A 159 10.59 -10.95 26.48
N LYS A 160 9.82 -12.03 26.31
CA LYS A 160 8.80 -12.41 27.29
C LYS A 160 9.36 -12.68 28.69
N LEU A 161 10.64 -13.03 28.78
CA LEU A 161 11.27 -13.31 30.07
C LEU A 161 12.15 -12.13 30.49
N MET A 162 11.97 -10.99 29.83
CA MET A 162 12.72 -9.80 30.19
C MET A 162 11.80 -8.59 30.34
N PRO A 163 10.82 -8.68 31.24
CA PRO A 163 9.90 -7.54 31.41
C PRO A 163 10.58 -6.25 31.90
N GLU A 164 11.69 -6.38 32.60
CA GLU A 164 12.41 -5.22 33.11
C GLU A 164 13.48 -4.70 32.17
N GLY A 165 13.65 -5.35 31.02
CA GLY A 165 14.80 -5.08 30.14
C GLY A 165 15.87 -6.17 30.21
N GLY A 166 16.95 -5.98 29.47
CA GLY A 166 17.92 -7.04 29.33
C GLY A 166 18.84 -6.80 28.16
N SER A 167 19.64 -7.80 27.85
CA SER A 167 20.69 -7.64 26.83
C SER A 167 20.85 -8.88 25.97
N ILE A 168 21.02 -8.69 24.67
CA ILE A 168 21.14 -9.82 23.77
C ILE A 168 22.35 -9.59 22.85
N VAL A 169 23.24 -10.57 22.74
CA VAL A 169 24.47 -10.41 21.99
C VAL A 169 24.54 -11.57 21.01
N ALA A 170 25.01 -11.30 19.80
CA ALA A 170 25.16 -12.34 18.79
C ALA A 170 26.59 -12.24 18.32
N THR A 171 27.10 -13.32 17.75
CA THR A 171 28.50 -13.38 17.43
C THR A 171 28.60 -13.23 15.92
N THR A 172 29.29 -12.19 15.44
CA THR A 172 29.46 -12.09 13.97
C THR A 172 30.93 -12.20 13.57
N TYR A 173 31.20 -12.09 12.27
CA TYR A 173 32.56 -12.08 11.82
C TYR A 173 32.76 -10.96 10.78
N LEU A 174 33.99 -10.46 10.72
CA LEU A 174 34.41 -9.41 9.80
C LEU A 174 33.97 -9.65 8.34
N GLY A 175 33.82 -10.91 7.92
CA GLY A 175 33.33 -11.21 6.56
C GLY A 175 31.89 -10.79 6.29
N GLY A 176 31.15 -10.36 7.33
CA GLY A 176 29.86 -9.68 7.08
C GLY A 176 29.93 -8.18 6.73
N GLU A 177 31.10 -7.58 6.92
CA GLU A 177 31.36 -6.18 6.56
C GLU A 177 32.17 -6.03 5.28
N PHE A 178 32.92 -7.06 4.89
CA PHE A 178 33.80 -7.01 3.74
C PHE A 178 33.75 -8.40 3.10
N ALA A 179 34.10 -8.50 1.82
CA ALA A 179 34.24 -9.79 1.18
C ALA A 179 35.62 -10.40 1.52
N VAL A 180 35.62 -11.53 2.22
CA VAL A 180 36.79 -12.33 2.61
C VAL A 180 36.79 -13.65 1.84
N GLN A 181 37.96 -14.11 1.37
CA GLN A 181 38.04 -15.36 0.60
C GLN A 181 37.43 -16.52 1.40
N ASN A 182 36.75 -17.44 0.69
CA ASN A 182 36.25 -18.68 1.31
C ASN A 182 35.07 -18.56 2.29
N TYR A 183 34.69 -17.35 2.65
CA TYR A 183 33.61 -17.14 3.60
C TYR A 183 32.26 -17.08 2.92
N ASN A 184 32.28 -16.66 1.65
CA ASN A 184 31.17 -16.80 0.72
C ASN A 184 29.74 -16.61 1.32
N VAL A 185 28.87 -17.63 1.28
CA VAL A 185 27.48 -17.47 1.72
C VAL A 185 27.39 -17.05 3.21
N MET A 186 28.40 -17.39 4.00
CA MET A 186 28.34 -17.07 5.43
C MET A 186 28.56 -15.56 5.57
N GLY A 187 29.30 -14.97 4.62
CA GLY A 187 29.55 -13.54 4.68
C GLY A 187 28.25 -12.74 4.55
N VAL A 188 27.44 -13.20 3.62
CA VAL A 188 26.18 -12.57 3.32
C VAL A 188 25.24 -12.88 4.49
N ALA A 189 25.38 -14.03 5.16
CA ALA A 189 24.48 -14.29 6.28
C ALA A 189 24.83 -13.45 7.53
N LYS A 190 26.10 -13.19 7.76
CA LYS A 190 26.56 -12.25 8.78
C LYS A 190 26.22 -10.80 8.47
N ALA A 191 26.32 -10.37 7.22
CA ALA A 191 25.79 -9.04 6.78
C ALA A 191 24.33 -8.85 7.21
N SER A 192 23.55 -9.92 7.04
CA SER A 192 22.14 -10.01 7.48
C SER A 192 21.98 -10.00 9.01
N LEU A 193 22.77 -10.83 9.69
CA LEU A 193 22.84 -10.84 11.17
C LEU A 193 23.12 -9.43 11.74
N GLU A 194 24.12 -8.75 11.18
CA GLU A 194 24.52 -7.44 11.69
C GLU A 194 23.37 -6.40 11.57
N ALA A 195 22.68 -6.39 10.41
CA ALA A 195 21.48 -5.56 10.24
C ALA A 195 20.37 -6.00 11.18
N ASN A 196 20.25 -7.32 11.36
CA ASN A 196 19.23 -7.88 12.27
C ASN A 196 19.42 -7.31 13.69
N VAL A 197 20.67 -7.27 14.17
CA VAL A 197 21.02 -6.62 15.43
C VAL A 197 20.56 -5.16 15.51
N LYS A 198 20.82 -4.41 14.44
CA LYS A 198 20.42 -3.02 14.41
C LYS A 198 18.89 -2.87 14.37
N TYR A 199 18.21 -3.57 13.47
CA TYR A 199 16.71 -3.52 13.51
C TYR A 199 16.06 -3.96 14.86
N LEU A 200 16.63 -5.00 15.47
CA LEU A 200 16.21 -5.45 16.81
C LEU A 200 16.45 -4.39 17.89
N ALA A 201 17.61 -3.71 17.82
CA ALA A 201 17.95 -2.64 18.76
C ALA A 201 16.93 -1.51 18.75
N LEU A 202 16.54 -1.20 17.53
CA LEU A 202 15.57 -0.15 17.25
C LEU A 202 14.22 -0.56 17.81
N ASP A 203 13.79 -1.78 17.52
CA ASP A 203 12.47 -2.31 17.91
C ASP A 203 12.33 -2.45 19.43
N LEU A 204 13.36 -3.04 20.05
CA LEU A 204 13.24 -3.49 21.44
C LEU A 204 13.77 -2.47 22.43
N GLY A 205 14.47 -1.49 21.89
CA GLY A 205 15.05 -0.38 22.66
C GLY A 205 14.08 0.24 23.64
N PRO A 206 12.84 0.55 23.20
CA PRO A 206 11.88 1.11 24.16
C PRO A 206 11.49 0.11 25.22
N ASP A 207 11.73 -1.17 25.00
CA ASP A 207 11.47 -2.15 26.06
C ASP A 207 12.66 -2.29 27.02
N ASN A 208 13.66 -1.44 26.86
CA ASN A 208 14.90 -1.52 27.64
C ASN A 208 15.67 -2.83 27.39
N ILE A 209 15.57 -3.32 26.15
CA ILE A 209 16.34 -4.47 25.71
C ILE A 209 17.35 -3.99 24.68
N ARG A 210 18.62 -4.21 25.02
CA ARG A 210 19.75 -3.83 24.18
C ARG A 210 20.17 -5.06 23.37
N VAL A 211 20.64 -4.81 22.14
CA VAL A 211 20.98 -5.86 21.21
C VAL A 211 22.28 -5.39 20.54
N ASN A 212 23.32 -6.21 20.59
CA ASN A 212 24.67 -5.83 20.16
C ASN A 212 25.28 -7.06 19.50
N ALA A 213 26.36 -6.87 18.74
CA ALA A 213 27.14 -7.96 18.18
C ALA A 213 28.57 -7.86 18.70
N ILE A 214 29.24 -9.01 18.76
CA ILE A 214 30.68 -9.08 18.91
C ILE A 214 31.21 -9.69 17.60
N SER A 215 32.13 -9.00 16.94
CA SER A 215 32.81 -9.45 15.74
C SER A 215 34.12 -10.05 16.25
N ALA A 216 34.12 -11.37 16.35
CA ALA A 216 35.27 -12.10 16.87
C ALA A 216 36.31 -12.32 15.76
N GLY A 217 37.58 -12.24 16.17
CA GLY A 217 38.66 -12.73 15.34
C GLY A 217 38.60 -14.22 15.11
N PRO A 218 39.41 -14.72 14.15
CA PRO A 218 39.48 -16.16 13.92
C PRO A 218 39.94 -16.94 15.15
N ILE A 219 39.17 -17.95 15.55
CA ILE A 219 39.48 -18.81 16.68
C ILE A 219 39.26 -20.28 16.28
N ARG A 220 40.25 -21.15 16.54
CA ARG A 220 40.12 -22.55 16.18
C ARG A 220 38.99 -23.21 16.98
N THR A 221 37.95 -23.64 16.27
CA THR A 221 36.81 -24.32 16.87
C THR A 221 36.36 -25.37 15.89
N LEU A 222 35.41 -26.20 16.29
CA LEU A 222 34.81 -27.17 15.37
C LEU A 222 34.34 -26.50 14.07
N SER A 223 33.56 -25.45 14.16
CA SER A 223 32.99 -24.86 12.95
C SER A 223 34.01 -24.12 12.07
N ALA A 224 35.10 -23.66 12.69
CA ALA A 224 36.19 -23.07 11.94
C ALA A 224 36.74 -23.99 10.82
N LYS A 225 36.52 -25.29 10.98
CA LYS A 225 36.90 -26.27 9.96
C LYS A 225 36.12 -26.15 8.64
N GLY A 226 34.97 -25.52 8.68
CA GLY A 226 34.23 -25.26 7.44
C GLY A 226 34.68 -24.02 6.66
N VAL A 227 35.69 -23.34 7.20
CA VAL A 227 36.23 -22.16 6.53
C VAL A 227 37.55 -22.50 5.80
N GLY A 228 37.52 -22.66 4.49
CA GLY A 228 38.77 -22.90 3.78
C GLY A 228 39.84 -21.86 4.10
N GLY A 229 41.10 -22.27 4.03
CA GLY A 229 42.22 -21.37 4.29
C GLY A 229 42.27 -20.85 5.72
N PHE A 230 41.62 -21.55 6.65
CA PHE A 230 41.59 -21.02 8.01
C PHE A 230 42.98 -20.74 8.62
N ASN A 231 43.92 -21.67 8.57
CA ASN A 231 45.22 -21.37 9.16
C ASN A 231 45.90 -20.12 8.59
N THR A 232 45.71 -19.89 7.29
CA THR A 232 46.15 -18.65 6.66
C THR A 232 45.52 -17.39 7.23
N ILE A 233 44.24 -17.42 7.62
CA ILE A 233 43.56 -16.27 8.26
C ILE A 233 44.18 -15.97 9.62
N LEU A 234 44.46 -17.01 10.37
CA LEU A 234 45.14 -16.92 11.65
C LEU A 234 46.52 -16.28 11.49
N LYS A 235 47.27 -16.66 10.47
CA LYS A 235 48.64 -16.19 10.37
C LYS A 235 48.63 -14.73 9.97
N GLU A 236 47.72 -14.36 9.09
CA GLU A 236 47.54 -12.96 8.72
C GLU A 236 47.28 -12.06 9.93
N ILE A 237 46.46 -12.51 10.87
CA ILE A 237 46.22 -11.72 12.08
C ILE A 237 47.53 -11.55 12.83
N GLU A 238 48.27 -12.64 13.02
CA GLU A 238 49.48 -12.52 13.81
C GLU A 238 50.44 -11.54 13.16
N GLU A 239 50.57 -11.64 11.83
CA GLU A 239 51.43 -10.75 11.07
C GLU A 239 50.99 -9.29 11.02
N ARG A 240 49.68 -9.02 10.97
CA ARG A 240 49.23 -7.72 10.46
C ARG A 240 48.31 -6.93 11.37
N ALA A 241 47.64 -7.57 12.33
CA ALA A 241 46.76 -6.85 13.25
C ALA A 241 47.59 -6.05 14.24
N PRO A 242 47.12 -4.85 14.64
CA PRO A 242 47.80 -4.04 15.65
C PRO A 242 48.47 -4.82 16.79
N LEU A 243 47.81 -5.85 17.31
CA LEU A 243 48.35 -6.55 18.47
C LEU A 243 49.22 -7.71 18.06
N LYS A 244 49.32 -8.04 16.77
CA LYS A 244 50.22 -9.11 16.34
C LYS A 244 49.99 -10.38 17.16
N ARG A 245 48.73 -10.71 17.46
CA ARG A 245 48.48 -11.99 18.10
C ARG A 245 47.02 -12.28 17.81
N ASN A 246 46.63 -13.53 17.91
CA ASN A 246 45.23 -13.86 17.73
C ASN A 246 44.54 -13.69 19.08
N VAL A 247 43.22 -13.72 19.04
CA VAL A 247 42.42 -13.60 20.26
C VAL A 247 41.94 -15.02 20.62
N ASP A 248 41.38 -15.15 21.81
CA ASP A 248 40.72 -16.39 22.17
C ASP A 248 39.32 -16.18 22.77
N GLN A 249 38.71 -17.29 23.18
CA GLN A 249 37.30 -17.36 23.51
C GLN A 249 36.99 -16.64 24.84
N VAL A 250 37.92 -16.73 25.79
CA VAL A 250 37.81 -15.96 27.05
C VAL A 250 37.82 -14.47 26.70
N GLU A 251 38.50 -14.07 25.62
CA GLU A 251 38.51 -12.64 25.34
C GLU A 251 37.17 -12.17 24.78
N VAL A 252 36.54 -13.00 23.96
CA VAL A 252 35.16 -12.76 23.57
C VAL A 252 34.26 -12.77 24.81
N GLY A 253 34.43 -13.75 25.69
CA GLY A 253 33.65 -13.82 26.92
C GLY A 253 33.74 -12.54 27.74
N LYS A 254 34.92 -11.93 27.81
CA LYS A 254 35.10 -10.69 28.57
C LYS A 254 34.34 -9.50 27.98
N THR A 255 34.37 -9.29 26.66
CA THR A 255 33.51 -8.30 26.00
C THR A 255 32.02 -8.65 26.14
N ALA A 256 31.70 -9.93 26.06
CA ALA A 256 30.33 -10.38 26.27
C ALA A 256 29.83 -9.99 27.66
N ALA A 257 30.65 -10.21 28.68
CA ALA A 257 30.29 -9.80 30.04
C ALA A 257 29.98 -8.31 30.10
N TYR A 258 30.80 -7.48 29.44
CA TYR A 258 30.53 -6.04 29.40
C TYR A 258 29.17 -5.72 28.76
N LEU A 259 28.88 -6.33 27.60
CA LEU A 259 27.63 -6.09 26.89
C LEU A 259 26.35 -6.63 27.57
N LEU A 260 26.48 -7.72 28.33
CA LEU A 260 25.34 -8.34 29.02
C LEU A 260 25.10 -7.70 30.38
N SER A 261 26.05 -6.89 30.83
CA SER A 261 25.95 -6.24 32.12
C SER A 261 25.56 -4.76 31.99
N ASP A 262 25.41 -4.12 33.15
CA ASP A 262 25.03 -2.74 33.18
C ASP A 262 26.20 -1.80 32.85
N LEU A 263 27.40 -2.34 32.63
CA LEU A 263 28.51 -1.46 32.30
C LEU A 263 28.26 -0.84 30.92
N SER A 264 27.48 -1.52 30.09
CA SER A 264 27.25 -1.07 28.73
C SER A 264 25.83 -0.54 28.52
N SER A 265 25.26 0.00 29.59
N SER A 265 25.28 0.10 29.55
CA SER A 265 23.99 0.71 29.46
CA SER A 265 23.86 0.46 29.58
C SER A 265 24.25 1.89 28.54
C SER A 265 23.47 1.48 28.52
N GLY A 266 23.27 2.23 27.72
N GLY A 266 24.47 2.21 28.03
CA GLY A 266 23.50 3.23 26.71
CA GLY A 266 24.25 3.26 27.03
C GLY A 266 24.12 2.73 25.42
C GLY A 266 24.37 2.79 25.60
N VAL A 267 24.63 1.50 25.39
CA VAL A 267 25.17 0.98 24.13
C VAL A 267 24.17 0.00 23.56
N THR A 268 23.65 0.30 22.38
CA THR A 268 22.82 -0.64 21.63
C THR A 268 23.08 -0.51 20.10
N GLY A 269 22.81 -1.56 19.34
CA GLY A 269 22.96 -1.52 17.88
C GLY A 269 24.41 -1.47 17.48
N GLU A 270 25.26 -1.79 18.46
CA GLU A 270 26.71 -1.78 18.31
C GLU A 270 27.35 -3.11 17.89
N ASN A 271 28.48 -3.00 17.20
CA ASN A 271 29.25 -4.16 16.77
C ASN A 271 30.67 -4.00 17.34
N ILE A 272 31.00 -4.73 18.40
CA ILE A 272 32.31 -4.52 19.02
C ILE A 272 33.28 -5.56 18.50
N HIS A 273 34.37 -5.12 17.90
CA HIS A 273 35.36 -6.05 17.33
C HIS A 273 36.34 -6.54 18.38
N VAL A 274 36.34 -7.84 18.62
CA VAL A 274 37.32 -8.50 19.47
C VAL A 274 38.25 -9.33 18.59
N ASP A 275 39.21 -8.63 17.96
CA ASP A 275 39.90 -9.17 16.81
C ASP A 275 41.32 -8.62 16.71
N SER A 276 41.81 -8.10 17.83
CA SER A 276 43.18 -7.56 17.91
C SER A 276 43.43 -6.26 17.15
N GLY A 277 42.38 -5.51 16.83
CA GLY A 277 42.49 -4.33 15.96
C GLY A 277 42.43 -4.56 14.45
N PHE A 278 42.18 -5.78 13.99
CA PHE A 278 42.37 -6.11 12.58
C PHE A 278 41.35 -5.44 11.65
N HIS A 279 40.19 -5.15 12.22
CA HIS A 279 39.13 -4.43 11.52
C HIS A 279 39.54 -2.98 11.17
N ALA A 280 40.55 -2.43 11.85
CA ALA A 280 40.83 -1.00 11.75
C ALA A 280 41.91 -0.79 10.71
N ILE A 281 42.54 -1.88 10.29
CA ILE A 281 43.65 -1.73 9.38
C ILE A 281 43.29 -2.24 8.01
N LYS A 282 44.10 -1.88 7.04
CA LYS A 282 43.84 -2.34 5.69
C LYS A 282 45.17 -2.46 4.97
N ASN B 29 28.44 6.99 -24.24
CA ASN B 29 27.93 6.42 -25.53
C ASN B 29 27.94 4.89 -25.64
N LEU B 30 26.74 4.33 -25.61
CA LEU B 30 26.58 2.89 -25.47
C LEU B 30 26.02 2.29 -26.75
N GLU B 31 26.33 2.86 -27.90
CA GLU B 31 25.97 2.21 -29.17
C GLU B 31 26.68 0.87 -29.31
N ASN B 32 25.92 -0.14 -29.70
CA ASN B 32 26.47 -1.50 -29.87
C ASN B 32 26.68 -2.25 -28.54
N LYS B 33 26.34 -1.61 -27.43
CA LYS B 33 26.17 -2.29 -26.14
C LYS B 33 24.76 -2.83 -25.99
N THR B 34 24.62 -3.98 -25.31
CA THR B 34 23.31 -4.54 -24.99
C THR B 34 23.18 -4.71 -23.47
N TYR B 35 22.10 -4.19 -22.89
CA TYR B 35 21.81 -4.36 -21.46
C TYR B 35 20.45 -5.03 -21.13
N VAL B 36 20.43 -5.91 -20.15
CA VAL B 36 19.22 -6.56 -19.66
C VAL B 36 18.71 -5.81 -18.40
N ILE B 37 17.46 -5.33 -18.45
CA ILE B 37 16.87 -4.57 -17.34
C ILE B 37 15.75 -5.37 -16.68
N MET B 38 15.92 -5.68 -15.40
CA MET B 38 14.96 -6.51 -14.66
C MET B 38 14.17 -5.67 -13.66
N GLY B 39 12.83 -5.77 -13.70
CA GLY B 39 12.00 -5.12 -12.68
C GLY B 39 11.30 -3.81 -13.01
N ILE B 40 11.06 -3.55 -14.29
CA ILE B 40 10.06 -2.53 -14.68
C ILE B 40 8.61 -3.00 -14.46
N ALA B 41 7.82 -2.26 -13.68
CA ALA B 41 6.36 -2.53 -13.62
C ALA B 41 5.48 -1.46 -14.30
N ASN B 42 5.89 -0.19 -14.22
CA ASN B 42 5.17 0.88 -14.90
C ASN B 42 6.06 2.10 -15.06
N LYS B 43 5.45 3.23 -15.43
CA LYS B 43 6.23 4.40 -15.84
C LYS B 43 7.05 4.94 -14.66
N ARG B 44 6.66 4.63 -13.42
CA ARG B 44 7.42 5.12 -12.27
C ARG B 44 8.52 4.19 -11.77
N SER B 45 8.65 2.99 -12.33
CA SER B 45 9.71 2.10 -11.88
C SER B 45 11.05 2.81 -12.04
N ILE B 46 11.92 2.71 -11.03
CA ILE B 46 13.33 3.16 -11.15
C ILE B 46 13.96 2.55 -12.39
N ALA B 47 13.69 1.26 -12.60
CA ALA B 47 14.19 0.61 -13.81
C ALA B 47 13.74 1.28 -15.08
N PHE B 48 12.53 1.84 -15.13
CA PHE B 48 12.18 2.59 -16.34
C PHE B 48 13.08 3.85 -16.51
N GLY B 49 13.52 4.43 -15.40
CA GLY B 49 14.40 5.61 -15.50
C GLY B 49 15.78 5.19 -16.01
N VAL B 50 16.23 4.01 -15.60
CA VAL B 50 17.40 3.37 -16.18
C VAL B 50 17.28 3.18 -17.71
N ALA B 51 16.21 2.52 -18.15
CA ALA B 51 15.84 2.37 -19.54
C ALA B 51 15.87 3.67 -20.38
N LYS B 52 15.13 4.70 -19.96
CA LYS B 52 15.11 6.00 -20.66
C LYS B 52 16.53 6.51 -20.85
N VAL B 53 17.36 6.39 -19.81
CA VAL B 53 18.73 6.89 -19.90
C VAL B 53 19.61 6.06 -20.83
N LEU B 54 19.57 4.72 -20.69
CA LEU B 54 20.40 3.86 -21.55
C LEU B 54 19.92 3.86 -23.02
N ASP B 55 18.61 4.03 -23.21
CA ASP B 55 18.06 4.16 -24.55
C ASP B 55 18.51 5.46 -25.23
N GLN B 56 18.39 6.59 -24.51
CA GLN B 56 18.89 7.86 -25.02
C GLN B 56 20.38 7.76 -25.42
N LEU B 57 21.15 6.94 -24.69
CA LEU B 57 22.56 6.75 -25.00
C LEU B 57 22.85 5.76 -26.14
N GLY B 58 21.83 5.18 -26.74
CA GLY B 58 22.07 4.30 -27.88
C GLY B 58 22.17 2.82 -27.53
N ALA B 59 21.84 2.43 -26.29
CA ALA B 59 21.92 1.03 -25.88
C ALA B 59 20.81 0.19 -26.46
N LYS B 60 21.08 -1.09 -26.70
CA LYS B 60 20.05 -2.04 -27.10
C LYS B 60 19.58 -2.61 -25.78
N LEU B 61 18.26 -2.71 -25.63
CA LEU B 61 17.74 -3.07 -24.32
C LEU B 61 16.87 -4.31 -24.38
N VAL B 62 16.99 -5.12 -23.33
CA VAL B 62 16.20 -6.32 -23.14
C VAL B 62 15.58 -6.19 -21.75
N PHE B 63 14.29 -6.50 -21.66
CA PHE B 63 13.53 -6.30 -20.42
C PHE B 63 13.00 -7.62 -19.89
N THR B 64 13.13 -7.84 -18.59
CA THR B 64 12.44 -8.96 -18.00
C THR B 64 11.35 -8.51 -17.02
N TYR B 65 10.34 -9.35 -16.80
CA TYR B 65 9.13 -9.02 -16.03
C TYR B 65 8.62 -10.28 -15.31
N ARG B 66 7.90 -10.09 -14.22
CA ARG B 66 7.18 -11.20 -13.54
C ARG B 66 5.69 -11.32 -13.94
N LYS B 67 4.83 -10.33 -13.66
CA LYS B 67 3.38 -10.41 -13.93
C LYS B 67 3.07 -10.08 -15.40
N GLU B 68 2.11 -10.78 -16.01
CA GLU B 68 1.74 -10.42 -17.38
CA GLU B 68 1.66 -10.44 -17.37
C GLU B 68 1.30 -8.95 -17.48
N ARG B 69 0.80 -8.40 -16.36
CA ARG B 69 0.44 -6.98 -16.28
C ARG B 69 1.66 -6.06 -16.51
N SER B 70 2.84 -6.46 -16.03
CA SER B 70 4.05 -5.68 -16.31
C SER B 70 4.51 -5.81 -17.77
N ARG B 71 4.31 -6.97 -18.40
CA ARG B 71 4.61 -7.09 -19.83
C ARG B 71 3.77 -6.11 -20.66
N LYS B 72 2.49 -5.93 -20.31
CA LYS B 72 1.64 -4.92 -20.94
C LYS B 72 2.07 -3.47 -20.70
N GLU B 73 2.56 -3.12 -19.53
CA GLU B 73 3.15 -1.78 -19.39
C GLU B 73 4.42 -1.63 -20.26
N LEU B 74 5.28 -2.65 -20.25
CA LEU B 74 6.48 -2.65 -21.07
C LEU B 74 6.10 -2.46 -22.55
N GLU B 75 5.12 -3.18 -23.05
CA GLU B 75 4.77 -2.96 -24.47
C GLU B 75 4.35 -1.52 -24.75
N LYS B 76 3.61 -0.91 -23.83
CA LYS B 76 3.24 0.51 -23.91
C LYS B 76 4.40 1.50 -23.67
N LEU B 77 5.23 1.24 -22.66
CA LEU B 77 6.36 2.15 -22.39
C LEU B 77 7.42 2.09 -23.50
N LEU B 78 7.50 0.98 -24.21
CA LEU B 78 8.37 0.88 -25.38
C LEU B 78 8.16 1.93 -26.47
N GLU B 79 6.91 2.32 -26.72
CA GLU B 79 6.63 3.35 -27.71
C GLU B 79 7.39 4.66 -27.44
N GLN B 80 7.50 5.01 -26.17
CA GLN B 80 8.29 6.12 -25.66
C GLN B 80 9.79 6.01 -25.97
N LEU B 81 10.28 4.79 -26.18
CA LEU B 81 11.70 4.55 -26.39
C LEU B 81 12.13 4.54 -27.87
N ASN B 82 13.43 4.56 -28.10
CA ASN B 82 14.04 4.39 -29.40
C ASN B 82 14.20 2.94 -29.83
N GLN B 83 13.98 1.99 -28.92
CA GLN B 83 14.19 0.58 -29.23
C GLN B 83 13.43 0.18 -30.47
N PRO B 84 14.15 -0.25 -31.52
CA PRO B 84 13.47 -0.68 -32.76
C PRO B 84 12.79 -2.04 -32.55
N GLU B 85 13.25 -2.81 -31.58
CA GLU B 85 12.70 -4.13 -31.29
C GLU B 85 12.34 -4.28 -29.82
N ALA B 86 11.21 -4.92 -29.57
CA ALA B 86 10.87 -5.35 -28.22
C ALA B 86 11.51 -6.72 -27.91
N HIS B 87 12.33 -6.79 -26.86
CA HIS B 87 12.90 -8.05 -26.37
C HIS B 87 12.43 -8.26 -24.94
N LEU B 88 11.41 -9.08 -24.74
CA LEU B 88 10.71 -9.15 -23.45
C LEU B 88 10.66 -10.56 -22.90
N TYR B 89 11.00 -10.75 -21.63
CA TYR B 89 11.14 -12.11 -21.12
C TYR B 89 10.57 -12.21 -19.71
N GLN B 90 9.69 -13.18 -19.52
CA GLN B 90 9.12 -13.44 -18.21
C GLN B 90 10.15 -14.20 -17.41
N ILE B 91 10.59 -13.57 -16.32
CA ILE B 91 11.46 -14.22 -15.35
C ILE B 91 10.99 -13.87 -13.94
N ASP B 92 10.32 -14.82 -13.29
CA ASP B 92 10.16 -14.79 -11.84
C ASP B 92 11.46 -15.26 -11.20
N VAL B 93 12.18 -14.37 -10.52
CA VAL B 93 13.44 -14.76 -9.88
C VAL B 93 13.32 -15.72 -8.67
N GLN B 94 12.11 -16.12 -8.27
CA GLN B 94 12.00 -17.24 -7.33
C GLN B 94 12.27 -18.61 -7.95
N SER B 95 12.29 -18.64 -9.29
CA SER B 95 12.42 -19.89 -10.03
C SER B 95 13.79 -19.97 -10.69
N ASP B 96 14.56 -20.97 -10.30
CA ASP B 96 15.86 -21.21 -10.88
C ASP B 96 15.68 -21.38 -12.40
N GLU B 97 14.68 -22.17 -12.79
CA GLU B 97 14.53 -22.55 -14.19
C GLU B 97 14.20 -21.34 -15.02
N GLU B 98 13.38 -20.44 -14.48
CA GLU B 98 13.02 -19.25 -15.21
C GLU B 98 14.21 -18.32 -15.48
N VAL B 99 15.10 -18.18 -14.48
CA VAL B 99 16.30 -17.37 -14.63
C VAL B 99 17.25 -18.05 -15.58
N ILE B 100 17.46 -19.36 -15.37
CA ILE B 100 18.31 -20.13 -16.25
C ILE B 100 17.81 -20.06 -17.69
N ASN B 101 16.54 -20.40 -17.92
CA ASN B 101 16.03 -20.49 -19.30
C ASN B 101 15.86 -19.12 -19.95
N GLY B 102 15.43 -18.14 -19.15
CA GLY B 102 15.33 -16.76 -19.59
C GLY B 102 16.64 -16.24 -20.18
N PHE B 103 17.74 -16.48 -19.48
CA PHE B 103 19.00 -15.86 -19.90
C PHE B 103 19.58 -16.60 -21.10
N GLU B 104 19.40 -17.91 -21.13
CA GLU B 104 19.76 -18.72 -22.27
C GLU B 104 19.03 -18.28 -23.54
N GLN B 105 17.75 -17.94 -23.41
CA GLN B 105 16.98 -17.44 -24.55
C GLN B 105 17.40 -16.02 -24.94
N ILE B 106 17.67 -15.18 -23.95
CA ILE B 106 18.24 -13.87 -24.23
C ILE B 106 19.50 -14.03 -25.09
N GLY B 107 20.39 -14.91 -24.65
CA GLY B 107 21.58 -15.27 -25.41
C GLY B 107 21.33 -15.68 -26.85
N LYS B 108 20.23 -16.40 -27.08
CA LYS B 108 19.98 -16.94 -28.42
C LYS B 108 19.38 -15.89 -29.36
N ASP B 109 18.57 -15.00 -28.78
CA ASP B 109 17.95 -13.87 -29.48
C ASP B 109 18.86 -12.68 -29.76
N VAL B 110 19.69 -12.27 -28.78
CA VAL B 110 20.53 -11.08 -28.98
C VAL B 110 22.04 -11.28 -28.91
N GLY B 111 22.51 -12.45 -28.53
CA GLY B 111 23.96 -12.69 -28.41
C GLY B 111 24.45 -12.28 -27.05
N ASN B 112 25.77 -12.10 -26.90
CA ASN B 112 26.33 -11.65 -25.61
C ASN B 112 25.85 -10.27 -25.14
N ILE B 113 25.78 -10.05 -23.83
CA ILE B 113 25.36 -8.77 -23.31
C ILE B 113 26.51 -8.04 -22.61
N ASP B 114 26.24 -6.81 -22.17
CA ASP B 114 27.26 -5.98 -21.56
C ASP B 114 26.95 -5.73 -20.08
N GLY B 115 25.75 -6.07 -19.63
CA GLY B 115 25.45 -5.86 -18.22
C GLY B 115 23.99 -6.09 -17.87
N VAL B 116 23.67 -5.95 -16.60
CA VAL B 116 22.35 -6.28 -16.06
C VAL B 116 22.07 -5.22 -14.99
N TYR B 117 20.91 -4.58 -15.11
CA TYR B 117 20.40 -3.73 -14.06
C TYR B 117 19.34 -4.59 -13.38
N HIS B 118 19.49 -4.75 -12.07
CA HIS B 118 18.58 -5.54 -11.27
C HIS B 118 17.85 -4.54 -10.36
N SER B 119 16.52 -4.55 -10.39
CA SER B 119 15.72 -3.53 -9.74
C SER B 119 14.50 -4.24 -9.15
N ILE B 120 14.76 -5.19 -8.25
CA ILE B 120 13.77 -6.21 -7.84
C ILE B 120 13.90 -6.48 -6.34
N ALA B 121 12.78 -6.34 -5.63
CA ALA B 121 12.64 -6.70 -4.22
C ALA B 121 11.20 -7.01 -3.92
N PHE B 122 10.98 -7.55 -2.72
CA PHE B 122 9.67 -7.92 -2.22
C PHE B 122 9.76 -8.38 -0.77
N ALA B 123 8.72 -8.08 -0.02
CA ALA B 123 8.52 -8.57 1.33
C ALA B 123 7.00 -8.55 1.44
N ASN B 124 6.43 -9.34 2.34
CA ASN B 124 5.00 -9.20 2.72
C ASN B 124 4.79 -7.95 3.57
N MET B 125 3.68 -7.26 3.26
CA MET B 125 3.11 -6.16 4.04
C MET B 125 2.93 -6.57 5.48
N GLU B 126 2.43 -7.78 5.69
CA GLU B 126 2.15 -8.31 7.02
C GLU B 126 3.43 -8.42 7.85
N ASP B 127 4.58 -8.70 7.25
CA ASP B 127 5.83 -8.60 8.03
C ASP B 127 6.30 -7.15 8.22
N LEU B 128 6.25 -6.39 7.12
CA LEU B 128 6.65 -4.97 7.09
C LEU B 128 5.93 -4.05 8.06
N ARG B 129 4.61 -4.24 8.21
CA ARG B 129 3.77 -3.39 9.07
C ARG B 129 3.57 -3.96 10.46
N GLY B 130 4.57 -4.69 10.94
CA GLY B 130 4.57 -5.16 12.32
C GLY B 130 5.84 -4.62 12.97
N ARG B 131 6.07 -4.97 14.22
CA ARG B 131 7.38 -4.80 14.81
C ARG B 131 8.31 -5.76 14.11
N PHE B 132 9.55 -5.35 13.85
CA PHE B 132 10.53 -6.22 13.21
C PHE B 132 10.75 -7.52 13.98
N SER B 133 10.67 -7.46 15.31
CA SER B 133 10.89 -8.64 16.13
C SER B 133 9.76 -9.66 16.00
N GLU B 134 8.65 -9.24 15.38
CA GLU B 134 7.51 -10.12 15.12
C GLU B 134 7.55 -10.76 13.72
N THR B 135 8.58 -10.45 12.94
CA THR B 135 8.74 -11.03 11.60
C THR B 135 8.61 -12.58 11.59
N SER B 136 7.90 -13.10 10.60
CA SER B 136 7.73 -14.52 10.40
C SER B 136 8.98 -15.06 9.70
N ARG B 137 9.30 -16.33 9.93
CA ARG B 137 10.39 -17.04 9.26
C ARG B 137 10.21 -17.05 7.74
N GLU B 138 9.01 -17.38 7.29
CA GLU B 138 8.74 -17.55 5.87
C GLU B 138 8.78 -16.20 5.16
N GLY B 139 8.30 -15.14 5.83
CA GLY B 139 8.45 -13.77 5.34
C GLY B 139 9.86 -13.21 5.29
N PHE B 140 10.66 -13.48 6.33
CA PHE B 140 12.10 -13.21 6.38
C PHE B 140 12.79 -13.93 5.24
N LEU B 141 12.52 -15.21 5.08
CA LEU B 141 13.20 -15.91 3.98
C LEU B 141 12.69 -15.51 2.59
N LEU B 142 11.40 -15.17 2.46
CA LEU B 142 10.87 -14.63 1.18
C LEU B 142 11.60 -13.37 0.76
N ALA B 143 11.76 -12.47 1.71
CA ALA B 143 12.41 -11.21 1.44
C ALA B 143 13.88 -11.39 1.07
N GLN B 144 14.60 -12.34 1.69
CA GLN B 144 15.97 -12.68 1.26
C GLN B 144 16.03 -13.33 -0.11
N ASP B 145 15.05 -14.20 -0.38
CA ASP B 145 15.03 -14.94 -1.61
C ASP B 145 14.89 -14.01 -2.81
N ILE B 146 13.89 -13.11 -2.78
CA ILE B 146 13.60 -12.27 -3.93
C ILE B 146 14.57 -11.10 -3.96
N SER B 147 14.87 -10.56 -2.78
CA SER B 147 15.58 -9.29 -2.77
C SER B 147 17.09 -9.42 -2.76
N SER B 148 17.62 -10.58 -2.35
CA SER B 148 19.08 -10.76 -2.27
C SER B 148 19.52 -11.90 -3.14
N TYR B 149 19.02 -13.09 -2.83
CA TYR B 149 19.51 -14.27 -3.53
C TYR B 149 19.29 -14.12 -5.02
N SER B 150 18.16 -13.54 -5.43
CA SER B 150 17.96 -13.30 -6.84
C SER B 150 19.18 -12.75 -7.57
N LEU B 151 19.96 -11.86 -6.96
CA LEU B 151 21.15 -11.28 -7.61
C LEU B 151 22.24 -12.30 -7.98
N THR B 152 22.41 -13.28 -7.10
CA THR B 152 23.51 -14.23 -7.17
C THR B 152 23.27 -15.17 -8.34
N ILE B 153 22.02 -15.64 -8.46
CA ILE B 153 21.67 -16.52 -9.56
C ILE B 153 21.60 -15.79 -10.92
N VAL B 154 21.12 -14.55 -10.92
CA VAL B 154 21.17 -13.70 -12.11
C VAL B 154 22.62 -13.46 -12.60
N ALA B 155 23.51 -13.06 -11.69
CA ALA B 155 24.94 -12.94 -11.99
C ALA B 155 25.48 -14.24 -12.59
N HIS B 156 25.16 -15.36 -11.96
CA HIS B 156 25.71 -16.62 -12.45
C HIS B 156 25.30 -16.92 -13.91
N GLU B 157 24.00 -16.73 -14.20
CA GLU B 157 23.48 -17.00 -15.52
C GLU B 157 23.89 -15.91 -16.50
N ALA B 158 23.79 -14.64 -16.07
CA ALA B 158 24.25 -13.53 -16.92
C ALA B 158 25.72 -13.63 -17.34
N LYS B 159 26.56 -14.21 -16.49
CA LYS B 159 27.99 -14.35 -16.78
C LYS B 159 28.32 -15.13 -18.07
N LYS B 160 27.49 -16.12 -18.39
CA LYS B 160 27.66 -16.88 -19.61
C LYS B 160 27.50 -16.04 -20.86
N LEU B 161 26.87 -14.88 -20.69
CA LEU B 161 26.61 -13.95 -21.78
C LEU B 161 27.60 -12.80 -21.80
N MET B 162 28.63 -12.91 -20.96
CA MET B 162 29.60 -11.84 -20.84
C MET B 162 30.99 -12.48 -20.87
N PRO B 163 31.29 -13.17 -21.99
CA PRO B 163 32.53 -13.92 -21.96
C PRO B 163 33.77 -12.98 -21.91
N GLU B 164 33.64 -11.71 -22.29
CA GLU B 164 34.81 -10.82 -22.11
C GLU B 164 34.66 -9.65 -21.13
N GLY B 165 33.61 -9.74 -20.30
CA GLY B 165 33.48 -8.87 -19.15
C GLY B 165 32.14 -8.16 -19.21
N GLY B 166 31.82 -7.45 -18.13
CA GLY B 166 30.65 -6.60 -18.14
C GLY B 166 30.38 -6.02 -16.77
N SER B 167 29.18 -5.48 -16.61
CA SER B 167 28.83 -4.77 -15.37
C SER B 167 27.48 -5.22 -14.82
N ILE B 168 27.37 -5.39 -13.51
CA ILE B 168 26.08 -5.75 -12.94
C ILE B 168 25.72 -4.78 -11.85
N VAL B 169 24.55 -4.16 -11.94
CA VAL B 169 24.19 -3.17 -10.94
C VAL B 169 22.88 -3.60 -10.31
N ALA B 170 22.81 -3.57 -8.99
CA ALA B 170 21.58 -3.84 -8.24
C ALA B 170 21.16 -2.58 -7.49
N THR B 171 19.89 -2.52 -7.04
CA THR B 171 19.35 -1.31 -6.43
C THR B 171 19.08 -1.53 -4.93
N THR B 172 19.56 -0.63 -4.09
CA THR B 172 19.50 -0.82 -2.65
C THR B 172 19.01 0.46 -1.96
N TYR B 173 18.80 0.42 -0.65
CA TYR B 173 18.36 1.64 0.04
C TYR B 173 19.08 1.64 1.39
N LEU B 174 19.34 2.85 1.84
CA LEU B 174 20.02 3.22 3.06
C LEU B 174 19.56 2.38 4.24
N GLY B 175 18.34 1.87 4.15
CA GLY B 175 17.84 1.00 5.22
C GLY B 175 18.62 -0.32 5.31
N GLY B 176 19.42 -0.62 4.28
CA GLY B 176 20.39 -1.74 4.34
C GLY B 176 21.58 -1.47 5.25
N GLU B 177 21.91 -0.21 5.48
CA GLU B 177 23.10 0.12 6.27
C GLU B 177 22.74 0.64 7.65
N PHE B 178 21.51 1.11 7.82
CA PHE B 178 21.05 1.70 9.07
C PHE B 178 19.67 1.18 9.41
N ALA B 179 19.31 1.13 10.69
CA ALA B 179 17.93 0.77 11.01
C ALA B 179 17.04 1.99 10.80
N VAL B 180 16.22 1.92 9.76
CA VAL B 180 15.26 2.97 9.37
C VAL B 180 13.86 2.48 9.76
N GLN B 181 13.09 3.36 10.40
CA GLN B 181 11.71 3.09 10.86
C GLN B 181 10.86 2.51 9.72
N ASN B 182 10.13 1.44 10.01
CA ASN B 182 9.09 0.89 9.14
C ASN B 182 9.63 -0.03 8.05
N TYR B 183 10.94 -0.17 7.94
CA TYR B 183 11.52 -0.83 6.79
C TYR B 183 11.87 -2.26 7.14
N ASN B 184 12.13 -2.50 8.42
CA ASN B 184 12.07 -3.84 9.05
C ASN B 184 12.69 -4.97 8.22
N VAL B 185 11.91 -5.99 7.87
CA VAL B 185 12.46 -7.12 7.18
C VAL B 185 13.17 -6.71 5.87
N MET B 186 12.82 -5.60 5.23
CA MET B 186 13.46 -5.26 3.96
C MET B 186 14.90 -4.67 4.15
N GLY B 187 15.13 -4.05 5.31
CA GLY B 187 16.42 -3.55 5.76
C GLY B 187 17.41 -4.69 5.90
N VAL B 188 17.00 -5.79 6.53
CA VAL B 188 17.87 -6.96 6.59
C VAL B 188 18.11 -7.55 5.20
N ALA B 189 17.13 -7.55 4.28
CA ALA B 189 17.33 -8.11 2.94
C ALA B 189 18.22 -7.22 2.11
N LYS B 190 18.22 -5.92 2.38
CA LYS B 190 19.14 -5.01 1.68
C LYS B 190 20.57 -5.07 2.24
N ALA B 191 20.70 -5.32 3.55
CA ALA B 191 22.04 -5.57 4.11
C ALA B 191 22.69 -6.76 3.42
N SER B 192 21.90 -7.83 3.29
CA SER B 192 22.29 -9.06 2.63
C SER B 192 22.70 -8.80 1.16
N LEU B 193 21.88 -8.03 0.47
CA LEU B 193 22.05 -7.65 -0.93
C LEU B 193 23.34 -6.87 -1.08
N GLU B 194 23.59 -5.91 -0.19
CA GLU B 194 24.85 -5.18 -0.30
C GLU B 194 26.11 -6.07 -0.06
N ALA B 195 26.07 -7.03 0.88
CA ALA B 195 27.18 -8.01 0.98
C ALA B 195 27.24 -8.88 -0.26
N ASN B 196 26.07 -9.23 -0.79
CA ASN B 196 26.04 -10.07 -2.03
C ASN B 196 26.84 -9.38 -3.11
N VAL B 197 26.64 -8.08 -3.26
CA VAL B 197 27.38 -7.31 -4.25
C VAL B 197 28.90 -7.41 -4.05
N LYS B 198 29.36 -7.40 -2.80
CA LYS B 198 30.80 -7.38 -2.53
C LYS B 198 31.37 -8.77 -2.83
N TYR B 199 30.70 -9.79 -2.33
CA TYR B 199 31.12 -11.16 -2.57
C TYR B 199 31.08 -11.49 -4.08
N LEU B 200 30.08 -11.00 -4.79
CA LEU B 200 30.01 -11.20 -6.25
C LEU B 200 31.15 -10.49 -6.97
N ALA B 201 31.45 -9.28 -6.48
CA ALA B 201 32.52 -8.46 -7.01
C ALA B 201 33.87 -9.21 -6.93
N LEU B 202 34.10 -9.77 -5.75
CA LEU B 202 35.31 -10.54 -5.48
C LEU B 202 35.39 -11.83 -6.30
N ASP B 203 34.29 -12.60 -6.39
CA ASP B 203 34.27 -13.83 -7.22
C ASP B 203 34.44 -13.54 -8.72
N LEU B 204 33.75 -12.52 -9.24
CA LEU B 204 33.59 -12.31 -10.68
C LEU B 204 34.59 -11.31 -11.26
N GLY B 205 35.17 -10.51 -10.36
CA GLY B 205 36.37 -9.70 -10.67
C GLY B 205 37.33 -10.30 -11.70
N PRO B 206 37.87 -11.50 -11.45
CA PRO B 206 38.89 -11.99 -12.37
C PRO B 206 38.35 -12.30 -13.75
N ASP B 207 37.03 -12.21 -13.94
CA ASP B 207 36.34 -12.46 -15.22
C ASP B 207 36.01 -11.14 -15.87
N ASN B 208 36.52 -10.08 -15.24
CA ASN B 208 36.25 -8.71 -15.63
C ASN B 208 34.78 -8.31 -15.63
N ILE B 209 34.07 -8.83 -14.64
CA ILE B 209 32.69 -8.48 -14.47
C ILE B 209 32.62 -7.69 -13.19
N ARG B 210 32.11 -6.46 -13.29
CA ARG B 210 32.10 -5.57 -12.15
C ARG B 210 30.76 -5.67 -11.47
N VAL B 211 30.71 -5.46 -10.16
CA VAL B 211 29.42 -5.64 -9.52
C VAL B 211 29.28 -4.50 -8.53
N ASN B 212 28.22 -3.70 -8.71
CA ASN B 212 28.07 -2.49 -7.89
C ASN B 212 26.63 -2.32 -7.49
N ALA B 213 26.38 -1.51 -6.48
CA ALA B 213 25.02 -1.09 -6.08
C ALA B 213 24.80 0.44 -6.16
N ILE B 214 23.56 0.83 -6.43
CA ILE B 214 23.09 2.22 -6.29
C ILE B 214 22.13 2.27 -5.11
N SER B 215 22.45 3.10 -4.13
CA SER B 215 21.58 3.32 -3.01
C SER B 215 20.67 4.52 -3.33
N ALA B 216 19.48 4.23 -3.83
CA ALA B 216 18.58 5.29 -4.17
C ALA B 216 17.87 5.89 -2.93
N GLY B 217 17.67 7.22 -2.97
CA GLY B 217 16.76 7.93 -2.09
C GLY B 217 15.31 7.59 -2.36
N PRO B 218 14.42 7.96 -1.44
CA PRO B 218 13.02 7.60 -1.67
C PRO B 218 12.41 8.24 -2.91
N ILE B 219 11.81 7.40 -3.75
CA ILE B 219 11.12 7.82 -4.95
C ILE B 219 9.69 7.23 -4.97
N ARG B 220 8.67 8.00 -5.34
CA ARG B 220 7.28 7.49 -5.24
C ARG B 220 7.07 6.50 -6.39
N THR B 221 6.95 5.23 -6.06
CA THR B 221 6.71 4.17 -7.05
C THR B 221 5.61 3.27 -6.52
N LEU B 222 5.14 2.33 -7.33
CA LEU B 222 4.20 1.33 -6.84
C LEU B 222 4.65 0.64 -5.53
N SER B 223 5.88 0.16 -5.48
CA SER B 223 6.39 -0.55 -4.31
C SER B 223 6.56 0.33 -3.07
N ALA B 224 6.78 1.62 -3.30
CA ALA B 224 6.86 2.61 -2.21
C ALA B 224 5.66 2.56 -1.26
N LYS B 225 4.50 2.19 -1.80
CA LYS B 225 3.27 2.02 -1.04
C LYS B 225 3.38 1.00 0.10
N GLY B 226 4.46 0.25 0.13
CA GLY B 226 4.60 -0.86 1.06
C GLY B 226 5.53 -0.45 2.19
N VAL B 227 6.02 0.77 2.10
CA VAL B 227 6.78 1.34 3.20
C VAL B 227 5.93 2.30 4.05
N GLY B 228 5.62 1.95 5.29
CA GLY B 228 4.97 2.88 6.23
C GLY B 228 5.63 4.26 6.29
N GLY B 229 4.83 5.31 6.41
CA GLY B 229 5.38 6.64 6.68
C GLY B 229 6.20 7.20 5.53
N PHE B 230 6.11 6.54 4.38
CA PHE B 230 6.85 7.00 3.20
C PHE B 230 6.74 8.50 2.87
N ASN B 231 5.56 9.09 2.94
CA ASN B 231 5.47 10.54 2.76
C ASN B 231 6.37 11.33 3.71
N THR B 232 6.50 10.85 4.95
CA THR B 232 7.33 11.56 5.91
C THR B 232 8.82 11.33 5.67
N ILE B 233 9.19 10.25 4.98
CA ILE B 233 10.55 10.07 4.47
C ILE B 233 10.90 11.05 3.35
N LEU B 234 10.00 11.19 2.38
CA LEU B 234 10.21 12.15 1.30
C LEU B 234 10.50 13.54 1.84
N LYS B 235 9.65 14.01 2.75
CA LYS B 235 9.75 15.37 3.24
C LYS B 235 11.02 15.55 4.09
N GLU B 236 11.54 14.47 4.68
CA GLU B 236 12.69 14.62 5.55
C GLU B 236 13.95 14.82 4.70
N ILE B 237 14.00 14.18 3.54
CA ILE B 237 15.04 14.45 2.57
C ILE B 237 15.10 15.95 2.17
N GLU B 238 13.94 16.51 1.80
CA GLU B 238 13.80 17.87 1.34
C GLU B 238 14.36 18.85 2.38
N GLU B 239 14.15 18.53 3.65
CA GLU B 239 14.53 19.47 4.69
C GLU B 239 15.95 19.22 5.18
N ARG B 240 16.39 17.97 5.18
CA ARG B 240 17.66 17.71 5.80
C ARG B 240 18.81 17.33 4.86
N ALA B 241 18.52 16.72 3.71
CA ALA B 241 19.62 16.31 2.82
C ALA B 241 20.37 17.53 2.25
N PRO B 242 21.67 17.38 1.99
CA PRO B 242 22.45 18.49 1.46
C PRO B 242 21.80 19.18 0.26
N LEU B 243 21.22 18.42 -0.66
CA LEU B 243 20.76 19.08 -1.90
C LEU B 243 19.37 19.60 -1.68
N LYS B 244 18.77 19.23 -0.56
CA LYS B 244 17.50 19.82 -0.12
C LYS B 244 16.34 19.49 -1.07
N ARG B 245 16.45 18.39 -1.79
CA ARG B 245 15.40 18.00 -2.72
C ARG B 245 15.50 16.45 -2.86
N ASN B 246 14.39 15.84 -3.23
CA ASN B 246 14.34 14.41 -3.44
C ASN B 246 14.90 14.15 -4.85
N VAL B 247 15.33 12.93 -5.11
CA VAL B 247 15.85 12.57 -6.43
C VAL B 247 14.73 11.96 -7.26
N ASP B 248 15.05 11.67 -8.52
CA ASP B 248 14.12 10.91 -9.30
C ASP B 248 14.76 9.71 -9.94
N GLN B 249 13.99 9.07 -10.81
CA GLN B 249 14.37 7.79 -11.38
C GLN B 249 15.43 8.03 -12.45
N VAL B 250 15.33 9.15 -13.16
CA VAL B 250 16.31 9.54 -14.20
C VAL B 250 17.72 9.75 -13.58
N GLU B 251 17.77 10.26 -12.33
CA GLU B 251 19.08 10.45 -11.71
C GLU B 251 19.74 9.10 -11.40
N VAL B 252 18.90 8.12 -11.03
CA VAL B 252 19.38 6.79 -10.77
C VAL B 252 19.87 6.23 -12.10
N GLY B 253 19.09 6.43 -13.15
CA GLY B 253 19.49 6.00 -14.50
C GLY B 253 20.83 6.53 -14.99
N LYS B 254 21.09 7.81 -14.76
CA LYS B 254 22.35 8.46 -15.13
C LYS B 254 23.54 7.82 -14.40
N THR B 255 23.41 7.58 -13.09
CA THR B 255 24.47 6.89 -12.36
C THR B 255 24.61 5.43 -12.77
N ALA B 256 23.50 4.80 -13.16
CA ALA B 256 23.52 3.46 -13.73
C ALA B 256 24.24 3.37 -15.11
N ALA B 257 24.07 4.42 -15.91
CA ALA B 257 24.80 4.60 -17.16
C ALA B 257 26.31 4.58 -16.86
N TYR B 258 26.70 5.36 -15.87
CA TYR B 258 28.12 5.45 -15.50
C TYR B 258 28.62 4.06 -15.06
N LEU B 259 27.97 3.50 -14.04
CA LEU B 259 28.33 2.16 -13.56
C LEU B 259 28.33 1.05 -14.60
N LEU B 260 27.45 1.16 -15.58
CA LEU B 260 27.24 0.07 -16.54
C LEU B 260 28.19 0.24 -17.71
N SER B 261 28.85 1.38 -17.78
CA SER B 261 29.69 1.80 -18.88
C SER B 261 31.19 1.72 -18.53
N ASP B 262 32.04 1.73 -19.56
CA ASP B 262 33.49 1.84 -19.36
C ASP B 262 33.97 3.03 -18.51
N LEU B 263 33.11 3.99 -18.21
CA LEU B 263 33.51 5.12 -17.41
C LEU B 263 33.91 4.64 -16.03
N SER B 264 33.34 3.53 -15.58
CA SER B 264 33.52 3.20 -14.18
C SER B 264 34.45 2.01 -14.10
N SER B 265 35.28 1.86 -15.14
CA SER B 265 36.12 0.67 -15.26
C SER B 265 36.93 0.19 -14.03
N GLY B 266 37.42 1.06 -13.17
CA GLY B 266 38.14 0.46 -12.04
C GLY B 266 37.31 0.44 -10.76
N VAL B 267 35.98 0.45 -10.89
CA VAL B 267 35.08 0.57 -9.75
C VAL B 267 34.31 -0.74 -9.59
N THR B 268 34.33 -1.33 -8.40
CA THR B 268 33.63 -2.60 -8.24
C THR B 268 33.46 -2.83 -6.75
N GLY B 269 32.41 -3.56 -6.38
CA GLY B 269 32.09 -3.78 -4.97
C GLY B 269 31.61 -2.49 -4.32
N GLU B 270 31.25 -1.49 -5.13
CA GLU B 270 30.94 -0.17 -4.58
C GLU B 270 29.40 0.09 -4.38
N ASN B 271 29.03 0.90 -3.38
CA ASN B 271 27.65 1.37 -3.19
C ASN B 271 27.57 2.89 -3.41
N ILE B 272 26.97 3.34 -4.51
CA ILE B 272 26.85 4.77 -4.81
C ILE B 272 25.50 5.32 -4.34
N HIS B 273 25.53 6.35 -3.50
CA HIS B 273 24.27 6.88 -2.99
C HIS B 273 23.81 7.96 -3.93
N VAL B 274 22.62 7.73 -4.45
CA VAL B 274 22.04 8.71 -5.33
C VAL B 274 20.84 9.24 -4.57
N ASP B 275 21.12 10.06 -3.58
CA ASP B 275 20.15 10.40 -2.57
C ASP B 275 20.28 11.86 -2.09
N SER B 276 20.84 12.74 -2.93
CA SER B 276 21.01 14.12 -2.50
C SER B 276 21.92 14.32 -1.29
N GLY B 277 22.83 13.38 -1.08
CA GLY B 277 23.76 13.45 0.07
C GLY B 277 23.23 13.06 1.43
N PHE B 278 21.99 12.56 1.49
CA PHE B 278 21.39 12.10 2.75
C PHE B 278 22.21 11.09 3.57
N HIS B 279 22.91 10.19 2.88
CA HIS B 279 23.74 9.19 3.54
C HIS B 279 24.80 9.85 4.40
N ALA B 280 25.09 11.14 4.19
CA ALA B 280 26.34 11.67 4.69
C ALA B 280 26.13 12.54 5.90
N ILE B 281 24.87 12.69 6.26
CA ILE B 281 24.47 13.55 7.34
C ILE B 281 23.80 12.72 8.45
N LYS B 282 23.84 13.27 9.65
CA LYS B 282 23.07 12.77 10.76
C LYS B 282 22.50 14.00 11.48
N ASN C 29 29.22 14.61 -22.72
CA ASN C 29 29.74 15.78 -23.47
C ASN C 29 29.88 17.07 -22.64
N LEU C 30 31.12 17.56 -22.46
CA LEU C 30 31.34 18.73 -21.62
C LEU C 30 31.75 19.96 -22.42
N GLU C 31 31.29 20.05 -23.66
CA GLU C 31 31.48 21.26 -24.47
C GLU C 31 30.83 22.48 -23.82
N ASN C 32 31.53 23.62 -23.88
CA ASN C 32 31.13 24.83 -23.16
C ASN C 32 31.00 24.72 -21.63
N LYS C 33 31.59 23.69 -21.03
CA LYS C 33 31.88 23.65 -19.60
C LYS C 33 33.33 24.07 -19.34
N THR C 34 33.62 24.59 -18.14
CA THR C 34 34.99 24.90 -17.73
C THR C 34 35.33 24.36 -16.34
N TYR C 35 36.48 23.72 -16.22
CA TYR C 35 36.91 23.13 -14.96
C TYR C 35 38.30 23.65 -14.54
N VAL C 36 38.48 23.95 -13.25
CA VAL C 36 39.79 24.25 -12.71
C VAL C 36 40.45 22.96 -12.16
N ILE C 37 41.65 22.63 -12.65
CA ILE C 37 42.35 21.42 -12.23
C ILE C 37 43.60 21.84 -11.46
N MET C 38 43.60 21.53 -10.16
CA MET C 38 44.69 21.86 -9.24
C MET C 38 45.56 20.64 -8.98
N GLY C 39 46.88 20.74 -9.18
CA GLY C 39 47.79 19.68 -8.73
C GLY C 39 48.48 18.83 -9.79
N ILE C 40 48.61 19.36 -11.00
CA ILE C 40 49.45 18.68 -12.00
C ILE C 40 50.92 19.08 -11.82
N ALA C 41 51.77 18.09 -11.59
CA ALA C 41 53.25 18.26 -11.65
C ALA C 41 53.93 17.69 -12.90
N ASN C 42 53.48 16.55 -13.43
CA ASN C 42 54.08 15.95 -14.64
C ASN C 42 53.12 14.98 -15.33
N LYS C 43 53.55 14.30 -16.41
CA LYS C 43 52.71 13.30 -17.09
C LYS C 43 52.08 12.21 -16.18
N ARG C 44 52.67 11.91 -15.03
CA ARG C 44 52.16 10.80 -14.19
C ARG C 44 51.17 11.27 -13.13
N SER C 45 50.95 12.58 -13.04
CA SER C 45 50.04 13.09 -12.05
C SER C 45 48.67 12.53 -12.35
N ILE C 46 47.94 12.16 -11.29
CA ILE C 46 46.54 11.82 -11.34
C ILE C 46 45.74 12.94 -12.00
N ALA C 47 46.05 14.18 -11.65
CA ALA C 47 45.36 15.32 -12.30
C ALA C 47 45.65 15.38 -13.81
N PHE C 48 46.79 14.91 -14.29
CA PHE C 48 46.91 14.88 -15.77
C PHE C 48 45.98 13.80 -16.34
N GLY C 49 45.54 12.86 -15.48
CA GLY C 49 44.60 11.84 -15.89
C GLY C 49 43.24 12.49 -16.04
N VAL C 50 42.89 13.32 -15.06
CA VAL C 50 41.67 14.08 -15.13
C VAL C 50 41.67 14.94 -16.41
N ALA C 51 42.78 15.65 -16.62
CA ALA C 51 42.93 16.60 -17.70
C ALA C 51 42.68 15.98 -19.09
N LYS C 52 43.41 14.93 -19.44
CA LYS C 52 43.20 14.16 -20.65
C LYS C 52 41.76 13.72 -20.83
N VAL C 53 41.09 13.25 -19.77
CA VAL C 53 39.73 12.76 -19.94
C VAL C 53 38.78 13.91 -20.31
N LEU C 54 38.84 15.02 -19.55
CA LEU C 54 37.96 16.18 -19.72
C LEU C 54 38.28 16.91 -21.03
N ASP C 55 39.55 16.94 -21.39
CA ASP C 55 39.94 17.62 -22.60
C ASP C 55 39.34 16.84 -23.75
N GLN C 56 39.34 15.51 -23.63
CA GLN C 56 38.79 14.62 -24.63
C GLN C 56 37.28 14.76 -24.76
N LEU C 57 36.61 15.11 -23.65
CA LEU C 57 35.17 15.32 -23.64
C LEU C 57 34.80 16.75 -24.05
N GLY C 58 35.80 17.55 -24.40
CA GLY C 58 35.56 18.90 -24.89
C GLY C 58 35.49 20.04 -23.89
N ALA C 59 35.88 19.80 -22.64
CA ALA C 59 35.88 20.83 -21.59
C ALA C 59 36.97 21.88 -21.78
N LYS C 60 36.70 23.11 -21.37
CA LYS C 60 37.71 24.14 -21.23
C LYS C 60 38.39 23.96 -19.86
N LEU C 61 39.72 23.91 -19.88
CA LEU C 61 40.56 23.59 -18.72
C LEU C 61 41.45 24.75 -18.30
N VAL C 62 41.47 24.98 -16.99
CA VAL C 62 42.32 25.97 -16.34
C VAL C 62 43.13 25.13 -15.36
N PHE C 63 44.41 25.46 -15.21
CA PHE C 63 45.33 24.66 -14.38
C PHE C 63 46.03 25.53 -13.36
N THR C 64 46.06 25.08 -12.11
CA THR C 64 46.89 25.74 -11.12
C THR C 64 48.08 24.86 -10.68
N TYR C 65 49.20 25.49 -10.31
CA TYR C 65 50.47 24.83 -9.96
C TYR C 65 51.08 25.55 -8.76
N ARG C 66 51.97 24.88 -8.03
CA ARG C 66 52.79 25.56 -7.04
C ARG C 66 54.19 25.95 -7.53
N LYS C 67 54.98 25.00 -8.04
CA LYS C 67 56.37 25.28 -8.35
C LYS C 67 56.51 25.68 -9.83
N GLU C 68 57.31 26.72 -10.08
CA GLU C 68 57.57 27.10 -11.45
CA GLU C 68 57.76 27.12 -11.41
C GLU C 68 57.91 25.89 -12.32
N ARG C 69 58.57 24.87 -11.75
CA ARG C 69 58.92 23.68 -12.55
C ARG C 69 57.67 22.93 -13.00
N SER C 70 56.61 22.99 -12.19
CA SER C 70 55.35 22.35 -12.56
C SER C 70 54.68 23.12 -13.69
N ARG C 71 54.72 24.45 -13.63
CA ARG C 71 54.27 25.29 -14.74
C ARG C 71 54.97 24.91 -16.04
N LYS C 72 56.30 24.75 -16.01
CA LYS C 72 57.01 24.41 -17.24
C LYS C 72 56.51 23.08 -17.82
N GLU C 73 56.28 22.13 -16.93
CA GLU C 73 55.76 20.82 -17.31
C GLU C 73 54.32 20.93 -17.88
N LEU C 74 53.48 21.75 -17.25
CA LEU C 74 52.18 22.05 -17.82
C LEU C 74 52.30 22.61 -19.25
N GLU C 75 53.20 23.56 -19.48
CA GLU C 75 53.34 24.08 -20.83
C GLU C 75 53.65 23.00 -21.87
N LYS C 76 54.51 22.05 -21.55
CA LYS C 76 54.78 20.92 -22.45
C LYS C 76 53.60 19.95 -22.59
N LEU C 77 53.01 19.56 -21.47
CA LEU C 77 51.83 18.67 -21.44
C LEU C 77 50.63 19.22 -22.23
N LEU C 78 50.41 20.54 -22.17
CA LEU C 78 49.38 21.20 -23.00
C LEU C 78 49.45 20.89 -24.51
N GLU C 79 50.63 20.61 -25.05
CA GLU C 79 50.81 20.23 -26.46
C GLU C 79 50.04 18.97 -26.88
N GLN C 80 49.88 18.06 -25.91
CA GLN C 80 49.19 16.79 -26.07
C GLN C 80 47.67 16.97 -26.04
N LEU C 81 47.23 18.06 -25.40
CA LEU C 81 45.82 18.37 -25.22
C LEU C 81 45.15 19.09 -26.39
N ASN C 82 43.82 19.11 -26.38
CA ASN C 82 43.05 19.81 -27.39
C ASN C 82 42.85 21.29 -27.07
N GLN C 83 43.20 21.70 -25.86
CA GLN C 83 43.05 23.09 -25.41
C GLN C 83 43.69 24.11 -26.34
N PRO C 84 42.88 25.04 -26.85
CA PRO C 84 43.43 26.05 -27.77
C PRO C 84 44.19 27.16 -27.05
N GLU C 85 44.04 27.29 -25.74
CA GLU C 85 44.94 28.18 -25.01
C GLU C 85 45.21 27.76 -23.58
N ALA C 86 46.39 28.18 -23.15
CA ALA C 86 46.94 27.90 -21.84
C ALA C 86 46.36 28.88 -20.83
N HIS C 87 45.61 28.35 -19.87
CA HIS C 87 45.20 29.14 -18.71
C HIS C 87 45.86 28.61 -17.42
N LEU C 88 47.02 29.14 -17.07
CA LEU C 88 47.84 28.62 -15.97
C LEU C 88 47.93 29.59 -14.80
N TYR C 89 47.66 29.13 -13.59
CA TYR C 89 47.80 30.05 -12.46
C TYR C 89 48.58 29.44 -11.31
N GLN C 90 49.41 30.27 -10.69
CA GLN C 90 50.21 29.83 -9.58
C GLN C 90 49.36 29.95 -8.34
N ILE C 91 49.02 28.83 -7.71
CA ILE C 91 48.35 28.88 -6.43
C ILE C 91 49.00 27.89 -5.46
N ASP C 92 49.83 28.43 -4.55
CA ASP C 92 50.16 27.71 -3.33
C ASP C 92 49.03 27.78 -2.30
N VAL C 93 48.42 26.64 -2.01
CA VAL C 93 47.18 26.60 -1.20
C VAL C 93 47.49 26.82 0.29
N GLN C 94 48.78 26.90 0.62
CA GLN C 94 49.14 27.35 1.94
C GLN C 94 48.89 28.86 2.14
N SER C 95 48.64 29.58 1.05
CA SER C 95 48.51 31.05 1.10
C SER C 95 47.08 31.50 0.80
N ASP C 96 46.39 32.06 1.80
CA ASP C 96 45.06 32.60 1.59
C ASP C 96 45.03 33.52 0.38
N GLU C 97 45.93 34.49 0.38
CA GLU C 97 45.93 35.46 -0.72
CA GLU C 97 46.12 35.46 -0.71
C GLU C 97 46.19 34.79 -2.07
N GLU C 98 47.00 33.75 -2.15
CA GLU C 98 47.19 33.13 -3.46
C GLU C 98 45.94 32.36 -3.97
N VAL C 99 45.22 31.71 -3.06
CA VAL C 99 43.93 31.11 -3.40
C VAL C 99 42.92 32.19 -3.81
N ILE C 100 42.79 33.21 -2.96
CA ILE C 100 41.82 34.28 -3.17
C ILE C 100 42.05 34.99 -4.52
N ASN C 101 43.30 35.34 -4.79
CA ASN C 101 43.65 36.13 -5.97
C ASN C 101 43.67 35.27 -7.23
N GLY C 102 44.12 34.02 -7.10
CA GLY C 102 44.14 33.08 -8.22
C GLY C 102 42.77 32.83 -8.83
N PHE C 103 41.80 32.53 -7.98
CA PHE C 103 40.45 32.30 -8.44
C PHE C 103 39.78 33.56 -8.97
N GLU C 104 39.98 34.68 -8.28
CA GLU C 104 39.44 35.96 -8.76
C GLU C 104 39.93 36.24 -10.17
N GLN C 105 41.24 36.12 -10.35
CA GLN C 105 41.85 36.27 -11.66
C GLN C 105 41.32 35.25 -12.67
N ILE C 106 40.97 34.05 -12.21
CA ILE C 106 40.42 33.02 -13.10
C ILE C 106 39.05 33.44 -13.62
N GLY C 107 38.24 33.96 -12.72
CA GLY C 107 36.92 34.48 -13.10
C GLY C 107 37.01 35.57 -14.15
N LYS C 108 37.94 36.51 -13.99
CA LYS C 108 38.09 37.62 -14.92
C LYS C 108 38.57 37.16 -16.29
N ASP C 109 39.41 36.13 -16.29
CA ASP C 109 39.99 35.58 -17.51
C ASP C 109 39.07 34.64 -18.32
N VAL C 110 38.40 33.72 -17.65
CA VAL C 110 37.50 32.78 -18.34
C VAL C 110 36.01 32.87 -17.92
N GLY C 111 35.69 33.68 -16.92
CA GLY C 111 34.30 33.76 -16.44
C GLY C 111 33.90 32.71 -15.42
N ASN C 112 32.61 32.39 -15.33
CA ASN C 112 32.10 31.35 -14.42
C ASN C 112 32.59 29.94 -14.74
N ILE C 113 32.81 29.14 -13.70
CA ILE C 113 33.29 27.80 -13.93
C ILE C 113 32.22 26.76 -13.58
N ASP C 114 32.50 25.51 -13.96
CA ASP C 114 31.59 24.40 -13.67
C ASP C 114 32.07 23.47 -12.54
N GLY C 115 33.37 23.48 -12.26
CA GLY C 115 33.82 22.85 -11.03
C GLY C 115 35.32 22.86 -10.90
N VAL C 116 35.82 22.13 -9.90
CA VAL C 116 37.23 22.12 -9.54
C VAL C 116 37.59 20.65 -9.29
N TYR C 117 38.74 20.24 -9.79
CA TYR C 117 39.32 18.96 -9.39
C TYR C 117 40.52 19.25 -8.51
N HIS C 118 40.43 18.89 -7.24
CA HIS C 118 41.49 19.11 -6.28
C HIS C 118 42.33 17.83 -6.18
N SER C 119 43.62 17.92 -6.51
CA SER C 119 44.51 16.77 -6.46
C SER C 119 45.83 17.15 -5.77
N ILE C 120 45.73 17.51 -4.49
CA ILE C 120 46.85 18.16 -3.77
C ILE C 120 47.00 17.60 -2.35
N ALA C 121 48.21 17.20 -1.97
CA ALA C 121 48.50 16.76 -0.59
C ALA C 121 49.98 16.96 -0.32
N PHE C 122 50.36 17.02 0.96
CA PHE C 122 51.77 17.08 1.31
C PHE C 122 51.95 16.69 2.79
N ALA C 123 53.09 16.11 3.12
CA ALA C 123 53.54 15.94 4.49
C ALA C 123 55.05 15.80 4.29
N ASN C 124 55.80 16.00 5.37
CA ASN C 124 57.24 15.75 5.41
C ASN C 124 57.55 14.26 5.41
N MET C 125 58.61 13.88 4.71
CA MET C 125 59.04 12.49 4.77
C MET C 125 59.58 12.09 6.12
N GLU C 126 60.04 13.06 6.91
CA GLU C 126 60.58 12.76 8.23
C GLU C 126 59.49 12.47 9.27
N ASP C 127 58.28 12.95 9.05
CA ASP C 127 57.14 12.47 9.83
C ASP C 127 56.59 11.15 9.23
N LEU C 128 56.51 11.09 7.90
CA LEU C 128 56.07 9.86 7.21
C LEU C 128 56.95 8.63 7.41
N ARG C 129 58.27 8.79 7.50
CA ARG C 129 59.21 7.65 7.63
C ARG C 129 59.68 7.43 9.06
N GLY C 130 58.74 7.22 9.97
CA GLY C 130 59.01 6.99 11.40
C GLY C 130 57.69 6.57 12.01
N ARG C 131 57.65 6.14 13.27
CA ARG C 131 56.42 5.75 13.94
C ARG C 131 55.41 6.86 13.84
N PHE C 132 54.11 6.53 13.68
CA PHE C 132 53.08 7.57 13.78
C PHE C 132 53.13 8.38 15.08
N SER C 133 53.32 7.67 16.19
CA SER C 133 53.29 8.32 17.51
C SER C 133 54.46 9.29 17.72
N GLU C 134 55.38 9.30 16.75
CA GLU C 134 56.52 10.21 16.84
C GLU C 134 56.26 11.49 16.03
N THR C 135 55.11 11.59 15.34
CA THR C 135 54.81 12.76 14.51
C THR C 135 54.96 14.07 15.30
N SER C 136 55.67 15.03 14.71
CA SER C 136 55.77 16.39 15.20
C SER C 136 54.46 17.16 15.02
N ARG C 137 54.21 18.08 15.93
CA ARG C 137 53.06 18.98 15.83
C ARG C 137 53.08 19.69 14.48
N GLU C 138 54.24 20.23 14.12
CA GLU C 138 54.29 21.14 12.99
C GLU C 138 54.10 20.32 11.71
N GLY C 139 54.66 19.12 11.68
CA GLY C 139 54.41 18.17 10.58
C GLY C 139 52.97 17.69 10.41
N PHE C 140 52.27 17.50 11.53
CA PHE C 140 50.90 17.08 11.57
C PHE C 140 50.00 18.18 11.03
N LEU C 141 50.23 19.39 11.50
CA LEU C 141 49.42 20.51 11.02
C LEU C 141 49.76 20.88 9.57
N LEU C 142 51.02 20.68 9.18
CA LEU C 142 51.43 20.97 7.81
C LEU C 142 50.54 20.13 6.88
N ALA C 143 50.38 18.84 7.20
CA ALA C 143 49.73 17.94 6.27
C ALA C 143 48.22 18.20 6.25
N GLN C 144 47.66 18.58 7.41
CA GLN C 144 46.29 19.02 7.49
C GLN C 144 46.04 20.26 6.64
N ASP C 145 47.01 21.16 6.68
CA ASP C 145 46.86 22.46 6.05
C ASP C 145 46.87 22.29 4.52
N ILE C 146 47.84 21.57 4.00
CA ILE C 146 47.92 21.47 2.55
C ILE C 146 46.90 20.48 2.04
N SER C 147 46.71 19.39 2.78
CA SER C 147 45.99 18.23 2.23
C SER C 147 44.49 18.18 2.49
N SER C 148 44.03 18.87 3.56
CA SER C 148 42.61 18.98 3.91
C SER C 148 42.07 20.42 3.84
N TYR C 149 42.63 21.33 4.64
CA TYR C 149 42.09 22.70 4.70
C TYR C 149 42.09 23.38 3.35
N SER C 150 43.09 23.10 2.51
CA SER C 150 43.10 23.70 1.20
C SER C 150 41.77 23.48 0.45
N LEU C 151 41.10 22.37 0.71
CA LEU C 151 39.83 22.10 0.04
C LEU C 151 38.73 23.09 0.44
N THR C 152 38.62 23.33 1.74
CA THR C 152 37.70 24.28 2.31
C THR C 152 37.84 25.68 1.73
N ILE C 153 39.06 26.21 1.73
CA ILE C 153 39.26 27.57 1.25
C ILE C 153 39.13 27.62 -0.29
N VAL C 154 39.58 26.59 -1.01
CA VAL C 154 39.32 26.51 -2.45
C VAL C 154 37.82 26.54 -2.78
N ALA C 155 37.03 25.74 -2.07
CA ALA C 155 35.57 25.76 -2.17
C ALA C 155 34.99 27.14 -1.89
N HIS C 156 35.49 27.84 -0.88
CA HIS C 156 34.87 29.14 -0.55
C HIS C 156 35.09 30.14 -1.67
N GLU C 157 36.25 30.08 -2.32
CA GLU C 157 36.65 31.04 -3.34
C GLU C 157 36.10 30.62 -4.68
N ALA C 158 36.01 29.31 -4.88
CA ALA C 158 35.50 28.81 -6.15
C ALA C 158 33.96 28.91 -6.22
N LYS C 159 33.30 28.93 -5.08
CA LYS C 159 31.87 29.16 -5.02
C LYS C 159 31.47 30.47 -5.71
N LYS C 160 32.35 31.47 -5.63
CA LYS C 160 32.10 32.78 -6.25
C LYS C 160 32.00 32.75 -7.78
N LEU C 161 32.58 31.72 -8.41
CA LEU C 161 32.52 31.52 -9.86
C LEU C 161 31.49 30.47 -10.23
N MET C 162 30.64 30.12 -9.28
CA MET C 162 29.63 29.11 -9.56
C MET C 162 28.22 29.56 -9.10
N PRO C 163 27.77 30.74 -9.59
CA PRO C 163 26.51 31.25 -9.09
C PRO C 163 25.37 30.25 -9.37
N GLU C 164 25.57 29.45 -10.41
CA GLU C 164 24.58 28.53 -10.94
C GLU C 164 24.59 27.13 -10.32
N GLY C 165 25.52 26.87 -9.41
CA GLY C 165 25.87 25.51 -9.00
C GLY C 165 27.12 25.00 -9.70
N GLY C 166 27.60 23.85 -9.23
CA GLY C 166 28.69 23.12 -9.87
C GLY C 166 29.16 21.90 -9.09
N SER C 167 30.39 21.49 -9.39
CA SER C 167 30.88 20.23 -8.83
C SER C 167 32.31 20.38 -8.34
N ILE C 168 32.60 19.93 -7.14
CA ILE C 168 33.98 19.95 -6.62
C ILE C 168 34.43 18.55 -6.25
N VAL C 169 35.57 18.11 -6.78
CA VAL C 169 36.03 16.75 -6.49
C VAL C 169 37.44 16.71 -5.88
N ALA C 170 37.57 16.10 -4.70
CA ALA C 170 38.90 15.91 -4.12
C ALA C 170 39.39 14.44 -4.16
N THR C 171 40.70 14.25 -4.01
CA THR C 171 41.31 12.94 -4.20
C THR C 171 41.82 12.41 -2.89
N THR C 172 41.31 11.24 -2.51
CA THR C 172 41.70 10.68 -1.24
C THR C 172 42.25 9.26 -1.40
N TYR C 173 42.51 8.60 -0.30
CA TYR C 173 43.10 7.24 -0.34
C TYR C 173 42.55 6.51 0.90
N LEU C 174 42.46 5.18 0.79
CA LEU C 174 41.84 4.24 1.72
C LEU C 174 42.51 4.37 3.08
N GLY C 175 43.73 4.89 3.05
CA GLY C 175 44.43 5.24 4.27
C GLY C 175 43.72 6.23 5.19
N GLY C 176 42.74 6.96 4.67
CA GLY C 176 41.89 7.88 5.41
C GLY C 176 40.76 7.18 6.14
N GLU C 177 40.40 5.97 5.68
CA GLU C 177 39.37 5.15 6.30
C GLU C 177 39.93 4.06 7.23
N PHE C 178 41.13 3.56 6.91
CA PHE C 178 41.79 2.55 7.74
C PHE C 178 43.23 2.91 8.06
N ALA C 179 43.77 2.34 9.14
CA ALA C 179 45.19 2.49 9.45
C ALA C 179 45.99 1.55 8.55
N VAL C 180 46.60 2.13 7.53
CA VAL C 180 47.49 1.48 6.58
C VAL C 180 48.98 1.76 6.97
N GLN C 181 49.86 0.76 6.92
CA GLN C 181 51.29 0.93 7.20
CA GLN C 181 51.31 0.91 7.17
C GLN C 181 51.94 2.05 6.37
N ASN C 182 52.83 2.83 7.01
CA ASN C 182 53.70 3.80 6.32
C ASN C 182 53.02 5.08 5.88
N TYR C 183 51.70 5.17 6.03
CA TYR C 183 50.96 6.29 5.50
C TYR C 183 50.68 7.31 6.61
N ASN C 184 50.60 6.81 7.83
CA ASN C 184 50.77 7.60 9.06
C ASN C 184 50.07 8.94 9.05
N VAL C 185 50.80 10.04 9.19
CA VAL C 185 50.18 11.36 9.22
C VAL C 185 49.40 11.72 7.92
N MET C 186 49.73 11.18 6.74
CA MET C 186 48.84 11.43 5.61
C MET C 186 47.43 10.78 5.81
N GLY C 187 47.34 9.60 6.41
CA GLY C 187 46.04 8.98 6.62
C GLY C 187 45.12 9.80 7.54
N VAL C 188 45.70 10.41 8.57
CA VAL C 188 44.89 11.28 9.45
C VAL C 188 44.47 12.52 8.64
N ALA C 189 45.30 12.98 7.70
CA ALA C 189 44.92 14.13 6.87
C ALA C 189 43.87 13.77 5.81
N LYS C 190 43.91 12.54 5.32
CA LYS C 190 42.88 12.09 4.38
C LYS C 190 41.56 11.84 5.11
N ALA C 191 41.66 11.54 6.40
CA ALA C 191 40.47 11.35 7.17
C ALA C 191 39.77 12.70 7.39
N SER C 192 40.56 13.70 7.77
CA SER C 192 40.14 15.10 7.83
C SER C 192 39.50 15.54 6.48
N LEU C 193 40.14 15.20 5.38
CA LEU C 193 39.68 15.56 4.03
C LEU C 193 38.33 14.92 3.67
N GLU C 194 38.17 13.63 3.92
CA GLU C 194 36.88 12.99 3.68
C GLU C 194 35.76 13.58 4.57
N ALA C 195 36.08 13.99 5.80
CA ALA C 195 35.04 14.68 6.58
C ALA C 195 34.81 16.09 6.03
N ASN C 196 35.88 16.77 5.63
CA ASN C 196 35.79 18.09 4.93
C ASN C 196 34.81 18.04 3.78
N VAL C 197 34.94 17.01 2.96
CA VAL C 197 34.01 16.80 1.84
C VAL C 197 32.54 16.76 2.30
N LYS C 198 32.27 16.02 3.36
CA LYS C 198 30.89 15.79 3.78
C LYS C 198 30.30 17.11 4.29
N TYR C 199 31.08 17.82 5.09
CA TYR C 199 30.68 19.11 5.64
C TYR C 199 30.51 20.17 4.55
N LEU C 200 31.43 20.18 3.59
CA LEU C 200 31.27 21.08 2.44
C LEU C 200 30.02 20.75 1.64
N ALA C 201 29.74 19.45 1.47
CA ALA C 201 28.52 18.99 0.80
C ALA C 201 27.24 19.49 1.48
N LEU C 202 27.23 19.45 2.81
CA LEU C 202 26.05 19.86 3.55
C LEU C 202 25.93 21.38 3.46
N ASP C 203 27.05 22.07 3.61
CA ASP C 203 27.08 23.55 3.59
C ASP C 203 26.76 24.13 2.20
N LEU C 204 27.25 23.52 1.12
CA LEU C 204 27.08 24.14 -0.19
C LEU C 204 25.98 23.50 -1.05
N GLY C 205 25.38 22.41 -0.55
CA GLY C 205 24.20 21.81 -1.17
C GLY C 205 23.11 22.76 -1.65
N PRO C 206 22.62 23.64 -0.78
CA PRO C 206 21.52 24.54 -1.18
C PRO C 206 21.90 25.55 -2.25
N ASP C 207 23.21 25.64 -2.51
CA ASP C 207 23.76 26.47 -3.58
C ASP C 207 23.89 25.64 -4.82
N ASN C 208 23.41 24.39 -4.76
CA ASN C 208 23.57 23.44 -5.87
C ASN C 208 25.05 23.17 -6.22
N ILE C 209 25.93 23.26 -5.21
CA ILE C 209 27.32 22.83 -5.39
C ILE C 209 27.51 21.46 -4.74
N ARG C 210 27.86 20.48 -5.57
CA ARG C 210 28.07 19.12 -5.09
C ARG C 210 29.53 18.93 -4.69
N VAL C 211 29.78 18.08 -3.69
CA VAL C 211 31.16 17.95 -3.23
C VAL C 211 31.38 16.47 -2.95
N ASN C 212 32.38 15.90 -3.61
CA ASN C 212 32.62 14.47 -3.56
C ASN C 212 34.10 14.18 -3.48
N ALA C 213 34.47 12.94 -3.17
CA ALA C 213 35.85 12.47 -3.17
C ALA C 213 35.99 11.25 -4.12
N ILE C 214 37.14 11.16 -4.79
CA ILE C 214 37.56 9.89 -5.42
C ILE C 214 38.66 9.23 -4.56
N SER C 215 38.45 7.98 -4.16
CA SER C 215 39.46 7.21 -3.44
C SER C 215 40.26 6.42 -4.47
N ALA C 216 41.44 6.90 -4.81
CA ALA C 216 42.20 6.25 -5.86
C ALA C 216 43.02 5.12 -5.22
N GLY C 217 43.18 4.03 -5.96
CA GLY C 217 44.11 2.95 -5.67
C GLY C 217 45.53 3.46 -5.89
N PRO C 218 46.54 2.66 -5.49
CA PRO C 218 47.91 3.19 -5.65
C PRO C 218 48.33 3.31 -7.13
N ILE C 219 48.87 4.47 -7.47
CA ILE C 219 49.36 4.78 -8.80
C ILE C 219 50.81 5.33 -8.79
N ARG C 220 51.71 4.84 -9.63
CA ARG C 220 53.09 5.37 -9.61
C ARG C 220 53.05 6.85 -9.98
N THR C 221 53.22 7.74 -8.99
CA THR C 221 53.43 9.17 -9.27
C THR C 221 54.70 9.67 -8.56
N LEU C 222 55.08 10.93 -8.77
CA LEU C 222 56.16 11.57 -7.99
C LEU C 222 55.91 11.50 -6.49
N SER C 223 54.71 11.85 -6.04
CA SER C 223 54.42 11.85 -4.59
C SER C 223 54.35 10.45 -3.93
N ALA C 224 54.26 9.43 -4.77
CA ALA C 224 54.14 8.02 -4.36
C ALA C 224 55.45 7.60 -3.69
N LYS C 225 56.51 8.19 -4.24
CA LYS C 225 57.86 8.14 -3.71
C LYS C 225 57.94 8.46 -2.22
N GLY C 226 56.95 9.20 -1.71
CA GLY C 226 56.95 9.56 -0.29
C GLY C 226 56.31 8.50 0.59
N VAL C 227 55.75 7.48 -0.06
CA VAL C 227 55.08 6.44 0.70
C VAL C 227 55.99 5.20 0.85
N GLY C 228 56.55 4.99 2.03
CA GLY C 228 57.24 3.72 2.31
C GLY C 228 56.48 2.52 1.77
N GLY C 229 57.23 1.56 1.25
CA GLY C 229 56.69 0.27 0.82
C GLY C 229 55.70 0.34 -0.32
N PHE C 230 55.67 1.45 -1.05
CA PHE C 230 54.80 1.60 -2.23
C PHE C 230 54.74 0.41 -3.21
N ASN C 231 55.90 -0.12 -3.59
CA ASN C 231 55.92 -1.35 -4.38
C ASN C 231 55.18 -2.53 -3.73
N THR C 232 55.16 -2.61 -2.40
CA THR C 232 54.48 -3.74 -1.80
C THR C 232 52.95 -3.53 -1.76
N ILE C 233 52.50 -2.27 -1.78
CA ILE C 233 51.11 -1.90 -1.96
C ILE C 233 50.59 -2.20 -3.37
N LEU C 234 51.30 -1.77 -4.39
CA LEU C 234 50.94 -2.12 -5.76
C LEU C 234 50.69 -3.60 -5.96
N LYS C 235 51.62 -4.44 -5.48
CA LYS C 235 51.55 -5.86 -5.75
C LYS C 235 50.42 -6.48 -4.92
N GLU C 236 50.11 -5.94 -3.75
CA GLU C 236 49.01 -6.52 -2.96
C GLU C 236 47.65 -6.31 -3.68
N ILE C 237 47.44 -5.14 -4.29
CA ILE C 237 46.28 -4.91 -5.15
C ILE C 237 46.12 -5.98 -6.22
N GLU C 238 47.21 -6.23 -6.95
CA GLU C 238 47.20 -7.22 -8.01
C GLU C 238 46.83 -8.59 -7.50
N GLU C 239 47.40 -9.00 -6.37
CA GLU C 239 47.10 -10.31 -5.83
C GLU C 239 45.71 -10.39 -5.20
N ARG C 240 45.24 -9.33 -4.56
CA ARG C 240 44.07 -9.47 -3.69
C ARG C 240 42.82 -8.70 -4.13
N ALA C 241 42.95 -7.54 -4.78
CA ALA C 241 41.74 -6.79 -5.18
C ALA C 241 40.92 -7.60 -6.20
N PRO C 242 39.59 -7.47 -6.09
CA PRO C 242 38.65 -8.18 -6.93
C PRO C 242 39.11 -8.16 -8.39
N LEU C 243 39.59 -7.03 -8.90
CA LEU C 243 39.87 -7.02 -10.34
C LEU C 243 41.26 -7.55 -10.62
N LYS C 244 42.05 -7.80 -9.58
CA LYS C 244 43.38 -8.41 -9.73
C LYS C 244 44.29 -7.60 -10.64
N ARG C 245 44.16 -6.28 -10.59
CA ARG C 245 45.05 -5.41 -11.38
C ARG C 245 45.05 -4.05 -10.68
N ASN C 246 46.10 -3.27 -10.95
CA ASN C 246 46.16 -1.91 -10.51
C ASN C 246 45.39 -1.00 -11.49
N VAL C 247 45.07 0.20 -11.03
CA VAL C 247 44.29 1.13 -11.83
C VAL C 247 45.25 2.17 -12.38
N ASP C 248 44.75 3.08 -13.21
CA ASP C 248 45.60 4.17 -13.63
C ASP C 248 44.88 5.49 -13.53
N GLN C 249 45.61 6.53 -13.94
CA GLN C 249 45.22 7.92 -13.75
C GLN C 249 44.03 8.24 -14.66
N VAL C 250 43.96 7.65 -15.86
CA VAL C 250 42.80 7.75 -16.77
C VAL C 250 41.48 7.18 -16.18
N GLU C 251 41.55 6.11 -15.38
CA GLU C 251 40.36 5.59 -14.72
C GLU C 251 39.82 6.56 -13.68
N VAL C 252 40.75 7.24 -13.00
CA VAL C 252 40.39 8.30 -12.08
C VAL C 252 39.72 9.43 -12.81
N GLY C 253 40.37 9.91 -13.88
CA GLY C 253 39.77 10.87 -14.79
C GLY C 253 38.38 10.49 -15.26
N LYS C 254 38.22 9.23 -15.69
CA LYS C 254 36.90 8.79 -16.13
C LYS C 254 35.82 8.95 -15.03
N THR C 255 36.09 8.54 -13.79
CA THR C 255 35.14 8.79 -12.67
C THR C 255 35.04 10.26 -12.28
N ALA C 256 36.13 10.99 -12.45
CA ALA C 256 36.08 12.44 -12.28
C ALA C 256 35.14 13.11 -13.30
N ALA C 257 35.13 12.65 -14.55
CA ALA C 257 34.17 13.15 -15.54
C ALA C 257 32.74 12.93 -15.07
N TYR C 258 32.50 11.80 -14.42
CA TYR C 258 31.17 11.47 -13.96
C TYR C 258 30.78 12.40 -12.80
N LEU C 259 31.65 12.52 -11.79
CA LEU C 259 31.37 13.40 -10.65
C LEU C 259 31.18 14.88 -11.01
N LEU C 260 31.86 15.32 -12.07
CA LEU C 260 31.95 16.73 -12.42
C LEU C 260 30.87 17.09 -13.42
N SER C 261 30.19 16.09 -13.95
CA SER C 261 29.17 16.28 -14.98
C SER C 261 27.79 16.02 -14.39
N ASP C 262 26.78 16.35 -15.18
CA ASP C 262 25.38 16.19 -14.81
C ASP C 262 24.96 14.73 -14.66
N LEU C 263 25.79 13.77 -15.07
CA LEU C 263 25.51 12.36 -14.77
C LEU C 263 25.39 12.04 -13.29
N SER C 264 26.08 12.77 -12.41
CA SER C 264 26.08 12.45 -10.97
C SER C 264 25.25 13.47 -10.21
N SER C 265 24.26 14.04 -10.88
CA SER C 265 23.37 14.97 -10.20
C SER C 265 22.65 14.09 -9.18
N GLY C 266 22.31 14.59 -8.00
CA GLY C 266 21.83 13.63 -7.01
C GLY C 266 22.88 12.98 -6.11
N VAL C 267 24.14 13.01 -6.54
CA VAL C 267 25.26 12.43 -5.82
C VAL C 267 26.10 13.54 -5.18
N THR C 268 26.16 13.55 -3.85
CA THR C 268 27.01 14.55 -3.17
C THR C 268 27.40 14.04 -1.80
N GLY C 269 28.55 14.44 -1.28
CA GLY C 269 29.06 13.93 -0.01
C GLY C 269 29.57 12.49 -0.09
N GLU C 270 29.87 12.01 -1.28
CA GLU C 270 30.11 10.61 -1.44
C GLU C 270 31.63 10.42 -1.72
N ASN C 271 32.14 9.18 -1.54
CA ASN C 271 33.53 8.77 -1.80
C ASN C 271 33.49 7.56 -2.77
N ILE C 272 33.88 7.75 -4.03
CA ILE C 272 33.95 6.63 -4.96
C ILE C 272 35.36 6.02 -4.97
N HIS C 273 35.44 4.73 -4.69
CA HIS C 273 36.72 4.08 -4.62
C HIS C 273 37.02 3.63 -6.06
N VAL C 274 38.07 4.21 -6.66
CA VAL C 274 38.48 3.79 -8.00
C VAL C 274 39.73 2.93 -7.77
N ASP C 275 39.52 1.69 -7.35
CA ASP C 275 40.65 1.01 -6.76
C ASP C 275 40.52 -0.47 -7.02
N SER C 276 39.84 -0.82 -8.11
CA SER C 276 39.83 -2.21 -8.51
C SER C 276 39.13 -3.13 -7.52
N GLY C 277 38.42 -2.57 -6.55
CA GLY C 277 37.58 -3.34 -5.62
C GLY C 277 38.16 -3.43 -4.21
N PHE C 278 39.41 -3.01 -4.10
CA PHE C 278 40.21 -3.29 -2.93
C PHE C 278 39.50 -2.91 -1.62
N HIS C 279 38.70 -1.82 -1.63
CA HIS C 279 38.12 -1.30 -0.37
C HIS C 279 37.09 -2.28 0.19
N ALA C 280 36.61 -3.19 -0.67
CA ALA C 280 35.47 -4.04 -0.31
C ALA C 280 35.86 -5.40 0.27
N ILE C 281 37.16 -5.71 0.24
CA ILE C 281 37.66 -6.99 0.65
C ILE C 281 38.52 -6.81 1.92
N LYS C 282 38.58 -7.87 2.72
CA LYS C 282 39.58 -8.10 3.76
C LYS C 282 40.20 -9.51 3.68
N ASN D 29 37.39 -4.67 38.67
CA ASN D 29 38.05 -4.11 39.87
C ASN D 29 39.43 -3.55 39.54
N LEU D 30 39.63 -2.30 39.90
CA LEU D 30 40.76 -1.53 39.37
C LEU D 30 41.75 -1.13 40.48
N GLU D 31 41.82 -1.94 41.53
CA GLU D 31 42.76 -1.68 42.61
C GLU D 31 44.15 -1.92 42.06
N ASN D 32 45.10 -1.11 42.49
CA ASN D 32 46.47 -1.21 41.97
C ASN D 32 46.60 -0.87 40.49
N LYS D 33 45.58 -0.20 39.96
CA LYS D 33 45.68 0.48 38.69
C LYS D 33 45.84 1.98 38.88
N THR D 34 46.55 2.62 37.96
CA THR D 34 46.66 4.08 37.96
C THR D 34 46.35 4.65 36.59
N TYR D 35 45.44 5.62 36.53
CA TYR D 35 44.99 6.15 35.26
C TYR D 35 45.11 7.67 35.30
N VAL D 36 45.58 8.26 34.22
CA VAL D 36 45.57 9.72 34.10
C VAL D 36 44.31 10.17 33.38
N ILE D 37 43.69 11.21 33.91
CA ILE D 37 42.43 11.65 33.35
C ILE D 37 42.62 13.10 32.93
N MET D 38 42.36 13.40 31.66
CA MET D 38 42.62 14.74 31.16
C MET D 38 41.33 15.42 30.71
N GLY D 39 41.04 16.61 31.23
CA GLY D 39 39.85 17.35 30.82
C GLY D 39 38.71 17.52 31.81
N ILE D 40 38.94 17.38 33.11
CA ILE D 40 37.88 17.80 34.03
C ILE D 40 37.83 19.32 34.11
N ALA D 41 36.66 19.89 33.85
CA ALA D 41 36.46 21.32 34.07
C ALA D 41 35.57 21.58 35.29
N ASN D 42 34.47 20.84 35.41
CA ASN D 42 33.56 21.01 36.55
C ASN D 42 32.75 19.74 36.79
N LYS D 43 31.76 19.80 37.67
CA LYS D 43 31.01 18.58 37.99
C LYS D 43 30.33 17.94 36.78
N ARG D 44 30.21 18.66 35.68
CA ARG D 44 29.44 18.17 34.55
C ARG D 44 30.36 17.57 33.47
N SER D 45 31.68 17.69 33.65
CA SER D 45 32.56 17.15 32.61
C SER D 45 32.38 15.66 32.51
N ILE D 46 32.26 15.21 31.27
CA ILE D 46 32.26 13.80 30.96
C ILE D 46 33.41 13.10 31.70
N ALA D 47 34.54 13.82 31.83
CA ALA D 47 35.72 13.23 32.45
C ALA D 47 35.52 13.07 33.96
N PHE D 48 34.69 13.89 34.59
CA PHE D 48 34.32 13.65 36.01
C PHE D 48 33.35 12.47 36.09
N GLY D 49 32.65 12.18 34.98
CA GLY D 49 31.86 10.97 34.88
C GLY D 49 32.78 9.75 34.96
N VAL D 50 33.78 9.75 34.08
CA VAL D 50 34.79 8.73 34.03
C VAL D 50 35.49 8.57 35.38
N ALA D 51 35.87 9.69 35.99
CA ALA D 51 36.56 9.68 37.27
C ALA D 51 35.74 9.03 38.40
N LYS D 52 34.49 9.43 38.52
CA LYS D 52 33.66 8.84 39.58
C LYS D 52 33.59 7.31 39.43
N VAL D 53 33.52 6.81 38.19
CA VAL D 53 33.38 5.38 37.94
C VAL D 53 34.67 4.65 38.32
N LEU D 54 35.80 5.15 37.84
CA LEU D 54 37.10 4.51 38.10
C LEU D 54 37.47 4.59 39.59
N ASP D 55 37.06 5.68 40.21
CA ASP D 55 37.30 5.88 41.64
C ASP D 55 36.55 4.81 42.47
N GLN D 56 35.24 4.73 42.28
CA GLN D 56 34.44 3.67 42.84
C GLN D 56 35.01 2.26 42.58
N LEU D 57 35.65 2.05 41.43
CA LEU D 57 36.29 0.76 41.15
C LEU D 57 37.69 0.58 41.78
N GLY D 58 38.16 1.55 42.55
CA GLY D 58 39.39 1.42 43.34
C GLY D 58 40.69 1.82 42.65
N ALA D 59 40.58 2.43 41.46
CA ALA D 59 41.75 2.96 40.76
C ALA D 59 42.36 4.15 41.51
N LYS D 60 43.69 4.25 41.54
CA LYS D 60 44.36 5.52 41.81
C LYS D 60 44.29 6.44 40.60
N LEU D 61 43.87 7.69 40.84
CA LEU D 61 43.63 8.63 39.73
C LEU D 61 44.56 9.84 39.76
N VAL D 62 45.05 10.24 38.58
CA VAL D 62 45.81 11.46 38.41
C VAL D 62 45.08 12.38 37.43
N PHE D 63 45.03 13.67 37.75
CA PHE D 63 44.26 14.59 36.92
C PHE D 63 45.12 15.64 36.21
N THR D 64 44.80 15.95 34.95
CA THR D 64 45.39 17.17 34.39
C THR D 64 44.36 18.25 34.08
N TYR D 65 44.75 19.52 34.19
CA TYR D 65 43.85 20.65 33.91
C TYR D 65 44.58 21.72 33.11
N ARG D 66 43.82 22.62 32.49
CA ARG D 66 44.37 23.53 31.50
C ARG D 66 44.93 24.80 32.12
N LYS D 67 44.17 25.44 33.00
CA LYS D 67 44.58 26.78 33.40
C LYS D 67 44.62 26.94 34.91
N GLU D 68 45.68 27.58 35.39
CA GLU D 68 46.02 27.56 36.81
C GLU D 68 44.91 28.23 37.60
N ARG D 69 44.27 29.19 36.96
CA ARG D 69 43.02 29.79 37.43
C ARG D 69 42.00 28.76 37.95
N SER D 70 41.77 27.66 37.22
CA SER D 70 40.70 26.76 37.64
C SER D 70 41.17 25.58 38.50
N ARG D 71 42.41 25.61 38.99
CA ARG D 71 42.87 24.53 39.86
C ARG D 71 42.06 24.48 41.16
N LYS D 72 41.86 25.66 41.77
CA LYS D 72 41.02 25.83 42.97
C LYS D 72 39.67 25.08 42.99
N GLU D 73 38.84 25.30 41.98
CA GLU D 73 37.54 24.62 41.87
CA GLU D 73 37.54 24.61 41.91
C GLU D 73 37.72 23.11 41.71
N LEU D 74 38.76 22.73 40.98
CA LEU D 74 39.04 21.32 40.68
C LEU D 74 39.47 20.52 41.92
N GLU D 75 40.18 21.15 42.85
CA GLU D 75 40.52 20.50 44.12
C GLU D 75 39.29 20.17 44.97
N LYS D 76 38.38 21.15 45.07
CA LYS D 76 37.08 20.99 45.74
C LYS D 76 36.29 19.83 45.16
N LEU D 77 36.12 19.85 43.85
CA LEU D 77 35.44 18.79 43.11
C LEU D 77 35.90 17.38 43.49
N LEU D 78 37.21 17.18 43.62
CA LEU D 78 37.77 15.86 43.89
C LEU D 78 37.72 15.40 45.34
N GLU D 79 37.28 16.27 46.24
CA GLU D 79 36.95 15.86 47.61
C GLU D 79 35.81 14.86 47.64
N GLN D 80 34.92 14.94 46.66
CA GLN D 80 33.85 13.95 46.44
C GLN D 80 34.30 12.52 46.13
N LEU D 81 35.53 12.32 45.65
CA LEU D 81 36.03 10.99 45.35
C LEU D 81 36.61 10.30 46.57
N ASN D 82 37.14 9.10 46.44
CA ASN D 82 37.75 8.47 47.61
C ASN D 82 39.26 8.48 47.51
N GLN D 83 39.78 9.22 46.53
CA GLN D 83 41.21 9.42 46.38
C GLN D 83 41.82 10.03 47.63
N PRO D 84 42.74 9.29 48.30
CA PRO D 84 43.36 9.79 49.52
C PRO D 84 44.31 10.96 49.23
N GLU D 85 44.83 11.03 48.02
CA GLU D 85 45.65 12.17 47.63
C GLU D 85 45.28 12.77 46.27
N ALA D 86 45.32 14.09 46.24
CA ALA D 86 45.17 14.87 45.02
C ALA D 86 46.49 14.87 44.26
N HIS D 87 46.47 14.34 43.04
CA HIS D 87 47.59 14.54 42.13
C HIS D 87 47.10 15.34 40.92
N LEU D 88 47.39 16.63 40.90
CA LEU D 88 46.93 17.53 39.84
C LEU D 88 48.09 18.20 39.10
N TYR D 89 47.97 18.27 37.77
CA TYR D 89 49.02 18.81 36.94
C TYR D 89 48.42 19.75 35.90
N GLN D 90 48.99 20.95 35.79
CA GLN D 90 48.61 21.84 34.69
C GLN D 90 49.28 21.44 33.38
N ILE D 91 48.48 21.01 32.41
CA ILE D 91 48.95 20.69 31.07
C ILE D 91 48.00 21.26 30.05
N ASP D 92 48.43 22.30 29.36
CA ASP D 92 47.70 22.78 28.21
C ASP D 92 48.33 22.08 27.01
N VAL D 93 47.56 21.23 26.33
CA VAL D 93 48.05 20.38 25.22
C VAL D 93 48.46 21.12 23.95
N GLN D 94 48.33 22.44 23.91
CA GLN D 94 48.98 23.18 22.81
C GLN D 94 50.49 23.30 22.99
N SER D 95 51.00 22.97 24.18
CA SER D 95 52.44 22.98 24.44
C SER D 95 53.05 21.57 24.51
N ASP D 96 53.92 21.23 23.58
CA ASP D 96 54.78 20.06 23.74
C ASP D 96 55.44 20.01 25.12
N GLU D 97 56.12 21.09 25.46
CA GLU D 97 56.84 21.20 26.72
C GLU D 97 55.93 20.87 27.89
N GLU D 98 54.70 21.37 27.88
CA GLU D 98 53.77 21.10 28.98
C GLU D 98 53.31 19.63 29.07
N VAL D 99 53.13 18.99 27.91
CA VAL D 99 52.79 17.56 27.92
C VAL D 99 54.00 16.72 28.36
N ILE D 100 55.17 17.05 27.82
CA ILE D 100 56.38 16.27 28.08
C ILE D 100 56.73 16.36 29.56
N ASN D 101 56.84 17.58 30.06
CA ASN D 101 57.18 17.79 31.47
C ASN D 101 56.11 17.25 32.40
N GLY D 102 54.84 17.45 32.03
CA GLY D 102 53.75 17.05 32.91
C GLY D 102 53.72 15.55 33.15
N PHE D 103 53.91 14.80 32.07
CA PHE D 103 53.95 13.34 32.17
C PHE D 103 55.23 12.82 32.83
N GLU D 104 56.32 13.52 32.60
CA GLU D 104 57.57 13.21 33.25
C GLU D 104 57.39 13.36 34.77
N GLN D 105 56.67 14.39 35.20
CA GLN D 105 56.47 14.66 36.63
C GLN D 105 55.56 13.60 37.28
N ILE D 106 54.48 13.26 36.57
CA ILE D 106 53.56 12.18 36.91
C ILE D 106 54.29 10.87 37.21
N GLY D 107 55.17 10.48 36.29
CA GLY D 107 56.04 9.33 36.48
C GLY D 107 56.87 9.39 37.75
N LYS D 108 57.39 10.57 38.10
CA LYS D 108 58.21 10.69 39.29
C LYS D 108 57.36 10.66 40.55
N ASP D 109 56.12 11.09 40.43
CA ASP D 109 55.29 11.29 41.61
C ASP D 109 54.50 10.04 41.94
N VAL D 110 54.13 9.29 40.90
CA VAL D 110 53.23 8.13 41.02
C VAL D 110 53.83 6.83 40.47
N GLY D 111 54.90 6.92 39.69
CA GLY D 111 55.39 5.73 38.99
C GLY D 111 54.61 5.41 37.73
N ASN D 112 54.73 4.17 37.27
CA ASN D 112 54.17 3.69 36.01
C ASN D 112 52.65 3.69 36.00
N ILE D 113 52.05 4.02 34.86
CA ILE D 113 50.60 4.08 34.75
C ILE D 113 50.01 2.95 33.89
N ASP D 114 48.70 2.73 34.07
CA ASP D 114 47.93 1.75 33.31
C ASP D 114 47.10 2.35 32.18
N GLY D 115 46.85 3.66 32.20
CA GLY D 115 46.21 4.29 31.03
C GLY D 115 45.87 5.77 31.12
N VAL D 116 45.36 6.29 30.00
CA VAL D 116 44.95 7.68 29.87
C VAL D 116 43.54 7.79 29.32
N TYR D 117 42.71 8.58 30.00
CA TYR D 117 41.47 9.05 29.42
C TYR D 117 41.66 10.51 28.91
N HIS D 118 41.61 10.66 27.58
CA HIS D 118 41.67 11.97 26.92
C HIS D 118 40.24 12.50 26.72
N SER D 119 39.93 13.66 27.33
CA SER D 119 38.59 14.26 27.22
C SER D 119 38.71 15.74 26.89
N ILE D 120 39.34 16.07 25.78
CA ILE D 120 39.78 17.42 25.47
C ILE D 120 39.52 17.77 24.00
N ALA D 121 38.94 18.94 23.78
CA ALA D 121 38.77 19.45 22.41
C ALA D 121 38.48 20.95 22.47
N PHE D 122 38.69 21.62 21.35
CA PHE D 122 38.47 23.05 21.27
C PHE D 122 38.33 23.49 19.81
N ALA D 123 37.45 24.46 19.56
CA ALA D 123 37.40 25.22 18.31
C ALA D 123 36.92 26.63 18.64
N ASN D 124 37.12 27.61 17.78
CA ASN D 124 36.58 28.96 18.07
C ASN D 124 35.07 28.90 17.90
N MET D 125 34.34 29.39 18.89
CA MET D 125 32.89 29.39 18.82
C MET D 125 32.41 29.99 17.50
N GLU D 126 33.17 30.96 17.02
CA GLU D 126 32.72 31.74 15.89
C GLU D 126 32.88 30.97 14.59
N ASP D 127 33.66 29.90 14.63
CA ASP D 127 33.76 28.99 13.48
C ASP D 127 32.56 28.05 13.46
N LEU D 128 32.21 27.55 14.63
CA LEU D 128 31.12 26.59 14.82
C LEU D 128 29.74 27.06 14.38
N ARG D 129 29.54 28.37 14.29
CA ARG D 129 28.21 28.84 13.90
C ARG D 129 28.25 29.46 12.49
N GLY D 130 27.18 29.21 11.75
CA GLY D 130 27.13 29.62 10.33
C GLY D 130 27.81 28.58 9.45
N ARG D 131 28.75 29.01 8.62
CA ARG D 131 29.04 28.27 7.39
C ARG D 131 30.43 27.64 7.40
N PHE D 132 30.47 26.32 7.23
CA PHE D 132 31.75 25.63 7.31
C PHE D 132 32.72 26.08 6.24
N SER D 133 32.21 26.38 5.04
CA SER D 133 33.03 26.91 3.96
C SER D 133 33.69 28.24 4.31
N GLU D 134 33.24 28.88 5.39
CA GLU D 134 33.82 30.17 5.76
C GLU D 134 34.90 30.02 6.84
N THR D 135 35.12 28.81 7.34
CA THR D 135 36.15 28.58 8.37
C THR D 135 37.51 29.18 7.95
N SER D 136 38.18 29.88 8.88
CA SER D 136 39.54 30.39 8.64
C SER D 136 40.59 29.29 8.82
N ARG D 137 41.74 29.48 8.17
CA ARG D 137 42.84 28.51 8.26
C ARG D 137 43.30 28.35 9.71
N GLU D 138 43.40 29.48 10.41
CA GLU D 138 43.86 29.47 11.81
C GLU D 138 42.87 28.68 12.67
N GLY D 139 41.57 28.85 12.41
CA GLY D 139 40.58 28.24 13.30
C GLY D 139 40.51 26.76 13.03
N PHE D 140 40.71 26.38 11.77
CA PHE D 140 40.73 24.99 11.38
C PHE D 140 41.92 24.31 12.04
N LEU D 141 43.10 24.93 12.00
CA LEU D 141 44.30 24.26 12.47
C LEU D 141 44.32 24.20 13.99
N LEU D 142 43.78 25.23 14.64
CA LEU D 142 43.56 25.21 16.07
C LEU D 142 42.76 23.98 16.55
N ALA D 143 41.61 23.73 15.92
CA ALA D 143 40.77 22.63 16.37
C ALA D 143 41.45 21.26 16.15
N GLN D 144 42.21 21.14 15.06
CA GLN D 144 43.07 19.98 14.80
C GLN D 144 44.12 19.80 15.88
N ASP D 145 44.72 20.92 16.24
CA ASP D 145 45.82 20.95 17.19
C ASP D 145 45.37 20.37 18.53
N ILE D 146 44.27 20.92 19.04
CA ILE D 146 43.89 20.63 20.40
C ILE D 146 43.04 19.36 20.48
N SER D 147 42.27 19.10 19.43
CA SER D 147 41.21 18.08 19.47
C SER D 147 41.68 16.75 18.86
N SER D 148 42.75 16.79 18.06
CA SER D 148 43.25 15.58 17.45
C SER D 148 44.72 15.37 17.79
N TYR D 149 45.57 16.32 17.41
CA TYR D 149 46.99 16.14 17.59
C TYR D 149 47.35 15.92 19.06
N SER D 150 46.72 16.64 19.99
CA SER D 150 47.02 16.39 21.39
C SER D 150 47.04 14.92 21.76
N LEU D 151 46.16 14.10 21.17
CA LEU D 151 46.19 12.66 21.46
C LEU D 151 47.53 12.06 21.10
N THR D 152 48.08 12.45 19.97
CA THR D 152 49.29 11.80 19.49
C THR D 152 50.42 12.08 20.49
N ILE D 153 50.55 13.34 20.90
CA ILE D 153 51.65 13.75 21.76
C ILE D 153 51.44 13.08 23.11
N VAL D 154 50.20 13.01 23.57
CA VAL D 154 49.96 12.44 24.87
C VAL D 154 50.30 10.94 24.88
N ALA D 155 50.10 10.28 23.75
CA ALA D 155 50.29 8.85 23.68
C ALA D 155 51.79 8.58 23.75
N HIS D 156 52.56 9.33 22.96
CA HIS D 156 54.00 9.20 22.94
C HIS D 156 54.54 9.45 24.36
N GLU D 157 54.07 10.50 25.02
CA GLU D 157 54.60 10.78 26.36
C GLU D 157 54.17 9.73 27.38
N ALA D 158 52.91 9.29 27.29
CA ALA D 158 52.34 8.33 28.26
C ALA D 158 52.88 6.93 28.08
N LYS D 159 53.17 6.55 26.83
CA LYS D 159 53.86 5.29 26.53
C LYS D 159 55.13 5.08 27.37
N LYS D 160 55.92 6.13 27.59
CA LYS D 160 57.08 6.01 28.48
C LYS D 160 56.72 5.50 29.88
N LEU D 161 55.48 5.70 30.32
CA LEU D 161 55.08 5.25 31.65
C LEU D 161 54.31 3.91 31.62
N MET D 162 54.23 3.30 30.43
CA MET D 162 53.54 2.03 30.34
C MET D 162 54.45 0.98 29.71
N PRO D 163 55.54 0.62 30.42
CA PRO D 163 56.51 -0.33 29.89
C PRO D 163 55.89 -1.68 29.56
N GLU D 164 54.92 -2.11 30.36
CA GLU D 164 54.27 -3.40 30.19
C GLU D 164 52.94 -3.34 29.43
N GLY D 165 52.62 -2.17 28.88
CA GLY D 165 51.41 -1.99 28.07
C GLY D 165 50.35 -1.26 28.88
N GLY D 166 49.13 -1.13 28.34
CA GLY D 166 48.17 -0.23 28.93
C GLY D 166 47.09 0.20 27.95
N SER D 167 46.30 1.17 28.37
CA SER D 167 45.12 1.50 27.59
C SER D 167 44.88 2.99 27.39
N ILE D 168 44.71 3.43 26.14
CA ILE D 168 44.39 4.85 25.91
C ILE D 168 43.00 5.10 25.32
N VAL D 169 42.23 6.01 25.93
CA VAL D 169 40.86 6.28 25.44
C VAL D 169 40.65 7.77 25.15
N ALA D 170 40.11 8.08 23.96
CA ALA D 170 39.74 9.45 23.58
C ALA D 170 38.22 9.52 23.36
N THR D 171 37.67 10.72 23.53
CA THR D 171 36.24 10.97 23.39
C THR D 171 35.94 11.66 22.06
N THR D 172 35.07 11.03 21.28
CA THR D 172 34.63 11.63 20.06
C THR D 172 33.11 11.82 20.01
N TYR D 173 32.65 12.28 18.85
CA TYR D 173 31.24 12.53 18.61
C TYR D 173 30.86 12.05 17.20
N LEU D 174 29.59 11.68 17.03
CA LEU D 174 29.04 11.24 15.74
C LEU D 174 29.34 12.17 14.57
N GLY D 175 29.45 13.47 14.85
CA GLY D 175 29.96 14.45 13.87
C GLY D 175 31.27 14.15 13.14
N GLY D 176 32.05 13.20 13.65
CA GLY D 176 33.31 12.88 13.02
C GLY D 176 33.09 11.87 11.91
N GLU D 177 31.90 11.28 11.87
CA GLU D 177 31.51 10.20 10.98
C GLU D 177 30.51 10.70 9.97
N PHE D 178 29.66 11.65 10.37
CA PHE D 178 28.68 12.27 9.47
C PHE D 178 28.73 13.79 9.52
N ALA D 179 28.26 14.49 8.50
CA ALA D 179 28.10 15.95 8.65
C ALA D 179 26.84 16.28 9.47
N VAL D 180 27.04 16.89 10.63
CA VAL D 180 25.98 17.21 11.56
C VAL D 180 25.92 18.74 11.57
N GLN D 181 24.73 19.30 11.68
CA GLN D 181 24.58 20.75 11.59
C GLN D 181 25.32 21.45 12.74
N ASN D 182 25.94 22.58 12.44
CA ASN D 182 26.57 23.44 13.45
C ASN D 182 27.85 22.93 14.11
N TYR D 183 28.36 21.81 13.64
CA TYR D 183 29.46 21.19 14.35
C TYR D 183 30.71 21.44 13.54
N ASN D 184 30.55 21.66 12.24
CA ASN D 184 31.52 22.33 11.37
C ASN D 184 32.97 21.87 11.56
N VAL D 185 33.84 22.81 11.93
CA VAL D 185 35.26 22.52 12.05
C VAL D 185 35.53 21.38 13.07
N MET D 186 34.66 21.23 14.06
CA MET D 186 34.89 20.26 15.11
C MET D 186 34.61 18.84 14.61
N GLY D 187 33.56 18.70 13.81
CA GLY D 187 33.34 17.47 13.06
C GLY D 187 34.57 16.97 12.32
N VAL D 188 35.27 17.88 11.64
CA VAL D 188 36.42 17.50 10.81
C VAL D 188 37.58 17.18 11.76
N ALA D 189 37.67 17.86 12.92
CA ALA D 189 38.68 17.51 13.90
C ALA D 189 38.46 16.16 14.60
N LYS D 190 37.21 15.84 14.92
CA LYS D 190 36.80 14.46 15.27
C LYS D 190 37.07 13.41 14.16
N ALA D 191 36.71 13.69 12.92
CA ALA D 191 37.11 12.74 11.86
C ALA D 191 38.57 12.40 12.02
N SER D 192 39.38 13.44 12.15
CA SER D 192 40.84 13.35 12.37
C SER D 192 41.27 12.57 13.62
N LEU D 193 40.65 12.86 14.76
CA LEU D 193 40.87 12.17 16.02
C LEU D 193 40.61 10.66 15.87
N GLU D 194 39.57 10.31 15.10
CA GLU D 194 39.12 8.94 15.05
C GLU D 194 40.14 8.11 14.29
N ALA D 195 40.65 8.67 13.20
CA ALA D 195 41.75 8.05 12.47
C ALA D 195 43.06 8.07 13.27
N ASN D 196 43.34 9.18 13.95
CA ASN D 196 44.45 9.22 14.91
C ASN D 196 44.43 7.96 15.78
N VAL D 197 43.29 7.71 16.43
CA VAL D 197 43.07 6.52 17.23
C VAL D 197 43.46 5.21 16.52
N LYS D 198 43.01 5.06 15.29
CA LYS D 198 43.40 3.90 14.50
C LYS D 198 44.91 3.79 14.19
N TYR D 199 45.54 4.89 13.78
CA TYR D 199 46.98 4.89 13.47
C TYR D 199 47.78 4.66 14.77
N LEU D 200 47.34 5.24 15.88
CA LEU D 200 48.02 4.94 17.14
C LEU D 200 47.91 3.46 17.53
N ALA D 201 46.73 2.87 17.29
CA ALA D 201 46.43 1.50 17.73
C ALA D 201 47.35 0.56 16.97
N LEU D 202 47.54 0.86 15.70
CA LEU D 202 48.47 0.08 14.90
C LEU D 202 49.89 0.32 15.40
N ASP D 203 50.25 1.56 15.67
CA ASP D 203 51.67 1.86 15.98
C ASP D 203 52.06 1.22 17.32
N LEU D 204 51.13 1.30 18.26
CA LEU D 204 51.44 1.05 19.69
C LEU D 204 50.98 -0.35 20.10
N GLY D 205 50.36 -1.05 19.14
CA GLY D 205 49.82 -2.40 19.32
C GLY D 205 50.93 -3.36 19.73
N PRO D 206 52.04 -3.40 18.96
CA PRO D 206 53.13 -4.29 19.35
C PRO D 206 53.67 -3.96 20.74
N ASP D 207 53.44 -2.76 21.26
CA ASP D 207 53.91 -2.47 22.62
C ASP D 207 52.91 -2.87 23.71
N ASN D 208 51.82 -3.53 23.32
CA ASN D 208 50.68 -3.82 24.19
C ASN D 208 49.95 -2.59 24.71
N ILE D 209 49.94 -1.50 23.92
CA ILE D 209 49.13 -0.35 24.28
C ILE D 209 47.91 -0.33 23.39
N ARG D 210 46.73 -0.40 24.01
CA ARG D 210 45.52 -0.32 23.18
C ARG D 210 44.98 1.11 23.19
N VAL D 211 44.36 1.47 22.07
CA VAL D 211 43.90 2.84 21.85
C VAL D 211 42.54 2.72 21.23
N ASN D 212 41.55 3.29 21.91
CA ASN D 212 40.17 3.28 21.41
C ASN D 212 39.54 4.65 21.57
N ALA D 213 38.34 4.80 20.99
CA ALA D 213 37.56 6.02 21.21
C ALA D 213 36.25 5.63 21.90
N ILE D 214 35.69 6.54 22.68
CA ILE D 214 34.26 6.40 22.96
C ILE D 214 33.54 7.51 22.22
N SER D 215 32.49 7.17 21.49
CA SER D 215 31.71 8.23 20.80
C SER D 215 30.47 8.53 21.60
N ALA D 216 30.50 9.60 22.39
CA ALA D 216 29.45 9.88 23.35
C ALA D 216 28.27 10.57 22.64
N GLY D 217 27.06 10.17 23.01
CA GLY D 217 25.86 10.95 22.71
C GLY D 217 25.95 12.35 23.32
N PRO D 218 24.98 13.22 22.98
CA PRO D 218 24.98 14.60 23.52
C PRO D 218 24.70 14.62 25.02
N ILE D 219 25.47 15.40 25.78
CA ILE D 219 25.35 15.54 27.22
C ILE D 219 25.49 17.03 27.64
N ARG D 220 24.69 17.49 28.59
CA ARG D 220 24.85 18.86 29.04
C ARG D 220 26.18 19.09 29.78
N THR D 221 27.07 19.85 29.17
CA THR D 221 28.35 20.24 29.77
C THR D 221 28.71 21.70 29.45
N LEU D 222 29.68 22.26 30.20
CA LEU D 222 30.30 23.53 29.83
C LEU D 222 30.50 23.68 28.32
N SER D 223 31.29 22.79 27.72
CA SER D 223 31.65 22.92 26.31
C SER D 223 30.46 22.75 25.36
N ALA D 224 29.41 22.08 25.83
CA ALA D 224 28.20 21.94 25.04
C ALA D 224 27.47 23.26 24.76
N LYS D 225 27.77 24.31 25.51
CA LYS D 225 27.16 25.62 25.24
C LYS D 225 27.69 26.22 23.94
N GLY D 226 28.80 25.67 23.44
CA GLY D 226 29.44 26.18 22.24
C GLY D 226 28.92 25.53 20.96
N VAL D 227 27.98 24.61 21.13
CA VAL D 227 27.35 23.95 19.99
C VAL D 227 25.94 24.52 19.75
N GLY D 228 25.76 25.25 18.66
CA GLY D 228 24.43 25.72 18.28
C GLY D 228 23.41 24.60 18.18
N GLY D 229 22.19 24.88 18.63
CA GLY D 229 21.05 23.98 18.58
C GLY D 229 21.21 22.72 19.42
N PHE D 230 21.86 22.86 20.57
CA PHE D 230 22.09 21.70 21.43
C PHE D 230 20.80 21.07 21.93
N ASN D 231 19.84 21.90 22.31
CA ASN D 231 18.58 21.37 22.80
C ASN D 231 17.81 20.56 21.74
N THR D 232 18.02 20.89 20.47
CA THR D 232 17.34 20.20 19.38
C THR D 232 18.03 18.84 19.21
N ILE D 233 19.35 18.83 19.37
CA ILE D 233 20.11 17.62 19.48
C ILE D 233 19.57 16.69 20.60
N LEU D 234 19.64 17.14 21.85
CA LEU D 234 19.12 16.34 22.95
C LEU D 234 17.70 15.83 22.67
N LYS D 235 16.83 16.74 22.27
CA LYS D 235 15.46 16.41 21.96
C LYS D 235 15.38 15.23 21.02
N GLU D 236 16.13 15.29 19.94
CA GLU D 236 16.04 14.31 18.88
C GLU D 236 16.50 12.90 19.27
N ILE D 237 17.56 12.79 20.06
CA ILE D 237 17.93 11.50 20.63
C ILE D 237 16.75 10.92 21.41
N GLU D 238 16.11 11.76 22.21
CA GLU D 238 15.00 11.27 23.01
C GLU D 238 13.89 10.72 22.12
N GLU D 239 13.73 11.31 20.95
CA GLU D 239 12.60 11.00 20.09
C GLU D 239 12.89 9.78 19.23
N ARG D 240 14.14 9.65 18.78
CA ARG D 240 14.52 8.79 17.67
C ARG D 240 15.50 7.67 18.04
N ALA D 241 16.44 7.89 18.98
CA ALA D 241 17.36 6.82 19.38
C ALA D 241 16.62 5.58 19.92
N PRO D 242 17.09 4.37 19.56
CA PRO D 242 16.57 3.10 20.10
C PRO D 242 16.13 3.08 21.58
N LEU D 243 16.86 3.76 22.48
CA LEU D 243 16.52 3.70 23.92
C LEU D 243 15.65 4.87 24.31
N LYS D 244 15.41 5.81 23.39
CA LYS D 244 14.44 6.85 23.69
C LYS D 244 14.81 7.67 24.89
N ARG D 245 16.10 7.83 25.17
CA ARG D 245 16.52 8.68 26.27
C ARG D 245 17.93 9.13 25.89
N ASN D 246 18.45 10.12 26.62
CA ASN D 246 19.83 10.53 26.43
C ASN D 246 20.68 9.78 27.43
N VAL D 247 21.99 9.89 27.27
CA VAL D 247 22.92 9.13 28.08
C VAL D 247 23.50 10.12 29.08
N ASP D 248 24.37 9.64 29.96
CA ASP D 248 24.98 10.60 30.87
C ASP D 248 26.46 10.29 31.11
N GLN D 249 27.14 11.15 31.88
CA GLN D 249 28.60 11.08 31.95
C GLN D 249 29.07 9.74 32.59
N VAL D 250 28.37 9.29 33.62
CA VAL D 250 28.57 7.96 34.23
C VAL D 250 28.44 6.80 33.20
N GLU D 251 27.50 6.87 32.25
CA GLU D 251 27.46 5.83 31.21
C GLU D 251 28.70 5.83 30.35
N VAL D 252 29.22 7.01 30.03
CA VAL D 252 30.51 7.09 29.36
C VAL D 252 31.63 6.42 30.17
N GLY D 253 31.67 6.73 31.46
CA GLY D 253 32.74 6.24 32.33
C GLY D 253 32.69 4.75 32.57
N LYS D 254 31.49 4.17 32.49
CA LYS D 254 31.37 2.71 32.62
C LYS D 254 31.95 2.01 31.40
N THR D 255 31.68 2.52 30.20
CA THR D 255 32.38 2.06 29.01
C THR D 255 33.88 2.38 29.05
N ALA D 256 34.25 3.53 29.61
CA ALA D 256 35.66 3.85 29.84
C ALA D 256 36.35 2.79 30.73
N ALA D 257 35.72 2.41 31.84
CA ALA D 257 36.25 1.36 32.71
C ALA D 257 36.49 0.06 31.93
N TYR D 258 35.51 -0.34 31.13
CA TYR D 258 35.67 -1.49 30.25
C TYR D 258 36.90 -1.34 29.35
N LEU D 259 36.92 -0.25 28.58
CA LEU D 259 38.02 0.04 27.65
C LEU D 259 39.38 0.17 28.35
N LEU D 260 39.39 0.60 29.61
CA LEU D 260 40.67 0.83 30.29
C LEU D 260 41.13 -0.40 31.08
N SER D 261 40.25 -1.35 31.28
CA SER D 261 40.56 -2.57 32.05
C SER D 261 40.89 -3.72 31.11
N ASP D 262 41.20 -4.86 31.73
CA ASP D 262 41.52 -6.08 31.03
C ASP D 262 40.27 -6.71 30.40
N LEU D 263 39.08 -6.28 30.81
CA LEU D 263 37.85 -6.76 30.17
C LEU D 263 37.89 -6.57 28.65
N SER D 264 38.58 -5.53 28.21
CA SER D 264 38.59 -5.22 26.77
C SER D 264 39.91 -5.61 26.13
N SER D 265 40.53 -6.65 26.66
N SER D 265 40.60 -6.59 26.70
CA SER D 265 41.92 -6.96 26.33
CA SER D 265 41.79 -7.11 26.06
C SER D 265 42.14 -7.27 24.84
C SER D 265 41.41 -7.66 24.68
N GLY D 266 41.07 -7.59 24.10
N GLY D 266 42.26 -7.39 23.70
CA GLY D 266 41.18 -8.00 22.70
CA GLY D 266 41.92 -7.76 22.34
C GLY D 266 40.84 -6.92 21.68
C GLY D 266 41.13 -6.74 21.53
N VAL D 267 40.61 -5.71 22.18
CA VAL D 267 39.92 -4.65 21.45
C VAL D 267 40.83 -3.44 21.35
N THR D 268 41.14 -3.05 20.13
CA THR D 268 41.93 -1.84 19.86
C THR D 268 41.56 -1.25 18.50
N GLY D 269 41.76 0.05 18.34
CA GLY D 269 41.36 0.72 17.11
C GLY D 269 39.85 0.84 16.99
N GLU D 270 39.15 0.62 18.10
CA GLU D 270 37.69 0.58 18.06
C GLU D 270 37.05 1.92 18.50
N ASN D 271 35.78 2.12 18.14
CA ASN D 271 35.00 3.30 18.50
C ASN D 271 33.65 2.81 19.01
N ILE D 272 33.40 2.92 20.32
CA ILE D 272 32.17 2.38 20.89
C ILE D 272 31.24 3.56 21.06
N HIS D 273 30.02 3.47 20.54
CA HIS D 273 29.05 4.56 20.70
C HIS D 273 28.26 4.41 22.00
N VAL D 274 28.43 5.33 22.93
CA VAL D 274 27.60 5.37 24.15
C VAL D 274 26.60 6.51 23.93
N ASP D 275 25.56 6.18 23.17
CA ASP D 275 24.69 7.14 22.51
C ASP D 275 23.28 6.57 22.34
N SER D 276 22.89 5.61 23.18
CA SER D 276 21.51 5.13 23.19
C SER D 276 21.08 4.52 21.87
N GLY D 277 22.04 4.22 20.99
CA GLY D 277 21.77 3.56 19.73
C GLY D 277 21.69 4.44 18.52
N PHE D 278 21.80 5.75 18.71
CA PHE D 278 21.57 6.72 17.65
C PHE D 278 22.44 6.55 16.41
N HIS D 279 23.68 6.09 16.58
CA HIS D 279 24.54 5.81 15.42
C HIS D 279 23.97 4.74 14.49
N ALA D 280 23.09 3.88 15.00
CA ALA D 280 22.69 2.71 14.23
C ALA D 280 21.45 3.02 13.39
N ILE D 281 20.80 4.14 13.68
CA ILE D 281 19.57 4.49 12.98
C ILE D 281 19.76 5.67 12.01
N LYS D 282 18.73 5.91 11.20
CA LYS D 282 18.76 6.95 10.17
C LYS D 282 17.32 7.31 9.82
N ASN E 29 -37.77 6.66 -38.07
CA ASN E 29 -38.70 7.46 -38.92
C ASN E 29 -40.17 7.34 -38.54
N LEU E 30 -40.72 8.46 -38.08
CA LEU E 30 -42.04 8.51 -37.46
C LEU E 30 -43.10 9.20 -38.32
N GLU E 31 -42.93 9.20 -39.65
CA GLU E 31 -43.96 9.74 -40.52
C GLU E 31 -45.24 8.92 -40.33
N ASN E 32 -46.38 9.61 -40.28
CA ASN E 32 -47.67 8.94 -40.10
C ASN E 32 -47.94 8.44 -38.68
N LYS E 33 -47.02 8.73 -37.76
CA LYS E 33 -47.23 8.63 -36.32
C LYS E 33 -47.68 9.96 -35.70
N THR E 34 -48.50 9.89 -34.66
CA THR E 34 -48.88 11.04 -33.88
C THR E 34 -48.57 10.83 -32.41
N TYR E 35 -48.00 11.85 -31.76
CA TYR E 35 -47.67 11.76 -30.36
C TYR E 35 -48.21 12.98 -29.61
N VAL E 36 -48.66 12.77 -28.38
CA VAL E 36 -49.02 13.86 -27.48
C VAL E 36 -47.87 14.16 -26.52
N ILE E 37 -47.51 15.44 -26.44
CA ILE E 37 -46.44 15.89 -25.58
C ILE E 37 -47.00 16.84 -24.53
N MET E 38 -46.88 16.45 -23.28
CA MET E 38 -47.41 17.18 -22.14
C MET E 38 -46.28 17.83 -21.36
N GLY E 39 -46.33 19.15 -21.22
CA GLY E 39 -45.41 19.83 -20.30
C GLY E 39 -44.29 20.65 -20.93
N ILE E 40 -44.56 21.26 -22.05
CA ILE E 40 -43.66 22.34 -22.50
C ILE E 40 -44.10 23.63 -21.87
N ALA E 41 -43.17 24.38 -21.27
CA ALA E 41 -43.48 25.77 -20.84
C ALA E 41 -42.72 26.80 -21.65
N ASN E 42 -41.49 26.47 -22.04
CA ASN E 42 -40.65 27.38 -22.84
C ASN E 42 -39.59 26.59 -23.64
N LYS E 43 -38.64 27.30 -24.25
CA LYS E 43 -37.63 26.70 -25.12
C LYS E 43 -36.63 25.79 -24.39
N ARG E 44 -36.52 25.93 -23.07
CA ARG E 44 -35.66 25.04 -22.31
C ARG E 44 -36.36 23.81 -21.73
N SER E 45 -37.68 23.72 -21.81
CA SER E 45 -38.35 22.53 -21.26
C SER E 45 -37.76 21.27 -21.93
N ILE E 46 -37.58 20.23 -21.13
CA ILE E 46 -37.19 18.90 -21.63
C ILE E 46 -38.17 18.43 -22.69
N ALA E 47 -39.47 18.62 -22.46
CA ALA E 47 -40.44 18.27 -23.49
C ALA E 47 -40.23 18.97 -24.84
N PHE E 48 -39.59 20.14 -24.89
CA PHE E 48 -39.33 20.80 -26.20
C PHE E 48 -38.18 20.12 -26.94
N GLY E 49 -37.25 19.55 -26.18
CA GLY E 49 -36.22 18.67 -26.73
C GLY E 49 -36.83 17.46 -27.41
N VAL E 50 -37.77 16.81 -26.73
CA VAL E 50 -38.53 15.72 -27.33
C VAL E 50 -39.23 16.19 -28.60
N ALA E 51 -39.96 17.30 -28.50
CA ALA E 51 -40.65 17.86 -29.66
C ALA E 51 -39.73 18.05 -30.87
N LYS E 52 -38.62 18.77 -30.68
CA LYS E 52 -37.70 18.98 -31.76
C LYS E 52 -37.24 17.66 -32.38
N VAL E 53 -36.94 16.65 -31.57
CA VAL E 53 -36.52 15.37 -32.14
C VAL E 53 -37.66 14.69 -32.94
N LEU E 54 -38.83 14.55 -32.34
CA LEU E 54 -39.92 13.85 -33.01
C LEU E 54 -40.37 14.61 -34.25
N ASP E 55 -40.46 15.93 -34.14
CA ASP E 55 -40.77 16.76 -35.30
C ASP E 55 -39.82 16.49 -36.47
N GLN E 56 -38.53 16.45 -36.16
CA GLN E 56 -37.49 16.22 -37.16
C GLN E 56 -37.65 14.83 -37.79
N LEU E 57 -38.19 13.87 -37.05
CA LEU E 57 -38.34 12.50 -37.57
C LEU E 57 -39.65 12.30 -38.34
N GLY E 58 -40.46 13.36 -38.43
CA GLY E 58 -41.69 13.34 -39.23
C GLY E 58 -42.99 13.10 -38.46
N ALA E 59 -42.95 13.03 -37.14
CA ALA E 59 -44.16 12.77 -36.36
C ALA E 59 -45.12 13.96 -36.45
N LYS E 60 -46.43 13.70 -36.43
CA LYS E 60 -47.40 14.74 -36.11
C LYS E 60 -47.43 14.90 -34.58
N LEU E 61 -47.39 16.14 -34.10
CA LEU E 61 -47.33 16.40 -32.67
C LEU E 61 -48.56 17.16 -32.18
N VAL E 62 -48.94 16.87 -30.94
CA VAL E 62 -50.10 17.45 -30.28
C VAL E 62 -49.53 17.83 -28.93
N PHE E 63 -49.84 19.03 -28.47
CA PHE E 63 -49.19 19.57 -27.28
C PHE E 63 -50.23 19.88 -26.21
N THR E 64 -49.95 19.58 -24.95
CA THR E 64 -50.83 20.06 -23.88
C THR E 64 -50.09 20.98 -22.92
N TYR E 65 -50.79 21.90 -22.27
CA TYR E 65 -50.16 22.89 -21.41
C TYR E 65 -51.08 23.18 -20.22
N ARG E 66 -50.54 23.81 -19.18
CA ARG E 66 -51.41 24.28 -18.12
C ARG E 66 -51.72 25.77 -18.21
N LYS E 67 -50.71 26.64 -18.12
CA LYS E 67 -50.95 28.07 -18.08
C LYS E 67 -51.08 28.69 -19.47
N GLU E 68 -51.91 29.74 -19.55
CA GLU E 68 -52.02 30.63 -20.71
CA GLU E 68 -52.01 30.49 -20.79
C GLU E 68 -50.63 30.97 -21.24
N ARG E 69 -49.73 31.33 -20.33
CA ARG E 69 -48.40 31.80 -20.68
C ARG E 69 -47.64 30.72 -21.45
N SER E 70 -47.83 29.48 -21.00
CA SER E 70 -47.25 28.32 -21.69
C SER E 70 -47.83 28.08 -23.08
N ARG E 71 -49.13 28.31 -23.27
CA ARG E 71 -49.72 28.16 -24.59
C ARG E 71 -49.15 29.22 -25.54
N LYS E 72 -48.99 30.45 -25.05
CA LYS E 72 -48.39 31.51 -25.86
C LYS E 72 -46.93 31.19 -26.21
N GLU E 73 -46.19 30.62 -25.26
CA GLU E 73 -44.85 30.12 -25.59
C GLU E 73 -44.92 29.05 -26.67
N LEU E 74 -45.89 28.14 -26.55
CA LEU E 74 -46.01 27.05 -27.52
C LEU E 74 -46.28 27.61 -28.91
N GLU E 75 -47.13 28.64 -28.99
CA GLU E 75 -47.43 29.23 -30.29
C GLU E 75 -46.19 29.80 -30.97
N LYS E 76 -45.29 30.41 -30.18
CA LYS E 76 -44.01 30.92 -30.67
C LYS E 76 -43.00 29.82 -31.07
N LEU E 77 -42.93 28.74 -30.30
CA LEU E 77 -41.98 27.65 -30.56
C LEU E 77 -42.35 26.82 -31.79
N LEU E 78 -43.65 26.68 -32.02
CA LEU E 78 -44.15 26.02 -33.22
C LEU E 78 -43.60 26.59 -34.53
N GLU E 79 -43.25 27.86 -34.57
CA GLU E 79 -42.67 28.42 -35.80
C GLU E 79 -41.34 27.78 -36.20
N GLN E 80 -40.60 27.26 -35.22
CA GLN E 80 -39.34 26.55 -35.41
C GLN E 80 -39.52 25.09 -35.79
N LEU E 81 -40.72 24.55 -35.62
CA LEU E 81 -41.00 23.16 -36.02
C LEU E 81 -41.58 23.08 -37.44
N ASN E 82 -41.66 21.85 -37.94
CA ASN E 82 -42.28 21.57 -39.23
C ASN E 82 -43.70 21.07 -39.07
N GLN E 83 -44.32 21.34 -37.92
CA GLN E 83 -45.73 21.01 -37.76
C GLN E 83 -46.53 21.97 -38.63
N PRO E 84 -47.33 21.46 -39.58
CA PRO E 84 -48.05 22.37 -40.47
C PRO E 84 -49.29 22.97 -39.82
N GLU E 85 -49.66 22.45 -38.64
CA GLU E 85 -50.68 23.10 -37.83
C GLU E 85 -50.54 22.84 -36.33
N ALA E 86 -51.11 23.78 -35.57
CA ALA E 86 -51.01 23.78 -34.12
C ALA E 86 -52.15 22.96 -33.54
N HIS E 87 -51.82 21.95 -32.76
CA HIS E 87 -52.82 21.24 -31.98
C HIS E 87 -52.49 21.41 -30.51
N LEU E 88 -53.19 22.33 -29.85
CA LEU E 88 -52.88 22.70 -28.47
C LEU E 88 -54.08 22.56 -27.53
N TYR E 89 -53.89 21.90 -26.39
CA TYR E 89 -55.02 21.62 -25.54
C TYR E 89 -54.66 21.98 -24.10
N GLN E 90 -55.49 22.75 -23.42
CA GLN E 90 -55.19 23.06 -22.03
C GLN E 90 -55.49 21.82 -21.20
N ILE E 91 -54.51 21.22 -20.55
CA ILE E 91 -54.83 20.14 -19.63
C ILE E 91 -54.06 20.35 -18.32
N ASP E 92 -54.78 20.67 -17.25
CA ASP E 92 -54.21 20.69 -15.91
C ASP E 92 -54.44 19.34 -15.27
N VAL E 93 -53.35 18.62 -15.01
CA VAL E 93 -53.48 17.21 -14.62
C VAL E 93 -54.06 17.03 -13.20
N GLN E 94 -54.24 18.09 -12.43
CA GLN E 94 -55.01 17.96 -11.19
C GLN E 94 -56.50 17.74 -11.42
N SER E 95 -56.96 17.97 -12.65
CA SER E 95 -58.38 17.80 -12.96
C SER E 95 -58.69 16.58 -13.84
N ASP E 96 -59.50 15.68 -13.32
CA ASP E 96 -59.93 14.55 -14.15
C ASP E 96 -60.62 15.01 -15.43
N GLU E 97 -61.59 15.89 -15.25
CA GLU E 97 -62.38 16.49 -16.32
C GLU E 97 -61.49 16.98 -17.43
N GLU E 98 -60.42 17.72 -17.09
CA GLU E 98 -59.58 18.27 -18.15
C GLU E 98 -58.76 17.20 -18.87
N VAL E 99 -58.29 16.18 -18.13
CA VAL E 99 -57.60 15.03 -18.76
C VAL E 99 -58.55 14.23 -19.66
N ILE E 100 -59.71 13.88 -19.11
CA ILE E 100 -60.71 13.13 -19.89
C ILE E 100 -61.13 13.89 -21.13
N ASN E 101 -61.53 15.15 -20.97
CA ASN E 101 -62.05 15.94 -22.10
C ASN E 101 -60.94 16.31 -23.08
N GLY E 102 -59.74 16.56 -22.53
CA GLY E 102 -58.59 16.86 -23.34
C GLY E 102 -58.28 15.75 -24.33
N PHE E 103 -58.16 14.51 -23.84
CA PHE E 103 -57.81 13.40 -24.72
C PHE E 103 -58.97 13.07 -25.64
N GLU E 104 -60.20 13.23 -25.16
CA GLU E 104 -61.35 13.00 -26.02
C GLU E 104 -61.36 13.97 -27.20
N GLN E 105 -61.12 15.24 -26.91
CA GLN E 105 -61.07 16.27 -27.95
C GLN E 105 -59.92 16.03 -28.94
N ILE E 106 -58.79 15.55 -28.43
CA ILE E 106 -57.63 15.15 -29.24
C ILE E 106 -57.95 14.02 -30.23
N GLY E 107 -58.61 12.97 -29.73
CA GLY E 107 -59.12 11.91 -30.58
C GLY E 107 -60.02 12.39 -31.71
N LYS E 108 -60.89 13.33 -31.40
CA LYS E 108 -61.82 13.89 -32.38
C LYS E 108 -61.07 14.69 -33.42
N ASP E 109 -60.07 15.47 -32.99
CA ASP E 109 -59.36 16.35 -33.91
C ASP E 109 -58.30 15.65 -34.78
N VAL E 110 -57.60 14.66 -34.23
CA VAL E 110 -56.50 14.01 -34.95
C VAL E 110 -56.59 12.49 -35.11
N GLY E 111 -57.54 11.86 -34.44
CA GLY E 111 -57.64 10.40 -34.55
C GLY E 111 -56.84 9.72 -33.45
N ASN E 112 -56.67 8.41 -33.60
CA ASN E 112 -55.84 7.58 -32.75
C ASN E 112 -54.40 8.09 -32.71
N ILE E 113 -53.72 7.82 -31.60
CA ILE E 113 -52.35 8.30 -31.43
C ILE E 113 -51.40 7.12 -31.15
N ASP E 114 -50.10 7.39 -31.27
CA ASP E 114 -49.11 6.34 -31.01
C ASP E 114 -48.41 6.46 -29.66
N GLY E 115 -48.55 7.56 -28.94
CA GLY E 115 -47.89 7.68 -27.64
C GLY E 115 -48.08 9.03 -26.96
N VAL E 116 -47.61 9.09 -25.72
CA VAL E 116 -47.65 10.27 -24.88
C VAL E 116 -46.28 10.48 -24.24
N TYR E 117 -45.75 11.69 -24.33
CA TYR E 117 -44.58 12.04 -23.57
C TYR E 117 -45.06 12.82 -22.35
N HIS E 118 -44.92 12.27 -21.14
CA HIS E 118 -45.34 13.01 -19.94
C HIS E 118 -44.13 13.72 -19.32
N SER E 119 -44.21 15.04 -19.10
CA SER E 119 -43.07 15.85 -18.68
C SER E 119 -43.50 16.87 -17.65
N ILE E 120 -44.01 16.40 -16.51
CA ILE E 120 -44.78 17.25 -15.58
C ILE E 120 -44.51 16.91 -14.11
N ALA E 121 -44.19 17.90 -13.30
CA ALA E 121 -44.09 17.64 -11.87
C ALA E 121 -44.30 18.98 -11.23
N PHE E 122 -44.46 18.95 -9.91
CA PHE E 122 -44.66 20.13 -9.09
C PHE E 122 -44.63 19.71 -7.60
N ALA E 123 -43.97 20.53 -6.79
CA ALA E 123 -44.13 20.49 -5.34
C ALA E 123 -44.05 21.94 -4.91
N ASN E 124 -44.44 22.28 -3.68
CA ASN E 124 -44.24 23.66 -3.25
C ASN E 124 -42.76 23.83 -2.94
N MET E 125 -42.22 24.98 -3.32
CA MET E 125 -40.96 25.50 -2.81
C MET E 125 -40.81 25.30 -1.31
N GLU E 126 -41.80 25.69 -0.51
CA GLU E 126 -41.67 25.68 0.94
C GLU E 126 -41.63 24.30 1.58
N ASP E 127 -41.95 23.26 0.82
CA ASP E 127 -41.68 21.89 1.24
C ASP E 127 -40.26 21.53 0.82
N LEU E 128 -39.94 21.89 -0.43
CA LEU E 128 -38.67 21.52 -1.06
C LEU E 128 -37.49 22.16 -0.35
N ARG E 129 -37.69 23.37 0.19
CA ARG E 129 -36.60 24.15 0.80
C ARG E 129 -36.50 23.92 2.30
N GLY E 130 -37.24 22.96 2.85
CA GLY E 130 -37.14 22.65 4.26
C GLY E 130 -36.45 21.32 4.49
N ARG E 131 -36.35 20.89 5.74
CA ARG E 131 -36.02 19.51 6.02
C ARG E 131 -37.15 18.59 5.54
N PHE E 132 -36.82 17.40 5.07
CA PHE E 132 -37.83 16.53 4.49
C PHE E 132 -38.82 16.10 5.59
N SER E 133 -38.32 15.92 6.80
CA SER E 133 -39.12 15.45 7.92
C SER E 133 -40.17 16.48 8.31
N GLU E 134 -40.04 17.69 7.75
CA GLU E 134 -40.98 18.80 8.01
C GLU E 134 -42.00 18.98 6.90
N THR E 135 -41.87 18.21 5.82
CA THR E 135 -42.86 18.22 4.75
C THR E 135 -44.28 18.19 5.29
N SER E 136 -45.11 19.09 4.76
CA SER E 136 -46.52 19.17 5.09
C SER E 136 -47.28 18.08 4.36
N ARG E 137 -48.37 17.64 4.97
CA ARG E 137 -49.25 16.65 4.35
C ARG E 137 -49.81 17.12 3.01
N GLU E 138 -50.35 18.35 2.96
CA GLU E 138 -50.96 18.82 1.72
C GLU E 138 -49.91 18.98 0.60
N GLY E 139 -48.68 19.38 0.95
CA GLY E 139 -47.56 19.44 0.00
C GLY E 139 -47.01 18.12 -0.49
N PHE E 140 -46.98 17.12 0.39
CA PHE E 140 -46.58 15.77 -0.05
C PHE E 140 -47.63 15.18 -0.99
N LEU E 141 -48.90 15.30 -0.61
CA LEU E 141 -49.95 14.83 -1.50
C LEU E 141 -50.06 15.63 -2.78
N LEU E 142 -49.83 16.95 -2.71
CA LEU E 142 -49.80 17.77 -3.89
C LEU E 142 -48.78 17.22 -4.88
N ALA E 143 -47.59 16.88 -4.38
CA ALA E 143 -46.53 16.36 -5.22
C ALA E 143 -46.84 14.98 -5.78
N GLN E 144 -47.39 14.07 -4.98
CA GLN E 144 -47.90 12.79 -5.53
C GLN E 144 -48.92 13.00 -6.65
N ASP E 145 -49.87 13.89 -6.38
CA ASP E 145 -50.98 14.14 -7.29
C ASP E 145 -50.47 14.52 -8.69
N ILE E 146 -49.69 15.59 -8.75
CA ILE E 146 -49.24 16.09 -10.03
C ILE E 146 -48.14 15.26 -10.65
N SER E 147 -47.21 14.78 -9.84
CA SER E 147 -45.98 14.21 -10.36
C SER E 147 -46.06 12.70 -10.64
N SER E 148 -47.00 12.03 -9.98
CA SER E 148 -47.13 10.59 -10.13
C SER E 148 -48.52 10.18 -10.62
N TYR E 149 -49.55 10.52 -9.84
CA TYR E 149 -50.89 10.10 -10.20
C TYR E 149 -51.31 10.60 -11.59
N SER E 150 -50.83 11.76 -12.03
CA SER E 150 -51.20 12.26 -13.35
C SER E 150 -50.88 11.25 -14.44
N LEU E 151 -49.86 10.44 -14.24
CA LEU E 151 -49.50 9.50 -15.31
C LEU E 151 -50.54 8.38 -15.45
N THR E 152 -51.13 7.98 -14.32
CA THR E 152 -52.14 6.92 -14.26
C THR E 152 -53.40 7.28 -15.04
N ILE E 153 -53.95 8.46 -14.73
CA ILE E 153 -55.12 8.98 -15.44
C ILE E 153 -54.79 9.35 -16.88
N VAL E 154 -53.63 9.93 -17.15
CA VAL E 154 -53.29 10.22 -18.54
C VAL E 154 -53.28 8.92 -19.37
N ALA E 155 -52.70 7.86 -18.82
CA ALA E 155 -52.59 6.59 -19.54
C ALA E 155 -53.95 5.94 -19.75
N HIS E 156 -54.80 6.00 -18.73
CA HIS E 156 -56.16 5.49 -18.85
C HIS E 156 -56.86 6.22 -19.99
N GLU E 157 -56.63 7.53 -20.14
CA GLU E 157 -57.45 8.29 -21.10
C GLU E 157 -56.87 8.13 -22.49
N ALA E 158 -55.55 8.11 -22.56
CA ALA E 158 -54.79 7.92 -23.80
C ALA E 158 -54.91 6.50 -24.40
N LYS E 159 -55.00 5.47 -23.58
CA LYS E 159 -55.33 4.10 -24.04
C LYS E 159 -56.53 4.01 -25.00
N LYS E 160 -57.53 4.86 -24.80
CA LYS E 160 -58.71 4.86 -25.64
C LYS E 160 -58.31 5.26 -27.06
N LEU E 161 -57.23 6.02 -27.21
CA LEU E 161 -56.78 6.48 -28.52
C LEU E 161 -55.70 5.57 -29.10
N MET E 162 -55.43 4.47 -28.40
CA MET E 162 -54.42 3.52 -28.84
C MET E 162 -54.98 2.12 -28.93
N PRO E 163 -56.01 1.92 -29.77
CA PRO E 163 -56.61 0.60 -29.73
C PRO E 163 -55.68 -0.48 -30.31
N GLU E 164 -54.64 -0.10 -31.04
CA GLU E 164 -53.69 -1.09 -31.54
C GLU E 164 -52.41 -1.13 -30.69
N GLY E 165 -52.33 -0.29 -29.68
CA GLY E 165 -51.11 -0.23 -28.88
C GLY E 165 -50.33 1.06 -29.10
N GLY E 166 -49.29 1.26 -28.33
CA GLY E 166 -48.48 2.46 -28.41
C GLY E 166 -47.49 2.51 -27.27
N SER E 167 -47.02 3.71 -26.97
CA SER E 167 -45.91 3.87 -26.05
C SER E 167 -46.05 5.14 -25.19
N ILE E 168 -45.92 4.96 -23.88
CA ILE E 168 -46.01 6.06 -22.94
C ILE E 168 -44.67 6.21 -22.19
N VAL E 169 -44.16 7.43 -22.08
CA VAL E 169 -42.87 7.70 -21.45
C VAL E 169 -43.05 8.86 -20.48
N ALA E 170 -42.55 8.67 -19.26
CA ALA E 170 -42.61 9.69 -18.23
C ALA E 170 -41.18 10.07 -17.89
N THR E 171 -40.98 11.29 -17.45
CA THR E 171 -39.64 11.81 -17.19
C THR E 171 -39.31 11.70 -15.71
N THR E 172 -38.25 10.99 -15.33
CA THR E 172 -37.97 10.89 -13.89
C THR E 172 -36.59 11.45 -13.51
N TYR E 173 -36.24 11.36 -12.23
CA TYR E 173 -34.90 11.78 -11.82
C TYR E 173 -34.29 10.78 -10.83
N LEU E 174 -32.96 10.70 -10.81
CA LEU E 174 -32.21 9.82 -9.92
C LEU E 174 -32.62 9.97 -8.43
N GLY E 175 -33.08 11.15 -8.01
CA GLY E 175 -33.59 11.32 -6.63
C GLY E 175 -34.83 10.48 -6.29
N GLY E 176 -35.43 9.83 -7.27
CA GLY E 176 -36.43 8.78 -6.99
C GLY E 176 -35.87 7.42 -6.58
N GLU E 177 -34.57 7.20 -6.83
CA GLU E 177 -33.85 5.92 -6.55
C GLU E 177 -32.95 5.99 -5.34
N PHE E 178 -32.46 7.20 -5.02
CA PHE E 178 -31.58 7.47 -3.89
C PHE E 178 -32.05 8.78 -3.29
N ALA E 179 -31.77 9.01 -2.01
CA ALA E 179 -31.92 10.31 -1.41
C ALA E 179 -30.81 11.29 -1.84
N VAL E 180 -31.16 12.26 -2.70
CA VAL E 180 -30.33 13.39 -3.09
C VAL E 180 -30.67 14.61 -2.23
N GLN E 181 -29.66 15.33 -1.73
CA GLN E 181 -29.90 16.58 -1.00
C GLN E 181 -30.82 17.53 -1.78
N ASN E 182 -31.69 18.21 -1.03
CA ASN E 182 -32.57 19.27 -1.54
C ASN E 182 -33.79 18.81 -2.37
N TYR E 183 -33.79 17.59 -2.87
CA TYR E 183 -34.88 17.05 -3.66
C TYR E 183 -36.10 16.60 -2.85
N ASN E 184 -35.85 16.12 -1.63
CA ASN E 184 -36.87 15.92 -0.63
C ASN E 184 -38.23 15.37 -1.13
N VAL E 185 -39.32 16.12 -0.92
CA VAL E 185 -40.63 15.58 -1.27
C VAL E 185 -40.69 15.11 -2.73
N MET E 186 -39.92 15.72 -3.62
CA MET E 186 -40.07 15.36 -5.03
C MET E 186 -39.47 13.99 -5.32
N GLY E 187 -38.44 13.64 -4.54
CA GLY E 187 -37.78 12.34 -4.68
C GLY E 187 -38.75 11.21 -4.35
N VAL E 188 -39.49 11.37 -3.26
CA VAL E 188 -40.56 10.47 -2.94
C VAL E 188 -41.64 10.48 -4.04
N ALA E 189 -41.93 11.62 -4.67
CA ALA E 189 -42.90 11.57 -5.74
C ALA E 189 -42.34 10.91 -7.00
N LYS E 190 -41.03 10.97 -7.22
CA LYS E 190 -40.47 10.21 -8.35
C LYS E 190 -40.32 8.71 -8.13
N ALA E 191 -40.00 8.30 -6.91
CA ALA E 191 -40.06 6.89 -6.48
C ALA E 191 -41.47 6.38 -6.79
N SER E 192 -42.48 7.17 -6.43
CA SER E 192 -43.87 6.80 -6.70
C SER E 192 -44.16 6.68 -8.20
N LEU E 193 -43.69 7.64 -9.00
CA LEU E 193 -43.82 7.62 -10.47
C LEU E 193 -43.13 6.41 -11.11
N GLU E 194 -41.95 6.06 -10.61
CA GLU E 194 -41.16 5.02 -11.26
C GLU E 194 -41.91 3.66 -11.07
N ALA E 195 -42.48 3.48 -9.89
CA ALA E 195 -43.36 2.33 -9.62
C ALA E 195 -44.68 2.32 -10.42
N ASN E 196 -45.24 3.51 -10.63
CA ASN E 196 -46.43 3.72 -11.47
C ASN E 196 -46.15 3.27 -12.90
N VAL E 197 -45.00 3.67 -13.45
CA VAL E 197 -44.53 3.16 -14.75
C VAL E 197 -44.55 1.62 -14.75
N LYS E 198 -44.16 1.01 -13.63
CA LYS E 198 -43.99 -0.42 -13.65
C LYS E 198 -45.36 -1.11 -13.56
N TYR E 199 -46.19 -0.71 -12.62
CA TYR E 199 -47.58 -1.18 -12.58
C TYR E 199 -48.41 -0.88 -13.84
N LEU E 200 -48.22 0.28 -14.49
CA LEU E 200 -48.88 0.51 -15.78
C LEU E 200 -48.34 -0.40 -16.88
N ALA E 201 -47.04 -0.70 -16.82
CA ALA E 201 -46.44 -1.57 -17.85
C ALA E 201 -47.09 -2.94 -17.78
N LEU E 202 -47.33 -3.39 -16.56
CA LEU E 202 -47.88 -4.72 -16.30
C LEU E 202 -49.37 -4.73 -16.64
N ASP E 203 -50.09 -3.69 -16.25
CA ASP E 203 -51.54 -3.62 -16.52
C ASP E 203 -51.81 -3.54 -18.03
N LEU E 204 -51.02 -2.72 -18.74
CA LEU E 204 -51.37 -2.33 -20.13
C LEU E 204 -50.59 -3.08 -21.21
N GLY E 205 -49.62 -3.88 -20.75
CA GLY E 205 -48.85 -4.78 -21.59
C GLY E 205 -49.68 -5.66 -22.52
N PRO E 206 -50.67 -6.41 -21.99
CA PRO E 206 -51.56 -7.21 -22.86
C PRO E 206 -52.27 -6.40 -23.94
N ASP E 207 -52.42 -5.09 -23.72
CA ASP E 207 -53.02 -4.23 -24.74
C ASP E 207 -51.96 -3.71 -25.73
N ASN E 208 -50.72 -4.16 -25.57
CA ASN E 208 -49.58 -3.77 -26.42
C ASN E 208 -49.24 -2.28 -26.25
N ILE E 209 -49.50 -1.76 -25.04
CA ILE E 209 -49.05 -0.43 -24.71
C ILE E 209 -47.82 -0.59 -23.81
N ARG E 210 -46.71 0.04 -24.20
CA ARG E 210 -45.50 -0.03 -23.39
C ARG E 210 -45.40 1.25 -22.58
N VAL E 211 -44.85 1.14 -21.38
CA VAL E 211 -44.77 2.24 -20.45
C VAL E 211 -43.34 2.20 -19.91
N ASN E 212 -42.66 3.34 -19.99
CA ASN E 212 -41.24 3.43 -19.61
C ASN E 212 -40.97 4.81 -19.05
N ALA E 213 -39.76 4.97 -18.55
CA ALA E 213 -39.31 6.23 -17.98
C ALA E 213 -37.95 6.55 -18.56
N ILE E 214 -37.65 7.85 -18.63
CA ILE E 214 -36.30 8.34 -18.85
C ILE E 214 -35.87 9.10 -17.63
N SER E 215 -34.75 8.68 -17.03
CA SER E 215 -34.19 9.34 -15.85
C SER E 215 -33.17 10.32 -16.45
N ALA E 216 -33.59 11.56 -16.61
CA ALA E 216 -32.73 12.65 -17.09
C ALA E 216 -31.78 13.13 -16.01
N GLY E 217 -30.55 13.33 -16.46
CA GLY E 217 -29.54 14.07 -15.72
C GLY E 217 -29.96 15.54 -15.60
N PRO E 218 -29.29 16.31 -14.71
CA PRO E 218 -29.72 17.69 -14.48
C PRO E 218 -29.62 18.60 -15.72
N ILE E 219 -30.63 19.44 -15.98
CA ILE E 219 -30.67 20.31 -17.14
C ILE E 219 -31.24 21.66 -16.73
N ARG E 220 -30.64 22.77 -17.17
CA ARG E 220 -31.14 24.10 -16.82
C ARG E 220 -32.46 24.36 -17.52
N THR E 221 -33.51 24.49 -16.70
CA THR E 221 -34.88 24.71 -17.15
C THR E 221 -35.57 25.59 -16.13
N LEU E 222 -36.78 26.02 -16.45
CA LEU E 222 -37.51 26.83 -15.49
C LEU E 222 -37.73 26.13 -14.14
N SER E 223 -38.18 24.89 -14.16
CA SER E 223 -38.44 24.21 -12.87
C SER E 223 -37.18 23.85 -12.06
N ALA E 224 -36.04 23.66 -12.74
CA ALA E 224 -34.76 23.41 -12.05
C ALA E 224 -34.42 24.46 -11.00
N LYS E 225 -34.98 25.66 -11.16
CA LYS E 225 -34.83 26.73 -10.19
C LYS E 225 -35.47 26.38 -8.84
N GLY E 226 -36.33 25.37 -8.80
CA GLY E 226 -36.92 24.93 -7.54
C GLY E 226 -36.07 23.92 -6.79
N VAL E 227 -34.97 23.50 -7.40
CA VAL E 227 -34.11 22.54 -6.75
C VAL E 227 -32.92 23.26 -6.10
N GLY E 228 -32.89 23.45 -4.78
CA GLY E 228 -31.73 24.08 -4.16
C GLY E 228 -30.41 23.41 -4.52
N GLY E 229 -29.33 24.20 -4.63
CA GLY E 229 -27.99 23.66 -4.94
C GLY E 229 -27.90 23.18 -6.38
N PHE E 230 -28.73 23.70 -7.27
CA PHE E 230 -28.73 23.17 -8.62
C PHE E 230 -27.36 23.22 -9.30
N ASN E 231 -26.72 24.37 -9.30
CA ASN E 231 -25.43 24.54 -9.96
C ASN E 231 -24.39 23.52 -9.47
N THR E 232 -24.40 23.25 -8.16
CA THR E 232 -23.57 22.22 -7.58
C THR E 232 -23.88 20.84 -8.16
N ILE E 233 -25.17 20.50 -8.30
CA ILE E 233 -25.59 19.25 -8.96
C ILE E 233 -24.96 19.17 -10.36
N LEU E 234 -25.03 20.27 -11.10
CA LEU E 234 -24.47 20.31 -12.46
C LEU E 234 -22.96 20.06 -12.44
N LYS E 235 -22.26 20.77 -11.57
CA LYS E 235 -20.81 20.65 -11.59
C LYS E 235 -20.37 19.26 -11.17
N GLU E 236 -21.07 18.62 -10.24
CA GLU E 236 -20.68 17.25 -9.90
C GLU E 236 -20.79 16.24 -11.04
N ILE E 237 -21.80 16.38 -11.89
CA ILE E 237 -21.85 15.62 -13.13
C ILE E 237 -20.60 15.83 -13.99
N GLU E 238 -20.22 17.08 -14.28
CA GLU E 238 -19.04 17.31 -15.10
C GLU E 238 -17.81 16.63 -14.50
N GLU E 239 -17.68 16.68 -13.17
CA GLU E 239 -16.48 16.14 -12.52
C GLU E 239 -16.48 14.62 -12.43
N ARG E 240 -17.65 14.06 -12.18
CA ARG E 240 -17.70 12.69 -11.70
C ARG E 240 -18.35 11.70 -12.67
N ALA E 241 -19.26 12.13 -13.55
CA ALA E 241 -19.97 11.18 -14.41
C ALA E 241 -18.99 10.60 -15.44
N PRO E 242 -19.11 9.31 -15.78
CA PRO E 242 -18.29 8.75 -16.88
C PRO E 242 -18.01 9.69 -18.06
N LEU E 243 -18.99 10.45 -18.54
CA LEU E 243 -18.71 11.16 -19.81
C LEU E 243 -18.16 12.53 -19.45
N LYS E 244 -18.20 12.91 -18.18
CA LYS E 244 -17.50 14.16 -17.74
C LYS E 244 -18.15 15.37 -18.41
N ARG E 245 -19.46 15.32 -18.53
CA ARG E 245 -20.19 16.44 -19.16
C ARG E 245 -21.65 16.27 -18.80
N ASN E 246 -22.40 17.37 -18.84
CA ASN E 246 -23.84 17.33 -18.67
C ASN E 246 -24.58 16.93 -19.93
N VAL E 247 -25.82 16.47 -19.78
CA VAL E 247 -26.65 16.14 -20.95
C VAL E 247 -27.51 17.35 -21.33
N ASP E 248 -28.25 17.27 -22.43
CA ASP E 248 -29.23 18.31 -22.71
C ASP E 248 -30.56 17.72 -23.17
N GLN E 249 -31.49 18.61 -23.51
CA GLN E 249 -32.85 18.26 -23.82
C GLN E 249 -32.98 17.40 -25.08
N VAL E 250 -32.16 17.69 -26.09
CA VAL E 250 -32.21 16.92 -27.34
C VAL E 250 -31.77 15.47 -27.08
N GLU E 251 -30.87 15.28 -26.11
CA GLU E 251 -30.38 13.94 -25.81
C GLU E 251 -31.48 13.10 -25.18
N VAL E 252 -32.28 13.73 -24.32
CA VAL E 252 -33.45 13.08 -23.76
C VAL E 252 -34.44 12.81 -24.88
N GLY E 253 -34.58 13.75 -25.81
CA GLY E 253 -35.48 13.55 -26.97
C GLY E 253 -35.09 12.41 -27.89
N LYS E 254 -33.79 12.17 -28.06
CA LYS E 254 -33.36 11.00 -28.86
C LYS E 254 -33.66 9.65 -28.18
N THR E 255 -33.55 9.56 -26.85
CA THR E 255 -33.99 8.37 -26.12
C THR E 255 -35.51 8.24 -26.15
N ALA E 256 -36.21 9.37 -26.03
CA ALA E 256 -37.67 9.41 -26.23
C ALA E 256 -38.07 8.87 -27.62
N ALA E 257 -37.44 9.37 -28.67
CA ALA E 257 -37.71 8.82 -30.00
C ALA E 257 -37.56 7.30 -29.98
N TYR E 258 -36.48 6.79 -29.36
CA TYR E 258 -36.29 5.33 -29.23
C TYR E 258 -37.45 4.68 -28.48
N LEU E 259 -37.79 5.18 -27.28
CA LEU E 259 -38.86 4.56 -26.48
C LEU E 259 -40.25 4.68 -27.15
N LEU E 260 -40.44 5.75 -27.92
CA LEU E 260 -41.77 6.03 -28.50
C LEU E 260 -41.99 5.26 -29.80
N SER E 261 -40.93 4.70 -30.37
CA SER E 261 -41.04 4.01 -31.66
C SER E 261 -40.84 2.51 -31.53
N ASP E 262 -40.84 1.86 -32.69
CA ASP E 262 -40.77 0.42 -32.76
C ASP E 262 -39.34 -0.10 -32.54
N LEU E 263 -38.33 0.76 -32.46
CA LEU E 263 -36.99 0.29 -32.14
C LEU E 263 -36.93 -0.37 -30.77
N SER E 264 -37.87 0.00 -29.90
CA SER E 264 -37.87 -0.49 -28.53
C SER E 264 -39.05 -1.43 -28.25
N SER E 265 -39.40 -2.22 -29.27
CA SER E 265 -40.61 -3.04 -29.18
C SER E 265 -40.57 -4.02 -28.01
N GLY E 266 -39.40 -4.45 -27.57
CA GLY E 266 -39.43 -5.47 -26.50
C GLY E 266 -39.31 -4.91 -25.10
N VAL E 267 -39.32 -3.58 -24.98
CA VAL E 267 -38.92 -2.93 -23.76
C VAL E 267 -40.11 -2.26 -23.13
N THR E 268 -40.37 -2.62 -21.87
CA THR E 268 -41.43 -2.00 -21.10
C THR E 268 -41.08 -2.11 -19.61
N GLY E 269 -41.57 -1.18 -18.81
CA GLY E 269 -41.36 -1.18 -17.35
C GLY E 269 -39.93 -0.79 -17.02
N GLU E 270 -39.25 -0.18 -17.98
CA GLU E 270 -37.83 0.21 -17.91
C GLU E 270 -37.60 1.69 -17.56
N ASN E 271 -36.39 2.00 -17.09
CA ASN E 271 -36.00 3.35 -16.69
C ASN E 271 -34.63 3.62 -17.31
N ILE E 272 -34.58 4.35 -18.42
CA ILE E 272 -33.31 4.56 -19.14
C ILE E 272 -32.67 5.85 -18.66
N HIS E 273 -31.51 5.74 -18.00
CA HIS E 273 -30.78 6.90 -17.54
C HIS E 273 -30.06 7.64 -18.66
N VAL E 274 -30.47 8.89 -18.90
CA VAL E 274 -29.78 9.78 -19.83
C VAL E 274 -29.12 10.88 -18.99
N ASP E 275 -27.98 10.48 -18.42
CA ASP E 275 -27.41 11.23 -17.31
C ASP E 275 -25.89 11.11 -17.34
N SER E 276 -25.30 10.79 -18.50
CA SER E 276 -23.86 10.69 -18.62
C SER E 276 -23.19 9.53 -17.87
N GLY E 277 -23.96 8.52 -17.45
CA GLY E 277 -23.42 7.37 -16.72
C GLY E 277 -23.49 7.60 -15.22
N PHE E 278 -24.01 8.73 -14.79
CA PHE E 278 -23.89 9.12 -13.38
C PHE E 278 -24.58 8.14 -12.39
N HIS E 279 -25.71 7.58 -12.78
CA HIS E 279 -26.37 6.50 -12.04
C HIS E 279 -25.48 5.24 -11.81
N ALA E 280 -24.47 4.99 -12.66
CA ALA E 280 -23.70 3.76 -12.57
C ALA E 280 -22.54 3.87 -11.59
N ILE E 281 -22.23 5.08 -11.15
CA ILE E 281 -21.05 5.27 -10.33
C ILE E 281 -21.43 5.69 -8.90
N LYS E 282 -20.49 5.58 -7.98
CA LYS E 282 -20.74 6.05 -6.61
C LYS E 282 -19.47 6.68 -6.04
N ASN F 29 -30.45 -7.21 24.15
CA ASN F 29 -31.19 -6.87 25.40
C ASN F 29 -31.63 -5.40 25.50
N LEU F 30 -32.93 -5.19 25.67
CA LEU F 30 -33.54 -3.87 25.60
C LEU F 30 -34.10 -3.45 26.97
N GLU F 31 -33.55 -3.97 28.06
CA GLU F 31 -33.96 -3.44 29.38
C GLU F 31 -33.65 -1.94 29.40
N ASN F 32 -34.60 -1.13 29.87
CA ASN F 32 -34.37 0.33 29.92
C ASN F 32 -34.70 1.08 28.63
N LYS F 33 -35.02 0.36 27.55
CA LYS F 33 -35.50 0.94 26.30
C LYS F 33 -37.03 1.03 26.26
N THR F 34 -37.51 2.00 25.45
CA THR F 34 -38.94 2.21 25.21
C THR F 34 -39.20 2.35 23.72
N TYR F 35 -40.08 1.48 23.23
CA TYR F 35 -40.49 1.54 21.83
C TYR F 35 -42.00 1.78 21.72
N VAL F 36 -42.37 2.68 20.79
CA VAL F 36 -43.74 2.87 20.35
C VAL F 36 -44.06 1.94 19.17
N ILE F 37 -45.10 1.12 19.32
CA ILE F 37 -45.58 0.22 18.28
C ILE F 37 -46.96 0.65 17.79
N MET F 38 -46.98 1.08 16.53
CA MET F 38 -48.18 1.52 15.83
C MET F 38 -48.68 0.44 14.84
N GLY F 39 -49.94 0.02 14.94
CA GLY F 39 -50.53 -0.85 13.88
C GLY F 39 -50.83 -2.30 14.27
N ILE F 40 -50.97 -2.54 15.57
CA ILE F 40 -51.61 -3.78 16.04
C ILE F 40 -53.14 -3.72 15.94
N ALA F 41 -53.75 -4.73 15.31
CA ALA F 41 -55.23 -4.89 15.34
C ALA F 41 -55.68 -6.21 16.05
N ASN F 42 -54.89 -7.27 15.95
CA ASN F 42 -55.26 -8.55 16.55
C ASN F 42 -53.99 -9.40 16.69
N LYS F 43 -54.13 -10.64 17.13
CA LYS F 43 -52.99 -11.54 17.39
C LYS F 43 -52.17 -11.80 16.12
N ARG F 44 -52.78 -11.65 14.95
CA ARG F 44 -52.01 -11.86 13.72
C ARG F 44 -51.28 -10.65 13.14
N SER F 45 -51.44 -9.47 13.73
CA SER F 45 -50.76 -8.29 13.19
C SER F 45 -49.26 -8.56 13.27
N ILE F 46 -48.56 -8.41 12.14
CA ILE F 46 -47.11 -8.26 12.17
C ILE F 46 -46.61 -7.47 13.40
N ALA F 47 -47.16 -6.29 13.65
CA ALA F 47 -46.80 -5.54 14.87
C ALA F 47 -46.91 -6.31 16.16
N PHE F 48 -47.84 -7.26 16.26
CA PHE F 48 -47.86 -8.11 17.46
C PHE F 48 -46.61 -9.01 17.53
N GLY F 49 -46.13 -9.47 16.37
CA GLY F 49 -44.91 -10.27 16.35
C GLY F 49 -43.69 -9.46 16.77
N VAL F 50 -43.67 -8.20 16.37
CA VAL F 50 -42.79 -7.19 16.94
C VAL F 50 -42.90 -7.08 18.47
N ALA F 51 -44.12 -6.80 18.95
CA ALA F 51 -44.33 -6.64 20.38
C ALA F 51 -43.80 -7.85 21.24
N LYS F 52 -44.26 -9.08 20.99
CA LYS F 52 -43.75 -10.26 21.72
C LYS F 52 -42.23 -10.35 21.74
N VAL F 53 -41.58 -10.09 20.60
CA VAL F 53 -40.13 -10.19 20.55
C VAL F 53 -39.41 -9.11 21.37
N LEU F 54 -39.88 -7.86 21.32
CA LEU F 54 -39.32 -6.74 22.13
C LEU F 54 -39.78 -6.80 23.59
N ASP F 55 -40.99 -7.31 23.83
CA ASP F 55 -41.43 -7.62 25.20
C ASP F 55 -40.55 -8.66 25.90
N GLN F 56 -40.24 -9.74 25.18
CA GLN F 56 -39.37 -10.80 25.69
C GLN F 56 -37.94 -10.32 25.96
N LEU F 57 -37.43 -9.38 25.16
CA LEU F 57 -36.11 -8.77 25.38
C LEU F 57 -36.10 -7.69 26.47
N GLY F 58 -37.20 -7.51 27.17
CA GLY F 58 -37.22 -6.57 28.29
C GLY F 58 -37.63 -5.14 28.01
N ALA F 59 -37.97 -4.79 26.75
CA ALA F 59 -38.41 -3.42 26.41
C ALA F 59 -39.72 -2.98 27.08
N LYS F 60 -39.82 -1.71 27.44
CA LYS F 60 -41.12 -1.07 27.70
C LYS F 60 -41.78 -0.73 26.37
N LEU F 61 -43.04 -1.14 26.22
CA LEU F 61 -43.74 -0.95 24.95
C LEU F 61 -44.93 -0.01 25.11
N VAL F 62 -45.10 0.86 24.10
CA VAL F 62 -46.21 1.79 24.02
C VAL F 62 -46.91 1.44 22.72
N PHE F 63 -48.24 1.38 22.73
CA PHE F 63 -48.98 0.90 21.56
C PHE F 63 -49.89 2.00 20.99
N THR F 64 -49.88 2.23 19.67
CA THR F 64 -50.94 3.07 19.13
C THR F 64 -51.97 2.30 18.27
N TYR F 65 -53.19 2.81 18.16
CA TYR F 65 -54.30 2.13 17.46
C TYR F 65 -55.19 3.17 16.76
N ARG F 66 -55.96 2.77 15.75
CA ARG F 66 -57.04 3.63 15.21
C ARG F 66 -58.45 3.34 15.78
N LYS F 67 -58.92 2.10 15.59
CA LYS F 67 -60.30 1.75 15.87
C LYS F 67 -60.36 1.34 17.33
N GLU F 68 -61.47 1.70 17.99
CA GLU F 68 -61.70 1.25 19.34
C GLU F 68 -61.64 -0.28 19.52
N ARG F 69 -62.02 -1.01 18.47
CA ARG F 69 -61.92 -2.47 18.47
C ARG F 69 -60.46 -2.93 18.55
N SER F 70 -59.54 -2.17 17.96
CA SER F 70 -58.13 -2.53 18.07
C SER F 70 -57.63 -2.30 19.49
N ARG F 71 -58.10 -1.25 20.16
CA ARG F 71 -57.72 -1.07 21.55
C ARG F 71 -58.14 -2.29 22.35
N LYS F 72 -59.39 -2.73 22.19
CA LYS F 72 -59.88 -3.89 22.95
C LYS F 72 -59.00 -5.12 22.78
N GLU F 73 -58.62 -5.45 21.54
CA GLU F 73 -57.67 -6.53 21.31
C GLU F 73 -56.34 -6.30 22.06
N LEU F 74 -55.84 -5.06 22.01
CA LEU F 74 -54.61 -4.72 22.70
C LEU F 74 -54.79 -4.97 24.20
N GLU F 75 -55.92 -4.63 24.78
CA GLU F 75 -56.06 -4.97 26.19
C GLU F 75 -56.01 -6.47 26.41
N LYS F 76 -56.60 -7.25 25.50
CA LYS F 76 -56.59 -8.72 25.57
C LYS F 76 -55.17 -9.29 25.31
N LEU F 77 -54.50 -8.79 24.27
CA LEU F 77 -53.15 -9.27 23.94
C LEU F 77 -52.08 -8.89 24.97
N LEU F 78 -52.21 -7.73 25.58
CA LEU F 78 -51.37 -7.37 26.72
C LEU F 78 -51.26 -8.44 27.80
N GLU F 79 -52.33 -9.19 28.04
CA GLU F 79 -52.32 -10.21 29.09
CA GLU F 79 -52.31 -10.20 29.10
C GLU F 79 -51.15 -11.17 28.92
N GLN F 80 -50.90 -11.55 27.67
CA GLN F 80 -49.83 -12.45 27.23
C GLN F 80 -48.44 -11.85 27.34
N LEU F 81 -48.36 -10.53 27.56
CA LEU F 81 -47.07 -9.83 27.53
C LEU F 81 -46.54 -9.63 28.94
N ASN F 82 -45.26 -9.27 29.09
CA ASN F 82 -44.75 -8.93 30.42
C ASN F 82 -45.00 -7.49 30.87
N GLN F 83 -45.34 -6.62 29.94
CA GLN F 83 -45.73 -5.24 30.25
C GLN F 83 -46.56 -5.13 31.53
N PRO F 84 -46.01 -4.48 32.56
CA PRO F 84 -46.77 -4.24 33.78
C PRO F 84 -47.85 -3.17 33.62
N GLU F 85 -47.67 -2.27 32.65
CA GLU F 85 -48.67 -1.24 32.34
C GLU F 85 -48.99 -1.24 30.85
N ALA F 86 -50.28 -1.08 30.56
CA ALA F 86 -50.80 -0.83 29.24
C ALA F 86 -50.74 0.67 28.90
N HIS F 87 -49.86 1.07 28.00
CA HIS F 87 -49.86 2.44 27.50
C HIS F 87 -50.39 2.44 26.07
N LEU F 88 -51.66 2.75 25.93
CA LEU F 88 -52.36 2.66 24.65
C LEU F 88 -52.80 4.06 24.25
N TYR F 89 -52.56 4.42 22.99
CA TYR F 89 -52.89 5.75 22.51
C TYR F 89 -53.60 5.66 21.16
N GLN F 90 -54.72 6.34 21.07
CA GLN F 90 -55.47 6.42 19.83
C GLN F 90 -54.77 7.42 18.92
N ILE F 91 -54.26 6.92 17.80
CA ILE F 91 -53.70 7.80 16.82
C ILE F 91 -54.17 7.35 15.45
N ASP F 92 -55.09 8.09 14.86
CA ASP F 92 -55.35 7.97 13.43
C ASP F 92 -54.31 8.76 12.64
N VAL F 93 -53.46 8.09 11.88
CA VAL F 93 -52.37 8.85 11.26
C VAL F 93 -52.83 9.70 10.05
N GLN F 94 -54.12 9.68 9.72
CA GLN F 94 -54.62 10.71 8.83
C GLN F 94 -54.75 12.09 9.47
N SER F 95 -54.79 12.15 10.81
CA SER F 95 -54.91 13.43 11.49
C SER F 95 -53.57 13.94 12.03
N ASP F 96 -53.10 15.10 11.55
CA ASP F 96 -51.88 15.70 12.09
C ASP F 96 -51.99 15.86 13.61
N GLU F 97 -53.13 16.41 14.04
CA GLU F 97 -53.39 16.67 15.45
C GLU F 97 -53.25 15.43 16.31
N GLU F 98 -53.78 14.30 15.85
CA GLU F 98 -53.76 13.10 16.65
C GLU F 98 -52.35 12.56 16.78
N VAL F 99 -51.58 12.65 15.70
CA VAL F 99 -50.17 12.28 15.72
C VAL F 99 -49.39 13.24 16.60
N ILE F 100 -49.64 14.55 16.46
CA ILE F 100 -48.89 15.52 17.26
C ILE F 100 -49.22 15.27 18.73
N ASN F 101 -50.51 15.25 19.06
CA ASN F 101 -50.95 15.20 20.47
C ASN F 101 -50.69 13.84 21.11
N GLY F 102 -50.82 12.76 20.32
CA GLY F 102 -50.55 11.42 20.78
C GLY F 102 -49.11 11.26 21.26
N PHE F 103 -48.15 11.62 20.41
CA PHE F 103 -46.72 11.57 20.80
C PHE F 103 -46.37 12.52 21.96
N GLU F 104 -46.98 13.69 21.98
CA GLU F 104 -46.73 14.66 23.06
C GLU F 104 -47.18 14.07 24.39
N GLN F 105 -48.38 13.47 24.38
CA GLN F 105 -48.86 12.70 25.53
C GLN F 105 -47.96 11.52 25.92
N ILE F 106 -47.48 10.78 24.93
CA ILE F 106 -46.55 9.67 25.16
C ILE F 106 -45.28 10.16 25.89
N GLY F 107 -44.79 11.32 25.47
CA GLY F 107 -43.67 11.97 26.13
C GLY F 107 -43.93 12.23 27.59
N LYS F 108 -45.05 12.88 27.92
CA LYS F 108 -45.41 13.19 29.29
C LYS F 108 -45.74 11.95 30.11
N ASP F 109 -46.07 10.83 29.46
CA ASP F 109 -46.44 9.64 30.24
C ASP F 109 -45.25 8.70 30.52
N VAL F 110 -44.34 8.50 29.56
CA VAL F 110 -43.22 7.57 29.68
C VAL F 110 -41.82 8.19 29.46
N GLY F 111 -41.76 9.48 29.14
CA GLY F 111 -40.48 10.13 28.82
C GLY F 111 -39.97 9.89 27.41
N ASN F 112 -38.69 10.18 27.19
CA ASN F 112 -38.00 9.92 25.92
C ASN F 112 -38.05 8.45 25.54
N ILE F 113 -38.06 8.17 24.25
CA ILE F 113 -38.23 6.81 23.78
C ILE F 113 -37.01 6.46 22.92
N ASP F 114 -36.94 5.20 22.49
CA ASP F 114 -35.77 4.74 21.77
C ASP F 114 -36.07 4.39 20.32
N GLY F 115 -37.35 4.29 19.96
CA GLY F 115 -37.62 4.04 18.54
C GLY F 115 -39.11 3.86 18.31
N VAL F 116 -39.51 3.72 17.05
CA VAL F 116 -40.90 3.55 16.70
C VAL F 116 -40.96 2.43 15.65
N TYR F 117 -41.88 1.50 15.81
CA TYR F 117 -42.20 0.51 14.76
C TYR F 117 -43.54 0.90 14.12
N HIS F 118 -43.51 1.07 12.81
CA HIS F 118 -44.64 1.59 12.06
C HIS F 118 -45.11 0.43 11.21
N SER F 119 -46.35 0.01 11.42
CA SER F 119 -46.86 -1.18 10.73
C SER F 119 -48.24 -0.82 10.18
N ILE F 120 -48.27 0.17 9.29
CA ILE F 120 -49.57 0.78 8.94
C ILE F 120 -49.62 1.04 7.43
N ALA F 121 -50.70 0.52 6.83
CA ALA F 121 -51.02 0.82 5.45
C ALA F 121 -52.51 0.69 5.29
N PHE F 122 -53.00 1.27 4.20
CA PHE F 122 -54.40 1.14 3.88
C PHE F 122 -54.66 1.60 2.45
N ALA F 123 -55.64 0.96 1.80
CA ALA F 123 -56.07 1.33 0.47
C ALA F 123 -57.49 0.80 0.30
N ASN F 124 -58.28 1.43 -0.57
CA ASN F 124 -59.61 0.91 -0.93
C ASN F 124 -59.55 -0.40 -1.73
N MET F 125 -60.38 -1.36 -1.32
CA MET F 125 -60.61 -2.58 -2.09
C MET F 125 -60.96 -2.24 -3.52
N GLU F 126 -61.74 -1.18 -3.72
CA GLU F 126 -62.32 -0.82 -5.01
C GLU F 126 -61.22 -0.42 -5.99
N ASP F 127 -60.30 0.42 -5.54
CA ASP F 127 -59.00 0.57 -6.19
C ASP F 127 -58.18 -0.73 -6.33
N LEU F 128 -57.89 -1.43 -5.23
CA LEU F 128 -57.09 -2.67 -5.28
C LEU F 128 -57.60 -3.73 -6.28
N ARG F 129 -58.92 -3.86 -6.45
CA ARG F 129 -59.51 -4.97 -7.20
C ARG F 129 -59.90 -4.58 -8.63
N GLY F 130 -59.44 -3.44 -9.10
CA GLY F 130 -59.60 -3.10 -10.51
C GLY F 130 -58.28 -3.24 -11.25
N ARG F 131 -58.21 -2.74 -12.48
CA ARG F 131 -56.92 -2.64 -13.12
C ARG F 131 -56.25 -1.45 -12.48
N PHE F 132 -54.93 -1.51 -12.31
CA PHE F 132 -54.21 -0.37 -11.75
C PHE F 132 -54.49 0.96 -12.47
N SER F 133 -54.56 0.90 -13.80
CA SER F 133 -54.82 2.08 -14.61
C SER F 133 -56.21 2.69 -14.37
N GLU F 134 -57.10 1.96 -13.73
CA GLU F 134 -58.39 2.53 -13.40
C GLU F 134 -58.42 3.09 -11.97
N THR F 135 -57.27 3.21 -11.30
CA THR F 135 -57.26 3.74 -9.91
C THR F 135 -57.85 5.18 -9.83
N SER F 136 -58.68 5.46 -8.83
CA SER F 136 -59.24 6.79 -8.64
C SER F 136 -58.15 7.69 -8.08
N ARG F 137 -58.26 9.00 -8.29
CA ARG F 137 -57.33 9.98 -7.74
C ARG F 137 -57.42 9.94 -6.22
N GLU F 138 -58.64 9.87 -5.69
CA GLU F 138 -58.80 9.97 -4.26
C GLU F 138 -58.33 8.70 -3.52
N GLY F 139 -58.58 7.52 -4.08
CA GLY F 139 -57.96 6.30 -3.57
C GLY F 139 -56.44 6.21 -3.71
N PHE F 140 -55.88 6.75 -4.79
CA PHE F 140 -54.42 6.84 -4.88
C PHE F 140 -53.83 7.71 -3.77
N LEU F 141 -54.40 8.87 -3.53
CA LEU F 141 -53.89 9.77 -2.50
C LEU F 141 -54.19 9.26 -1.09
N LEU F 142 -55.33 8.57 -0.89
CA LEU F 142 -55.63 7.82 0.35
C LEU F 142 -54.46 6.91 0.75
N ALA F 143 -53.99 6.15 -0.23
CA ALA F 143 -52.98 5.14 0.01
C ALA F 143 -51.60 5.81 0.23
N GLN F 144 -51.31 6.90 -0.44
CA GLN F 144 -50.08 7.66 -0.17
C GLN F 144 -50.14 8.26 1.26
N ASP F 145 -51.31 8.78 1.61
CA ASP F 145 -51.46 9.46 2.87
C ASP F 145 -51.17 8.48 4.02
N ILE F 146 -51.91 7.38 4.10
CA ILE F 146 -51.88 6.51 5.26
C ILE F 146 -50.64 5.67 5.20
N SER F 147 -50.22 5.26 4.01
CA SER F 147 -49.21 4.22 3.90
C SER F 147 -47.82 4.79 3.73
N SER F 148 -47.70 6.05 3.29
CA SER F 148 -46.36 6.64 3.16
C SER F 148 -46.14 7.90 3.99
N TYR F 149 -47.01 8.91 3.80
CA TYR F 149 -46.84 10.20 4.45
C TYR F 149 -46.84 9.98 5.94
N SER F 150 -47.66 9.05 6.39
CA SER F 150 -47.80 8.88 7.83
C SER F 150 -46.44 8.67 8.51
N LEU F 151 -45.53 8.03 7.81
CA LEU F 151 -44.17 7.84 8.36
C LEU F 151 -43.41 9.15 8.57
N THR F 152 -43.61 10.11 7.66
CA THR F 152 -42.87 11.37 7.69
C THR F 152 -43.28 12.20 8.91
N ILE F 153 -44.58 12.28 9.16
CA ILE F 153 -45.03 13.06 10.32
C ILE F 153 -44.83 12.34 11.67
N VAL F 154 -45.04 11.03 11.73
CA VAL F 154 -44.59 10.20 12.85
C VAL F 154 -43.10 10.42 13.18
N ALA F 155 -42.21 10.43 12.17
CA ALA F 155 -40.76 10.68 12.37
C ALA F 155 -40.50 12.05 12.98
N HIS F 156 -41.24 13.04 12.48
CA HIS F 156 -41.04 14.39 12.92
C HIS F 156 -41.48 14.60 14.37
N GLU F 157 -42.57 13.94 14.77
CA GLU F 157 -43.06 14.06 16.15
C GLU F 157 -42.33 13.12 17.10
N ALA F 158 -42.02 11.89 16.63
CA ALA F 158 -41.15 10.99 17.39
C ALA F 158 -39.75 11.57 17.70
N LYS F 159 -39.13 12.26 16.75
CA LYS F 159 -37.84 12.94 16.97
C LYS F 159 -37.81 13.77 18.26
N LYS F 160 -38.87 14.50 18.51
CA LYS F 160 -38.95 15.30 19.73
C LYS F 160 -38.61 14.50 20.97
N LEU F 161 -38.90 13.20 20.97
CA LEU F 161 -38.74 12.35 22.15
C LEU F 161 -37.49 11.51 22.09
N MET F 162 -36.65 11.79 21.11
CA MET F 162 -35.43 11.05 20.92
C MET F 162 -34.26 12.06 20.84
N PRO F 163 -34.06 12.86 21.92
CA PRO F 163 -33.04 13.91 21.86
C PRO F 163 -31.63 13.34 21.65
N GLU F 164 -31.43 12.09 22.09
CA GLU F 164 -30.16 11.42 21.94
C GLU F 164 -30.01 10.56 20.71
N GLY F 165 -31.06 10.38 19.92
CA GLY F 165 -30.97 9.45 18.77
C GLY F 165 -31.90 8.27 19.02
N GLY F 166 -32.10 7.45 18.01
CA GLY F 166 -33.06 6.36 18.11
C GLY F 166 -33.17 5.65 16.78
N SER F 167 -34.22 4.84 16.66
CA SER F 167 -34.39 4.05 15.45
C SER F 167 -35.85 4.02 15.03
N ILE F 168 -36.10 4.12 13.73
CA ILE F 168 -37.48 4.06 13.27
C ILE F 168 -37.60 3.02 12.20
N VAL F 169 -38.54 2.08 12.39
CA VAL F 169 -38.66 1.01 11.36
C VAL F 169 -40.10 0.97 10.80
N ALA F 170 -40.21 0.88 9.48
CA ALA F 170 -41.48 0.80 8.73
C ALA F 170 -41.59 -0.55 8.03
N THR F 171 -42.80 -0.98 7.73
CA THR F 171 -43.00 -2.30 7.11
C THR F 171 -43.41 -2.09 5.65
N THR F 172 -42.61 -2.67 4.77
CA THR F 172 -42.93 -2.67 3.35
C THR F 172 -43.03 -4.08 2.75
N TYR F 173 -43.30 -4.13 1.45
CA TYR F 173 -43.47 -5.39 0.76
C TYR F 173 -42.82 -5.22 -0.63
N LEU F 174 -42.42 -6.35 -1.20
CA LEU F 174 -41.63 -6.45 -2.40
C LEU F 174 -42.39 -5.84 -3.57
N GLY F 175 -43.70 -5.67 -3.41
CA GLY F 175 -44.48 -5.01 -4.45
C GLY F 175 -44.18 -3.51 -4.53
N GLY F 176 -43.33 -2.99 -3.66
CA GLY F 176 -42.86 -1.60 -3.79
C GLY F 176 -41.69 -1.45 -4.73
N GLU F 177 -41.08 -2.60 -5.09
CA GLU F 177 -39.88 -2.63 -5.89
C GLU F 177 -40.13 -3.24 -7.27
N PHE F 178 -41.16 -4.08 -7.42
CA PHE F 178 -41.47 -4.70 -8.71
C PHE F 178 -42.97 -4.66 -8.86
N ALA F 179 -43.48 -4.81 -10.08
CA ALA F 179 -44.91 -4.80 -10.24
C ALA F 179 -45.40 -6.21 -9.95
N VAL F 180 -46.11 -6.39 -8.83
CA VAL F 180 -46.69 -7.67 -8.43
C VAL F 180 -48.21 -7.67 -8.75
N GLN F 181 -48.73 -8.77 -9.32
CA GLN F 181 -50.15 -8.84 -9.67
C GLN F 181 -51.01 -8.52 -8.44
N ASN F 182 -52.06 -7.70 -8.63
CA ASN F 182 -53.12 -7.44 -7.65
C ASN F 182 -52.79 -6.40 -6.60
N TYR F 183 -51.53 -6.01 -6.53
CA TYR F 183 -51.10 -5.18 -5.42
C TYR F 183 -51.35 -3.71 -5.76
N ASN F 184 -51.29 -3.40 -7.04
CA ASN F 184 -51.85 -2.16 -7.62
C ASN F 184 -51.51 -0.85 -6.90
N VAL F 185 -52.48 -0.05 -6.52
CA VAL F 185 -52.19 1.19 -5.80
C VAL F 185 -51.30 1.03 -4.54
N MET F 186 -51.27 -0.13 -3.92
CA MET F 186 -50.41 -0.28 -2.74
C MET F 186 -48.91 -0.48 -3.12
N GLY F 187 -48.65 -1.09 -4.27
CA GLY F 187 -47.32 -1.10 -4.81
C GLY F 187 -46.76 0.30 -4.84
N VAL F 188 -47.49 1.22 -5.47
CA VAL F 188 -46.98 2.58 -5.65
C VAL F 188 -46.80 3.26 -4.27
N ALA F 189 -47.72 3.05 -3.33
CA ALA F 189 -47.60 3.56 -1.97
C ALA F 189 -46.39 2.98 -1.25
N LYS F 190 -46.01 1.75 -1.57
CA LYS F 190 -44.86 1.16 -0.89
C LYS F 190 -43.55 1.61 -1.51
N ALA F 191 -43.60 1.96 -2.81
CA ALA F 191 -42.43 2.54 -3.45
C ALA F 191 -42.15 3.91 -2.82
N SER F 192 -43.25 4.64 -2.62
CA SER F 192 -43.18 5.95 -2.03
C SER F 192 -42.58 5.78 -0.61
N LEU F 193 -43.03 4.76 0.13
CA LEU F 193 -42.63 4.54 1.52
C LEU F 193 -41.13 4.21 1.60
N GLU F 194 -40.67 3.44 0.64
CA GLU F 194 -39.29 3.06 0.64
C GLU F 194 -38.41 4.29 0.32
N ALA F 195 -38.95 5.30 -0.38
CA ALA F 195 -38.20 6.53 -0.70
C ALA F 195 -38.32 7.42 0.51
N ASN F 196 -39.48 7.35 1.16
CA ASN F 196 -39.67 8.12 2.41
C ASN F 196 -38.59 7.77 3.46
N VAL F 197 -38.37 6.48 3.65
CA VAL F 197 -37.28 5.92 4.47
C VAL F 197 -35.90 6.45 4.11
N LYS F 198 -35.49 6.40 2.85
CA LYS F 198 -34.16 6.90 2.52
C LYS F 198 -34.09 8.41 2.75
N TYR F 199 -35.14 9.15 2.42
CA TYR F 199 -35.11 10.60 2.59
C TYR F 199 -35.10 11.01 4.07
N LEU F 200 -35.86 10.28 4.89
CA LEU F 200 -35.79 10.49 6.35
C LEU F 200 -34.42 10.11 6.93
N ALA F 201 -33.81 9.05 6.39
CA ALA F 201 -32.50 8.60 6.85
C ALA F 201 -31.46 9.70 6.67
N LEU F 202 -31.49 10.34 5.51
CA LEU F 202 -30.52 11.38 5.15
C LEU F 202 -30.77 12.61 6.00
N ASP F 203 -32.05 12.91 6.23
CA ASP F 203 -32.46 14.13 6.96
C ASP F 203 -32.20 13.94 8.45
N LEU F 204 -32.47 12.76 9.00
CA LEU F 204 -32.46 12.61 10.48
C LEU F 204 -31.15 11.97 10.98
N GLY F 205 -30.33 11.49 10.04
CA GLY F 205 -29.03 10.92 10.36
C GLY F 205 -28.17 11.78 11.29
N PRO F 206 -28.05 13.09 10.98
CA PRO F 206 -27.18 13.95 11.79
C PRO F 206 -27.67 14.04 13.20
N ASP F 207 -28.91 13.58 13.41
CA ASP F 207 -29.57 13.63 14.72
C ASP F 207 -29.36 12.29 15.42
N ASN F 208 -28.63 11.37 14.76
CA ASN F 208 -28.41 10.00 15.24
C ASN F 208 -29.69 9.16 15.34
N ILE F 209 -30.62 9.43 14.42
CA ILE F 209 -31.85 8.66 14.27
C ILE F 209 -31.73 7.85 12.99
N ARG F 210 -31.71 6.52 13.14
CA ARG F 210 -31.62 5.67 11.94
C ARG F 210 -33.04 5.36 11.49
N VAL F 211 -33.21 5.20 10.19
CA VAL F 211 -34.53 4.93 9.63
C VAL F 211 -34.39 3.84 8.61
N ASN F 212 -35.18 2.78 8.77
CA ASN F 212 -35.02 1.60 7.93
C ASN F 212 -36.34 0.95 7.64
N ALA F 213 -36.34 -0.05 6.76
CA ALA F 213 -37.54 -0.83 6.51
C ALA F 213 -37.25 -2.33 6.55
N ILE F 214 -38.32 -3.06 6.83
CA ILE F 214 -38.34 -4.52 6.72
C ILE F 214 -39.28 -4.84 5.58
N SER F 215 -38.74 -5.43 4.51
CA SER F 215 -39.58 -5.99 3.46
C SER F 215 -40.11 -7.38 3.84
N ALA F 216 -41.32 -7.43 4.39
CA ALA F 216 -41.83 -8.71 4.87
C ALA F 216 -42.42 -9.53 3.73
N GLY F 217 -42.19 -10.85 3.81
CA GLY F 217 -42.87 -11.84 3.00
C GLY F 217 -44.34 -11.92 3.35
N PRO F 218 -45.12 -12.57 2.49
CA PRO F 218 -46.57 -12.63 2.77
C PRO F 218 -46.90 -13.41 4.05
N ILE F 219 -47.81 -12.85 4.86
CA ILE F 219 -48.26 -13.38 6.14
C ILE F 219 -49.78 -13.19 6.36
N ARG F 220 -50.49 -14.28 6.61
CA ARG F 220 -51.92 -14.23 6.72
C ARG F 220 -52.23 -13.35 7.91
N THR F 221 -52.76 -12.15 7.63
CA THR F 221 -53.23 -11.16 8.60
C THR F 221 -54.62 -10.69 8.19
N LEU F 222 -55.35 -9.96 9.04
CA LEU F 222 -56.57 -9.27 8.58
C LEU F 222 -56.43 -8.48 7.26
N SER F 223 -55.41 -7.65 7.11
CA SER F 223 -55.26 -6.79 5.93
C SER F 223 -54.84 -7.56 4.67
N ALA F 224 -54.23 -8.73 4.88
CA ALA F 224 -53.89 -9.66 3.78
C ALA F 224 -55.11 -9.99 2.94
N LYS F 225 -56.27 -10.03 3.61
CA LYS F 225 -57.51 -10.25 2.89
C LYS F 225 -57.76 -9.25 1.74
N GLY F 226 -56.98 -8.18 1.66
CA GLY F 226 -57.30 -7.11 0.72
C GLY F 226 -56.45 -7.35 -0.51
N VAL F 227 -55.61 -8.37 -0.47
CA VAL F 227 -54.78 -8.67 -1.63
C VAL F 227 -55.39 -9.84 -2.43
N GLY F 228 -55.98 -9.58 -3.60
CA GLY F 228 -56.33 -10.70 -4.50
C GLY F 228 -55.26 -11.78 -4.67
N GLY F 229 -55.69 -13.03 -4.83
CA GLY F 229 -54.77 -14.15 -5.10
C GLY F 229 -53.69 -14.42 -4.05
N PHE F 230 -53.91 -13.92 -2.83
CA PHE F 230 -52.96 -14.08 -1.74
C PHE F 230 -52.54 -15.54 -1.46
N ASN F 231 -53.49 -16.47 -1.52
CA ASN F 231 -53.14 -17.86 -1.31
C ASN F 231 -52.19 -18.35 -2.39
N THR F 232 -52.32 -17.85 -3.61
CA THR F 232 -51.36 -18.29 -4.62
C THR F 232 -49.98 -17.64 -4.42
N ILE F 233 -49.92 -16.48 -3.74
CA ILE F 233 -48.66 -15.84 -3.36
C ILE F 233 -47.94 -16.63 -2.26
N LEU F 234 -48.68 -17.09 -1.25
CA LEU F 234 -48.10 -17.93 -0.21
C LEU F 234 -47.49 -19.20 -0.80
N LYS F 235 -48.25 -19.88 -1.65
CA LYS F 235 -47.82 -21.14 -2.22
C LYS F 235 -46.56 -20.95 -3.07
N GLU F 236 -46.46 -19.82 -3.76
CA GLU F 236 -45.30 -19.58 -4.63
C GLU F 236 -44.00 -19.36 -3.81
N ILE F 237 -44.08 -18.71 -2.65
CA ILE F 237 -42.95 -18.67 -1.73
C ILE F 237 -42.44 -20.06 -1.34
N GLU F 238 -43.36 -20.91 -0.91
CA GLU F 238 -43.02 -22.23 -0.43
C GLU F 238 -42.35 -23.00 -1.55
N GLU F 239 -42.80 -22.79 -2.79
CA GLU F 239 -42.28 -23.54 -3.92
C GLU F 239 -40.98 -22.98 -4.50
N ARG F 240 -40.83 -21.66 -4.45
CA ARG F 240 -39.74 -21.04 -5.20
C ARG F 240 -38.68 -20.29 -4.40
N ALA F 241 -39.00 -19.73 -3.22
CA ALA F 241 -38.02 -19.04 -2.38
C ALA F 241 -36.91 -19.98 -1.90
N PRO F 242 -35.68 -19.45 -1.76
CA PRO F 242 -34.57 -20.19 -1.20
C PRO F 242 -34.94 -21.11 -0.04
N LEU F 243 -35.64 -20.61 0.97
CA LEU F 243 -35.89 -21.43 2.16
C LEU F 243 -37.05 -22.37 1.96
N LYS F 244 -37.87 -22.11 0.95
CA LYS F 244 -38.92 -23.06 0.61
C LYS F 244 -40.00 -23.11 1.69
N ARG F 245 -40.16 -22.01 2.43
CA ARG F 245 -41.27 -21.92 3.36
C ARG F 245 -41.60 -20.43 3.49
N ASN F 246 -42.74 -20.16 4.12
CA ASN F 246 -43.15 -18.79 4.35
C ASN F 246 -42.61 -18.31 5.69
N VAL F 247 -42.66 -17.02 5.98
CA VAL F 247 -42.10 -16.51 7.23
C VAL F 247 -43.25 -16.21 8.16
N ASP F 248 -42.94 -15.83 9.40
CA ASP F 248 -44.00 -15.36 10.26
C ASP F 248 -43.67 -14.04 10.91
N GLN F 249 -44.60 -13.61 11.74
CA GLN F 249 -44.60 -12.29 12.36
C GLN F 249 -43.44 -12.19 13.35
N VAL F 250 -43.12 -13.30 14.02
CA VAL F 250 -42.00 -13.38 14.97
C VAL F 250 -40.65 -13.23 14.24
N GLU F 251 -40.55 -13.75 13.02
CA GLU F 251 -39.33 -13.55 12.25
C GLU F 251 -39.13 -12.08 11.90
N VAL F 252 -40.25 -11.36 11.73
CA VAL F 252 -40.21 -9.95 11.41
C VAL F 252 -39.78 -9.24 12.68
N GLY F 253 -40.41 -9.63 13.79
CA GLY F 253 -40.06 -9.11 15.12
C GLY F 253 -38.60 -9.27 15.46
N LYS F 254 -38.00 -10.40 15.09
CA LYS F 254 -36.58 -10.63 15.42
C LYS F 254 -35.66 -9.68 14.63
N THR F 255 -35.93 -9.47 13.34
CA THR F 255 -35.22 -8.46 12.57
C THR F 255 -35.53 -7.03 13.04
N ALA F 256 -36.77 -6.75 13.42
CA ALA F 256 -37.12 -5.47 14.05
C ALA F 256 -36.28 -5.15 15.29
N ALA F 257 -36.13 -6.13 16.18
CA ALA F 257 -35.26 -6.08 17.34
C ALA F 257 -33.85 -5.65 16.93
N TYR F 258 -33.33 -6.28 15.88
CA TYR F 258 -32.00 -5.95 15.44
C TYR F 258 -31.96 -4.48 15.02
N LEU F 259 -32.91 -4.06 14.18
CA LEU F 259 -32.92 -2.70 13.59
C LEU F 259 -33.13 -1.59 14.61
N LEU F 260 -33.74 -1.96 15.73
CA LEU F 260 -34.20 -0.99 16.70
C LEU F 260 -33.19 -0.92 17.83
N SER F 261 -32.30 -1.91 17.83
CA SER F 261 -31.23 -2.02 18.80
C SER F 261 -29.90 -1.45 18.28
N ASP F 262 -28.94 -1.34 19.20
CA ASP F 262 -27.57 -0.97 18.86
C ASP F 262 -26.84 -2.01 18.00
N LEU F 263 -27.36 -3.21 17.80
CA LEU F 263 -26.68 -4.11 16.88
C LEU F 263 -26.60 -3.52 15.47
N SER F 264 -27.52 -2.64 15.12
CA SER F 264 -27.58 -2.15 13.74
C SER F 264 -27.09 -0.72 13.62
N SER F 265 -26.24 -0.31 14.57
CA SER F 265 -25.77 1.09 14.66
C SER F 265 -25.15 1.73 13.40
N GLY F 266 -24.54 0.98 12.48
CA GLY F 266 -24.11 1.70 11.27
C GLY F 266 -25.02 1.51 10.06
N VAL F 267 -26.24 1.06 10.34
CA VAL F 267 -27.25 0.73 9.37
C VAL F 267 -28.43 1.75 9.35
N THR F 268 -28.58 2.42 8.22
CA THR F 268 -29.68 3.33 8.01
C THR F 268 -29.96 3.49 6.51
N GLY F 269 -31.19 3.78 6.13
CA GLY F 269 -31.54 3.88 4.70
C GLY F 269 -31.67 2.49 4.10
N GLU F 270 -31.78 1.46 4.93
CA GLU F 270 -31.75 0.08 4.46
C GLU F 270 -33.17 -0.55 4.37
N ASN F 271 -33.33 -1.47 3.40
CA ASN F 271 -34.47 -2.38 3.28
C ASN F 271 -34.09 -3.86 3.51
N ILE F 272 -34.39 -4.37 4.69
CA ILE F 272 -34.16 -5.79 4.98
C ILE F 272 -35.37 -6.65 4.64
N HIS F 273 -35.14 -7.57 3.71
CA HIS F 273 -36.12 -8.54 3.27
C HIS F 273 -36.14 -9.74 4.22
N VAL F 274 -37.27 -9.86 4.90
CA VAL F 274 -37.49 -11.00 5.77
C VAL F 274 -38.51 -11.90 5.08
N ASP F 275 -38.06 -12.53 4.01
CA ASP F 275 -38.99 -13.20 3.12
C ASP F 275 -38.45 -14.53 2.58
N SER F 276 -37.61 -15.23 3.35
CA SER F 276 -37.07 -16.50 2.88
C SER F 276 -36.27 -16.45 1.58
N GLY F 277 -35.75 -15.28 1.19
CA GLY F 277 -34.83 -15.21 0.03
C GLY F 277 -35.52 -14.82 -1.27
N PHE F 278 -36.84 -14.68 -1.20
CA PHE F 278 -37.64 -14.55 -2.42
C PHE F 278 -37.23 -13.33 -3.28
N HIS F 279 -36.86 -12.22 -2.63
CA HIS F 279 -36.36 -11.05 -3.34
C HIS F 279 -35.16 -11.36 -4.23
N ALA F 280 -34.37 -12.41 -3.94
CA ALA F 280 -33.09 -12.61 -4.59
C ALA F 280 -33.20 -13.48 -5.82
N ILE F 281 -34.40 -13.98 -6.05
CA ILE F 281 -34.61 -14.95 -7.10
C ILE F 281 -35.57 -14.46 -8.18
N LYS F 282 -35.44 -15.08 -9.34
CA LYS F 282 -36.36 -14.90 -10.45
C LYS F 282 -36.48 -16.25 -11.17
N ASN G 29 -27.74 -14.31 22.40
CA ASN G 29 -26.71 -15.10 23.12
C ASN G 29 -26.29 -16.37 22.40
N LEU G 30 -25.00 -16.49 22.07
CA LEU G 30 -24.52 -17.61 21.26
C LEU G 30 -23.67 -18.68 21.99
N GLU G 31 -23.93 -18.93 23.27
CA GLU G 31 -23.30 -20.07 23.94
C GLU G 31 -23.67 -21.39 23.25
N ASN G 32 -22.70 -22.30 23.22
CA ASN G 32 -22.89 -23.60 22.58
C ASN G 32 -23.01 -23.54 21.05
N LYS G 33 -22.86 -22.34 20.49
CA LYS G 33 -22.58 -22.12 19.06
C LYS G 33 -21.08 -22.14 18.75
N THR G 34 -20.75 -22.58 17.53
CA THR G 34 -19.39 -22.46 16.98
C THR G 34 -19.41 -21.81 15.60
N TYR G 35 -18.44 -20.94 15.33
CA TYR G 35 -18.25 -20.27 14.03
C TYR G 35 -16.79 -20.29 13.53
N VAL G 36 -16.56 -20.68 12.28
CA VAL G 36 -15.28 -20.49 11.61
C VAL G 36 -15.20 -19.06 11.07
N ILE G 37 -14.14 -18.35 11.41
CA ILE G 37 -13.92 -16.97 10.99
C ILE G 37 -12.67 -16.95 10.12
N MET G 38 -12.81 -16.59 8.85
CA MET G 38 -11.69 -16.65 7.91
C MET G 38 -11.22 -15.26 7.51
N GLY G 39 -9.92 -14.99 7.65
CA GLY G 39 -9.34 -13.74 7.14
C GLY G 39 -8.94 -12.68 8.15
N ILE G 40 -8.57 -13.11 9.35
CA ILE G 40 -7.90 -12.19 10.27
C ILE G 40 -6.41 -12.18 9.94
N ALA G 41 -5.88 -10.96 9.76
CA ALA G 41 -4.42 -10.69 9.75
C ALA G 41 -3.88 -9.88 10.95
N ASN G 42 -4.65 -8.95 11.52
CA ASN G 42 -4.17 -8.19 12.68
C ASN G 42 -5.31 -7.54 13.45
N LYS G 43 -5.02 -6.68 14.42
CA LYS G 43 -6.09 -6.05 15.22
CA LYS G 43 -6.08 -6.04 15.23
C LYS G 43 -7.05 -5.23 14.35
N ARG G 44 -6.61 -4.80 13.17
CA ARG G 44 -7.48 -3.93 12.33
C ARG G 44 -8.37 -4.67 11.35
N SER G 45 -8.18 -5.97 11.20
CA SER G 45 -9.06 -6.75 10.36
C SER G 45 -10.53 -6.63 10.78
N ILE G 46 -11.37 -6.43 9.79
CA ILE G 46 -12.82 -6.57 9.91
C ILE G 46 -13.17 -7.90 10.57
N ALA G 47 -12.49 -8.97 10.17
CA ALA G 47 -12.79 -10.26 10.82
C ALA G 47 -12.46 -10.27 12.32
N PHE G 48 -11.55 -9.41 12.77
CA PHE G 48 -11.28 -9.31 14.20
C PHE G 48 -12.40 -8.59 14.97
N GLY G 49 -13.07 -7.66 14.30
CA GLY G 49 -14.28 -7.07 14.84
C GLY G 49 -15.38 -8.10 15.02
N VAL G 50 -15.55 -8.96 14.03
CA VAL G 50 -16.48 -10.09 14.12
C VAL G 50 -16.18 -10.97 15.36
N ALA G 51 -14.93 -11.42 15.46
CA ALA G 51 -14.48 -12.21 16.60
C ALA G 51 -14.79 -11.60 17.98
N LYS G 52 -14.35 -10.37 18.21
CA LYS G 52 -14.68 -9.66 19.46
C LYS G 52 -16.17 -9.68 19.73
N VAL G 53 -16.99 -9.48 18.69
CA VAL G 53 -18.43 -9.46 18.95
C VAL G 53 -18.96 -10.86 19.29
N LEU G 54 -18.57 -11.87 18.52
CA LEU G 54 -19.05 -13.24 18.73
C LEU G 54 -18.43 -13.90 19.97
N ASP G 55 -17.25 -13.44 20.34
CA ASP G 55 -16.58 -13.91 21.53
C ASP G 55 -17.28 -13.35 22.77
N GLN G 56 -17.65 -12.07 22.73
CA GLN G 56 -18.42 -11.45 23.82
C GLN G 56 -19.81 -12.06 24.00
N LEU G 57 -20.37 -12.59 22.92
CA LEU G 57 -21.67 -13.25 22.99
C LEU G 57 -21.56 -14.70 23.43
N GLY G 58 -20.35 -15.24 23.48
CA GLY G 58 -20.18 -16.54 24.09
C GLY G 58 -19.94 -17.66 23.09
N ALA G 59 -19.96 -17.33 21.81
CA ALA G 59 -19.62 -18.27 20.74
C ALA G 59 -18.22 -18.85 20.94
N LYS G 60 -18.08 -20.13 20.55
CA LYS G 60 -16.78 -20.75 20.40
C LYS G 60 -16.32 -20.44 18.97
N LEU G 61 -15.05 -20.08 18.82
CA LEU G 61 -14.49 -19.58 17.55
C LEU G 61 -13.31 -20.41 17.04
N VAL G 62 -13.28 -20.59 15.73
CA VAL G 62 -12.23 -21.32 15.01
C VAL G 62 -11.77 -20.31 13.98
N PHE G 63 -10.46 -20.20 13.78
CA PHE G 63 -9.91 -19.15 12.92
C PHE G 63 -9.05 -19.77 11.82
N THR G 64 -9.21 -19.31 10.58
CA THR G 64 -8.30 -19.71 9.52
C THR G 64 -7.46 -18.54 8.96
N TYR G 65 -6.27 -18.85 8.46
CA TYR G 65 -5.28 -17.84 8.06
C TYR G 65 -4.53 -18.37 6.84
N ARG G 66 -3.91 -17.49 6.05
CA ARG G 66 -3.01 -17.91 4.97
C ARG G 66 -1.53 -17.93 5.38
N LYS G 67 -0.98 -16.75 5.66
CA LYS G 67 0.42 -16.58 6.01
C LYS G 67 0.67 -16.96 7.44
N GLU G 68 1.86 -17.53 7.68
CA GLU G 68 2.26 -17.83 9.04
C GLU G 68 2.28 -16.56 9.90
N ARG G 69 2.57 -15.41 9.30
CA ARG G 69 2.57 -14.17 10.06
C ARG G 69 1.19 -13.82 10.62
N SER G 70 0.13 -14.12 9.88
CA SER G 70 -1.22 -13.89 10.38
C SER G 70 -1.52 -14.87 11.54
N ARG G 71 -1.05 -16.10 11.41
CA ARG G 71 -1.17 -17.03 12.53
C ARG G 71 -0.51 -16.51 13.80
N LYS G 72 0.66 -15.89 13.70
CA LYS G 72 1.33 -15.33 14.88
C LYS G 72 0.53 -14.19 15.50
N GLU G 73 -0.12 -13.39 14.65
CA GLU G 73 -0.99 -12.32 15.09
C GLU G 73 -2.25 -12.87 15.80
N LEU G 74 -2.77 -13.98 15.28
CA LEU G 74 -3.91 -14.66 15.89
C LEU G 74 -3.56 -15.21 17.26
N GLU G 75 -2.35 -15.73 17.43
CA GLU G 75 -1.94 -16.20 18.75
C GLU G 75 -1.92 -15.06 19.80
N LYS G 76 -1.34 -13.91 19.44
CA LYS G 76 -1.41 -12.69 20.25
C LYS G 76 -2.82 -12.19 20.50
N LEU G 77 -3.62 -12.06 19.45
CA LEU G 77 -4.96 -11.48 19.57
C LEU G 77 -5.89 -12.37 20.39
N LEU G 78 -5.66 -13.68 20.32
CA LEU G 78 -6.44 -14.61 21.12
C LEU G 78 -6.41 -14.28 22.63
N GLU G 79 -5.31 -13.71 23.11
CA GLU G 79 -5.18 -13.36 24.52
C GLU G 79 -6.19 -12.33 24.98
N GLN G 80 -6.76 -11.62 24.01
CA GLN G 80 -7.78 -10.60 24.23
C GLN G 80 -9.19 -11.17 24.34
N LEU G 81 -9.42 -12.30 23.68
CA LEU G 81 -10.72 -12.96 23.66
C LEU G 81 -10.94 -13.87 24.87
N ASN G 82 -12.20 -14.23 25.12
CA ASN G 82 -12.54 -15.17 26.19
C ASN G 82 -12.25 -16.61 25.81
N GLN G 83 -11.74 -16.83 24.61
CA GLN G 83 -11.66 -18.18 24.04
C GLN G 83 -10.71 -19.05 24.82
N PRO G 84 -11.24 -20.11 25.47
CA PRO G 84 -10.42 -20.97 26.32
C PRO G 84 -9.37 -21.80 25.57
N GLU G 85 -9.54 -22.02 24.26
CA GLU G 85 -8.48 -22.64 23.47
C GLU G 85 -8.42 -22.18 22.03
N ALA G 86 -7.21 -22.24 21.48
CA ALA G 86 -6.91 -21.70 20.17
C ALA G 86 -7.21 -22.78 19.15
N HIS G 87 -8.12 -22.50 18.23
CA HIS G 87 -8.36 -23.38 17.10
C HIS G 87 -7.96 -22.72 15.76
N LEU G 88 -6.73 -22.94 15.31
CA LEU G 88 -6.19 -22.23 14.15
C LEU G 88 -5.84 -23.17 13.00
N TYR G 89 -6.15 -22.76 11.78
CA TYR G 89 -6.02 -23.65 10.65
C TYR G 89 -5.49 -22.83 9.48
N GLN G 90 -4.45 -23.32 8.82
CA GLN G 90 -3.92 -22.68 7.62
C GLN G 90 -4.82 -23.07 6.49
N ILE G 91 -5.51 -22.11 5.88
CA ILE G 91 -6.27 -22.40 4.68
C ILE G 91 -5.99 -21.31 3.67
N ASP G 92 -5.21 -21.66 2.65
CA ASP G 92 -5.16 -20.80 1.48
C ASP G 92 -6.28 -21.17 0.51
N VAL G 93 -7.24 -20.27 0.37
CA VAL G 93 -8.44 -20.53 -0.43
C VAL G 93 -8.15 -20.66 -1.94
N GLN G 94 -6.93 -20.34 -2.37
CA GLN G 94 -6.54 -20.74 -3.72
C GLN G 94 -6.40 -22.26 -3.89
N SER G 95 -6.38 -22.99 -2.78
CA SER G 95 -6.07 -24.43 -2.86
C SER G 95 -7.25 -25.30 -2.49
N ASP G 96 -7.72 -26.11 -3.44
CA ASP G 96 -8.83 -27.02 -3.19
C ASP G 96 -8.53 -27.92 -1.99
N GLU G 97 -7.34 -28.52 -1.98
CA GLU G 97 -6.95 -29.39 -0.87
C GLU G 97 -6.96 -28.69 0.48
N GLU G 98 -6.50 -27.45 0.55
CA GLU G 98 -6.40 -26.81 1.85
C GLU G 98 -7.78 -26.43 2.39
N VAL G 99 -8.69 -26.02 1.52
CA VAL G 99 -10.06 -25.79 1.95
C VAL G 99 -10.69 -27.12 2.38
N ILE G 100 -10.57 -28.13 1.52
CA ILE G 100 -11.13 -29.46 1.79
C ILE G 100 -10.62 -30.06 3.10
N ASN G 101 -9.29 -30.04 3.27
CA ASN G 101 -8.62 -30.66 4.42
C ASN G 101 -8.75 -29.83 5.70
N GLY G 102 -8.69 -28.50 5.58
CA GLY G 102 -8.89 -27.60 6.70
C GLY G 102 -10.25 -27.78 7.37
N PHE G 103 -11.32 -27.75 6.58
CA PHE G 103 -12.67 -27.95 7.11
C PHE G 103 -12.90 -29.36 7.68
N GLU G 104 -12.49 -30.37 6.95
CA GLU G 104 -12.49 -31.74 7.49
C GLU G 104 -11.77 -31.85 8.84
N GLN G 105 -10.59 -31.25 8.95
CA GLN G 105 -9.90 -31.18 10.24
C GLN G 105 -10.68 -30.41 11.31
N ILE G 106 -11.37 -29.34 10.92
CA ILE G 106 -12.18 -28.57 11.87
C ILE G 106 -13.31 -29.39 12.48
N GLY G 107 -14.00 -30.13 11.61
CA GLY G 107 -15.09 -30.99 12.02
C GLY G 107 -14.62 -32.06 12.99
N LYS G 108 -13.42 -32.61 12.77
CA LYS G 108 -12.85 -33.60 13.69
C LYS G 108 -12.45 -33.02 15.03
N ASP G 109 -11.97 -31.77 15.01
CA ASP G 109 -11.49 -31.11 16.23
C ASP G 109 -12.56 -30.53 17.14
N VAL G 110 -13.62 -29.96 16.56
CA VAL G 110 -14.66 -29.32 17.37
C VAL G 110 -16.10 -29.74 17.07
N GLY G 111 -16.28 -30.71 16.16
CA GLY G 111 -17.63 -31.13 15.74
C GLY G 111 -18.33 -30.20 14.77
N ASN G 112 -19.62 -30.39 14.59
CA ASN G 112 -20.44 -29.56 13.70
C ASN G 112 -20.43 -28.06 13.98
N ILE G 113 -20.55 -27.23 12.95
CA ILE G 113 -20.52 -25.80 13.20
C ILE G 113 -21.89 -25.13 13.00
N ASP G 114 -21.94 -23.83 13.31
CA ASP G 114 -23.14 -23.04 13.08
C ASP G 114 -23.00 -22.03 11.94
N GLY G 115 -21.78 -21.75 11.49
CA GLY G 115 -21.61 -20.71 10.47
C GLY G 115 -20.17 -20.44 10.11
N VAL G 116 -19.98 -19.67 9.05
CA VAL G 116 -18.67 -19.23 8.60
C VAL G 116 -18.75 -17.72 8.32
N TYR G 117 -17.77 -16.97 8.77
CA TYR G 117 -17.66 -15.57 8.37
C TYR G 117 -16.51 -15.46 7.36
N HIS G 118 -16.78 -15.04 6.14
CA HIS G 118 -15.78 -15.05 5.11
C HIS G 118 -15.33 -13.61 4.97
N SER G 119 -14.04 -13.34 5.18
CA SER G 119 -13.52 -11.97 5.15
C SER G 119 -12.23 -11.96 4.36
N ILE G 120 -12.33 -12.41 3.10
CA ILE G 120 -11.15 -12.63 2.26
C ILE G 120 -11.30 -12.08 0.84
N ALA G 121 -10.28 -11.35 0.39
CA ALA G 121 -10.20 -10.87 -0.99
C ALA G 121 -8.76 -10.62 -1.36
N PHE G 122 -8.52 -10.49 -2.66
CA PHE G 122 -7.19 -10.14 -3.13
C PHE G 122 -7.18 -9.78 -4.63
N ALA G 123 -6.31 -8.86 -5.02
CA ALA G 123 -6.07 -8.52 -6.42
C ALA G 123 -4.68 -7.93 -6.37
N ASN G 124 -3.92 -8.01 -7.48
CA ASN G 124 -2.62 -7.34 -7.64
C ASN G 124 -2.79 -5.80 -7.59
N MET G 125 -1.83 -5.13 -6.99
CA MET G 125 -1.81 -3.67 -7.05
C MET G 125 -1.60 -3.16 -8.46
N GLU G 126 -0.88 -3.90 -9.30
CA GLU G 126 -0.57 -3.44 -10.66
C GLU G 126 -1.77 -3.44 -11.63
N ASP G 127 -2.81 -4.22 -11.34
CA ASP G 127 -4.06 -3.77 -11.91
C ASP G 127 -5.10 -3.53 -10.84
N LEU G 128 -4.76 -2.69 -9.88
CA LEU G 128 -5.76 -1.89 -9.19
C LEU G 128 -5.36 -0.45 -9.44
N ARG G 129 -4.07 -0.24 -9.71
CA ARG G 129 -3.51 1.09 -9.95
C ARG G 129 -3.37 1.41 -11.45
N GLY G 130 -4.04 0.65 -12.30
CA GLY G 130 -4.08 0.97 -13.72
C GLY G 130 -5.47 1.47 -14.10
N ARG G 131 -5.67 1.82 -15.37
CA ARG G 131 -7.01 1.96 -15.90
C ARG G 131 -7.66 0.60 -15.78
N PHE G 132 -8.96 0.54 -15.51
CA PHE G 132 -9.62 -0.77 -15.53
C PHE G 132 -9.48 -1.50 -16.87
N SER G 133 -9.59 -0.76 -17.99
CA SER G 133 -9.53 -1.40 -19.32
C SER G 133 -8.21 -2.09 -19.62
N GLU G 134 -7.22 -1.84 -18.77
CA GLU G 134 -5.86 -2.39 -18.94
C GLU G 134 -5.64 -3.59 -18.00
N THR G 135 -6.66 -4.00 -17.24
CA THR G 135 -6.51 -5.19 -16.40
C THR G 135 -6.06 -6.39 -17.25
N SER G 136 -5.07 -7.11 -16.70
CA SER G 136 -4.55 -8.40 -17.17
C SER G 136 -5.53 -9.55 -16.94
N ARG G 137 -5.55 -10.48 -17.91
CA ARG G 137 -6.36 -11.69 -17.76
C ARG G 137 -6.03 -12.36 -16.43
N GLU G 138 -4.74 -12.46 -16.14
CA GLU G 138 -4.25 -13.30 -15.06
C GLU G 138 -4.61 -12.63 -13.73
N GLY G 139 -4.53 -11.30 -13.66
CA GLY G 139 -4.97 -10.56 -12.47
C GLY G 139 -6.48 -10.45 -12.26
N PHE G 140 -7.20 -10.43 -13.38
CA PHE G 140 -8.67 -10.45 -13.33
C PHE G 140 -9.13 -11.80 -12.79
N LEU G 141 -8.56 -12.88 -13.32
CA LEU G 141 -8.96 -14.21 -12.83
C LEU G 141 -8.49 -14.48 -11.40
N LEU G 142 -7.33 -13.90 -11.01
CA LEU G 142 -6.80 -14.03 -9.65
C LEU G 142 -7.78 -13.44 -8.64
N ALA G 143 -8.32 -12.25 -8.99
CA ALA G 143 -9.22 -11.52 -8.16
C ALA G 143 -10.57 -12.27 -7.98
N GLN G 144 -11.11 -12.79 -9.08
CA GLN G 144 -12.23 -13.75 -9.02
C GLN G 144 -12.01 -15.01 -8.16
N ASP G 145 -10.87 -15.64 -8.38
CA ASP G 145 -10.52 -16.86 -7.67
C ASP G 145 -10.58 -16.68 -6.14
N ILE G 146 -9.90 -15.66 -5.62
CA ILE G 146 -9.70 -15.51 -4.19
C ILE G 146 -10.85 -14.78 -3.56
N SER G 147 -11.38 -13.80 -4.29
CA SER G 147 -12.41 -12.95 -3.70
C SER G 147 -13.82 -13.45 -3.96
N SER G 148 -13.98 -14.42 -4.87
CA SER G 148 -15.35 -14.85 -5.20
C SER G 148 -15.50 -16.37 -5.14
N TYR G 149 -14.70 -17.07 -5.94
CA TYR G 149 -14.84 -18.51 -5.96
C TYR G 149 -14.61 -19.08 -4.58
N SER G 150 -13.69 -18.52 -3.81
CA SER G 150 -13.42 -19.07 -2.50
C SER G 150 -14.68 -19.25 -1.65
N LEU G 151 -15.69 -18.41 -1.85
CA LEU G 151 -16.95 -18.57 -1.09
C LEU G 151 -17.73 -19.85 -1.42
N THR G 152 -17.80 -20.13 -2.72
CA THR G 152 -18.46 -21.31 -3.20
C THR G 152 -17.83 -22.59 -2.66
N ILE G 153 -16.50 -22.68 -2.74
CA ILE G 153 -15.84 -23.89 -2.25
C ILE G 153 -15.89 -24.00 -0.73
N VAL G 154 -15.69 -22.90 -0.01
CA VAL G 154 -15.85 -22.88 1.44
C VAL G 154 -17.25 -23.37 1.87
N ALA G 155 -18.27 -22.92 1.15
CA ALA G 155 -19.66 -23.25 1.44
C ALA G 155 -19.92 -24.74 1.19
N HIS G 156 -19.30 -25.31 0.15
CA HIS G 156 -19.49 -26.71 -0.14
C HIS G 156 -18.90 -27.58 0.95
N GLU G 157 -17.78 -27.14 1.54
CA GLU G 157 -17.04 -27.96 2.49
C GLU G 157 -17.56 -27.67 3.89
N ALA G 158 -17.92 -26.41 4.15
CA ALA G 158 -18.51 -26.06 5.43
C ALA G 158 -19.90 -26.68 5.60
N LYS G 159 -20.56 -26.93 4.47
CA LYS G 159 -21.89 -27.52 4.49
C LYS G 159 -21.85 -28.90 5.17
N LYS G 160 -20.75 -29.62 4.99
CA LYS G 160 -20.60 -30.96 5.56
C LYS G 160 -20.66 -30.96 7.10
N LEU G 161 -20.43 -29.80 7.70
CA LEU G 161 -20.40 -29.64 9.16
C LEU G 161 -21.64 -28.93 9.66
N MET G 162 -22.65 -28.84 8.82
CA MET G 162 -23.85 -28.15 9.24
C MET G 162 -25.04 -29.00 8.86
N PRO G 163 -25.08 -30.27 9.33
CA PRO G 163 -26.15 -31.14 8.88
C PRO G 163 -27.56 -30.59 9.17
N GLU G 164 -27.68 -29.73 10.20
CA GLU G 164 -28.96 -29.25 10.70
CA GLU G 164 -28.98 -29.26 10.69
C GLU G 164 -29.22 -27.78 10.33
N GLY G 165 -28.35 -27.23 9.51
CA GLY G 165 -28.49 -25.85 9.07
C GLY G 165 -27.45 -24.91 9.66
N GLY G 166 -27.36 -23.73 9.06
CA GLY G 166 -26.50 -22.66 9.58
C GLY G 166 -26.50 -21.40 8.76
N SER G 167 -25.43 -20.62 8.92
CA SER G 167 -25.38 -19.27 8.34
C SER G 167 -23.99 -18.94 7.79
N ILE G 168 -23.93 -18.52 6.54
CA ILE G 168 -22.68 -18.10 5.91
C ILE G 168 -22.72 -16.61 5.52
N VAL G 169 -21.68 -15.87 5.91
CA VAL G 169 -21.62 -14.44 5.67
C VAL G 169 -20.28 -14.07 5.04
N ALA G 170 -20.36 -13.35 3.93
CA ALA G 170 -19.22 -12.83 3.20
C ALA G 170 -19.24 -11.29 3.32
N THR G 171 -18.11 -10.65 3.05
CA THR G 171 -18.01 -9.21 3.26
C THR G 171 -17.77 -8.60 1.87
N THR G 172 -18.59 -7.63 1.51
CA THR G 172 -18.39 -7.04 0.20
C THR G 172 -18.28 -5.52 0.33
N TYR G 173 -18.24 -4.86 -0.81
CA TYR G 173 -18.20 -3.40 -0.78
C TYR G 173 -18.98 -2.80 -1.96
N LEU G 174 -19.49 -1.59 -1.69
CA LEU G 174 -20.35 -0.83 -2.57
C LEU G 174 -19.87 -0.84 -4.02
N GLY G 175 -18.54 -0.97 -4.18
CA GLY G 175 -17.95 -1.04 -5.54
C GLY G 175 -18.34 -2.28 -6.34
N GLY G 176 -19.04 -3.19 -5.67
CA GLY G 176 -19.61 -4.38 -6.31
C GLY G 176 -20.92 -4.04 -7.00
N GLU G 177 -21.55 -2.97 -6.52
CA GLU G 177 -22.80 -2.44 -7.07
C GLU G 177 -22.66 -1.28 -8.06
N PHE G 178 -21.62 -0.45 -7.92
CA PHE G 178 -21.50 0.79 -8.71
C PHE G 178 -20.05 0.91 -9.06
N ALA G 179 -19.73 1.60 -10.16
CA ALA G 179 -18.34 1.77 -10.53
C ALA G 179 -17.82 2.88 -9.62
N VAL G 180 -16.98 2.53 -8.64
CA VAL G 180 -16.28 3.49 -7.76
C VAL G 180 -14.85 3.71 -8.30
N GLN G 181 -14.32 4.93 -8.24
CA GLN G 181 -12.94 5.16 -8.75
C GLN G 181 -11.90 4.32 -7.98
N ASN G 182 -10.97 3.72 -8.72
CA ASN G 182 -9.73 3.14 -8.18
C ASN G 182 -9.90 1.69 -7.79
N TYR G 183 -11.14 1.22 -7.75
CA TYR G 183 -11.45 -0.08 -7.20
C TYR G 183 -11.47 -1.14 -8.29
N ASN G 184 -11.78 -0.71 -9.52
CA ASN G 184 -11.48 -1.47 -10.74
C ASN G 184 -11.74 -2.97 -10.63
N VAL G 185 -10.69 -3.79 -10.65
CA VAL G 185 -10.88 -5.24 -10.75
C VAL G 185 -11.54 -5.84 -9.48
N MET G 186 -11.35 -5.20 -8.32
CA MET G 186 -12.02 -5.66 -7.13
C MET G 186 -13.57 -5.40 -7.18
N GLY G 187 -14.02 -4.31 -7.80
CA GLY G 187 -15.43 -4.10 -7.99
C GLY G 187 -16.06 -5.23 -8.81
N VAL G 188 -15.41 -5.62 -9.91
CA VAL G 188 -15.99 -6.70 -10.73
C VAL G 188 -15.99 -8.03 -9.94
N ALA G 189 -14.95 -8.26 -9.13
CA ALA G 189 -14.92 -9.41 -8.23
C ALA G 189 -15.92 -9.33 -7.09
N LYS G 190 -16.28 -8.13 -6.64
CA LYS G 190 -17.30 -8.08 -5.60
C LYS G 190 -18.71 -8.28 -6.18
N ALA G 191 -18.88 -8.00 -7.48
CA ALA G 191 -20.17 -8.17 -8.10
C ALA G 191 -20.41 -9.66 -8.23
N SER G 192 -19.36 -10.35 -8.70
CA SER G 192 -19.27 -11.80 -8.74
C SER G 192 -19.64 -12.40 -7.37
N LEU G 193 -18.97 -11.95 -6.32
CA LEU G 193 -19.22 -12.39 -4.95
C LEU G 193 -20.68 -12.20 -4.55
N GLU G 194 -21.22 -11.01 -4.78
CA GLU G 194 -22.61 -10.77 -4.44
C GLU G 194 -23.65 -11.68 -5.14
N ALA G 195 -23.49 -11.95 -6.44
CA ALA G 195 -24.28 -12.98 -7.16
C ALA G 195 -23.99 -14.39 -6.64
N ASN G 196 -22.73 -14.65 -6.25
CA ASN G 196 -22.32 -15.92 -5.60
C ASN G 196 -23.15 -16.17 -4.35
N VAL G 197 -23.29 -15.15 -3.52
CA VAL G 197 -24.14 -15.17 -2.33
C VAL G 197 -25.58 -15.58 -2.70
N LYS G 198 -26.10 -15.02 -3.80
CA LYS G 198 -27.52 -15.25 -4.10
C LYS G 198 -27.74 -16.67 -4.63
N TYR G 199 -26.89 -17.11 -5.56
CA TYR G 199 -26.90 -18.48 -6.06
C TYR G 199 -26.62 -19.52 -4.97
N LEU G 200 -25.72 -19.22 -4.05
CA LEU G 200 -25.54 -20.10 -2.90
C LEU G 200 -26.77 -20.20 -2.03
N ALA G 201 -27.43 -19.05 -1.84
CA ALA G 201 -28.64 -18.92 -1.04
C ALA G 201 -29.75 -19.82 -1.59
N LEU G 202 -29.90 -19.81 -2.91
CA LEU G 202 -30.95 -20.57 -3.59
C LEU G 202 -30.60 -22.05 -3.51
N ASP G 203 -29.33 -22.38 -3.73
CA ASP G 203 -28.87 -23.77 -3.76
C ASP G 203 -28.90 -24.41 -2.36
N LEU G 204 -28.57 -23.67 -1.32
CA LEU G 204 -28.40 -24.23 0.04
C LEU G 204 -29.57 -23.94 0.99
N GLY G 205 -30.48 -23.07 0.55
CA GLY G 205 -31.75 -22.87 1.24
C GLY G 205 -32.50 -24.10 1.72
N PRO G 206 -32.71 -25.09 0.84
CA PRO G 206 -33.51 -26.25 1.27
C PRO G 206 -32.81 -27.12 2.28
N ASP G 207 -31.51 -26.89 2.46
CA ASP G 207 -30.68 -27.47 3.52
C ASP G 207 -30.63 -26.59 4.78
N ASN G 208 -31.47 -25.54 4.80
CA ASN G 208 -31.48 -24.54 5.88
C ASN G 208 -30.15 -23.84 6.15
N ILE G 209 -29.33 -23.71 5.12
CA ILE G 209 -28.14 -22.87 5.25
C ILE G 209 -28.41 -21.51 4.62
N ARG G 210 -28.34 -20.47 5.44
CA ARG G 210 -28.65 -19.11 4.94
C ARG G 210 -27.37 -18.48 4.44
N VAL G 211 -27.49 -17.63 3.43
CA VAL G 211 -26.29 -17.04 2.88
C VAL G 211 -26.57 -15.58 2.63
N ASN G 212 -25.61 -14.75 3.05
CA ASN G 212 -25.80 -13.31 3.07
C ASN G 212 -24.48 -12.60 2.94
N ALA G 213 -24.56 -11.32 2.61
CA ALA G 213 -23.38 -10.46 2.60
C ALA G 213 -23.59 -9.27 3.50
N ILE G 214 -22.48 -8.74 3.99
CA ILE G 214 -22.42 -7.44 4.62
C ILE G 214 -21.61 -6.49 3.77
N SER G 215 -22.21 -5.36 3.43
CA SER G 215 -21.52 -4.40 2.58
C SER G 215 -20.97 -3.36 3.51
N ALA G 216 -19.71 -3.52 3.92
CA ALA G 216 -19.10 -2.58 4.84
C ALA G 216 -18.64 -1.27 4.18
N GLY G 217 -18.65 -0.19 4.97
CA GLY G 217 -18.18 1.12 4.53
C GLY G 217 -16.67 1.10 4.62
N PRO G 218 -15.95 2.09 4.06
CA PRO G 218 -14.47 1.96 4.16
C PRO G 218 -13.97 1.99 5.61
N ILE G 219 -12.97 1.14 5.89
CA ILE G 219 -12.39 0.97 7.22
C ILE G 219 -10.88 0.86 7.09
N ARG G 220 -10.10 1.61 7.85
CA ARG G 220 -8.63 1.56 7.71
C ARG G 220 -8.17 0.19 8.17
N THR G 221 -7.72 -0.60 7.19
CA THR G 221 -7.06 -1.84 7.49
C THR G 221 -5.80 -2.02 6.62
N LEU G 222 -5.10 -3.11 6.91
CA LEU G 222 -4.00 -3.56 6.06
C LEU G 222 -4.34 -3.54 4.56
N SER G 223 -5.40 -4.21 4.14
CA SER G 223 -5.71 -4.36 2.72
C SER G 223 -6.25 -3.09 2.04
N ALA G 224 -6.69 -2.14 2.86
CA ALA G 224 -7.15 -0.79 2.43
C ALA G 224 -6.10 0.03 1.73
N LYS G 225 -4.87 -0.13 2.23
CA LYS G 225 -3.68 0.41 1.64
C LYS G 225 -3.56 0.00 0.15
N GLY G 226 -4.47 -0.85 -0.32
CA GLY G 226 -4.40 -1.29 -1.70
C GLY G 226 -5.43 -0.53 -2.50
N VAL G 227 -6.25 0.25 -1.82
CA VAL G 227 -7.22 1.03 -2.57
C VAL G 227 -6.67 2.46 -2.75
N GLY G 228 -6.37 2.89 -3.97
CA GLY G 228 -5.94 4.27 -4.21
C GLY G 228 -7.03 5.23 -3.73
N GLY G 229 -6.63 6.39 -3.21
CA GLY G 229 -7.59 7.41 -2.81
C GLY G 229 -8.36 7.15 -1.53
N PHE G 230 -7.96 6.09 -0.82
CA PHE G 230 -8.64 5.69 0.42
C PHE G 230 -8.96 6.81 1.42
N ASN G 231 -7.98 7.65 1.73
CA ASN G 231 -8.24 8.79 2.61
C ASN G 231 -9.44 9.65 2.14
N THR G 232 -9.55 9.83 0.83
CA THR G 232 -10.60 10.66 0.24
C THR G 232 -11.96 9.93 0.25
N ILE G 233 -11.98 8.59 0.23
CA ILE G 233 -13.22 7.82 0.46
C ILE G 233 -13.78 7.93 1.88
N LEU G 234 -12.92 7.74 2.87
CA LEU G 234 -13.29 8.01 4.25
C LEU G 234 -13.86 9.40 4.43
N LYS G 235 -13.22 10.42 3.87
CA LYS G 235 -13.64 11.81 4.08
C LYS G 235 -15.04 12.05 3.49
N GLU G 236 -15.27 11.56 2.28
CA GLU G 236 -16.56 11.67 1.63
C GLU G 236 -17.70 10.98 2.41
N ILE G 237 -17.43 9.90 3.12
CA ILE G 237 -18.43 9.29 3.97
C ILE G 237 -18.87 10.26 5.10
N GLU G 238 -17.89 10.91 5.72
CA GLU G 238 -18.08 11.74 6.90
C GLU G 238 -18.90 12.96 6.53
N GLU G 239 -18.61 13.48 5.35
CA GLU G 239 -19.33 14.63 4.84
C GLU G 239 -20.70 14.30 4.24
N ARG G 240 -20.87 13.15 3.59
CA ARG G 240 -22.08 12.95 2.79
C ARG G 240 -22.98 11.83 3.30
N ALA G 241 -22.43 10.80 3.92
CA ALA G 241 -23.29 9.71 4.38
C ALA G 241 -24.29 10.25 5.41
N PRO G 242 -25.48 9.65 5.46
CA PRO G 242 -26.48 10.08 6.40
C PRO G 242 -25.96 10.20 7.84
N LEU G 243 -25.16 9.23 8.34
CA LEU G 243 -24.78 9.38 9.75
C LEU G 243 -23.63 10.35 9.89
N LYS G 244 -22.97 10.73 8.79
CA LYS G 244 -21.95 11.78 8.86
C LYS G 244 -20.74 11.31 9.65
N ARG G 245 -20.50 10.01 9.61
CA ARG G 245 -19.33 9.43 10.26
C ARG G 245 -19.00 8.12 9.54
N ASN G 246 -17.74 7.72 9.68
CA ASN G 246 -17.32 6.39 9.25
C ASN G 246 -17.74 5.28 10.21
N VAL G 247 -17.72 4.04 9.72
CA VAL G 247 -18.07 2.89 10.56
C VAL G 247 -16.80 2.22 11.09
N ASP G 248 -16.98 1.24 11.99
CA ASP G 248 -15.84 0.49 12.48
C ASP G 248 -16.13 -0.98 12.42
N GLN G 249 -15.05 -1.74 12.63
CA GLN G 249 -15.01 -3.20 12.53
C GLN G 249 -16.02 -3.88 13.47
N VAL G 250 -16.24 -3.33 14.65
CA VAL G 250 -17.23 -3.84 15.63
C VAL G 250 -18.67 -3.61 15.15
N GLU G 251 -18.90 -2.52 14.43
CA GLU G 251 -20.22 -2.34 13.84
C GLU G 251 -20.56 -3.47 12.87
N VAL G 252 -19.55 -3.90 12.10
CA VAL G 252 -19.70 -4.99 11.14
C VAL G 252 -19.93 -6.27 11.92
N GLY G 253 -19.10 -6.48 12.94
CA GLY G 253 -19.27 -7.54 13.93
C GLY G 253 -20.69 -7.64 14.48
N LYS G 254 -21.25 -6.49 14.85
CA LYS G 254 -22.61 -6.49 15.39
C LYS G 254 -23.64 -6.96 14.33
N THR G 255 -23.50 -6.54 13.07
CA THR G 255 -24.39 -7.05 12.00
C THR G 255 -24.13 -8.52 11.67
N ALA G 256 -22.88 -8.95 11.76
CA ALA G 256 -22.51 -10.38 11.60
C ALA G 256 -23.19 -11.30 12.63
N ALA G 257 -23.18 -10.89 13.91
CA ALA G 257 -23.89 -11.60 14.95
C ALA G 257 -25.35 -11.80 14.53
N TYR G 258 -25.95 -10.75 13.96
CA TYR G 258 -27.36 -10.82 13.61
C TYR G 258 -27.51 -11.85 12.49
N LEU G 259 -26.72 -11.73 11.43
CA LEU G 259 -26.78 -12.68 10.31
C LEU G 259 -26.46 -14.15 10.64
N LEU G 260 -25.70 -14.38 11.71
CA LEU G 260 -25.12 -15.69 12.02
C LEU G 260 -25.97 -16.38 13.07
N SER G 261 -26.86 -15.59 13.62
CA SER G 261 -27.77 -16.04 14.67
C SER G 261 -29.22 -16.22 14.18
N ASP G 262 -30.03 -16.72 15.10
CA ASP G 262 -31.45 -16.94 14.87
C ASP G 262 -32.23 -15.63 14.73
N LEU G 263 -31.63 -14.49 15.04
CA LEU G 263 -32.38 -13.25 14.90
C LEU G 263 -32.75 -13.01 13.42
N SER G 264 -32.01 -13.62 12.50
CA SER G 264 -32.22 -13.38 11.08
C SER G 264 -32.70 -14.62 10.32
N SER G 265 -33.54 -15.45 10.94
N SER G 265 -33.43 -15.49 11.01
CA SER G 265 -33.88 -16.77 10.37
CA SER G 265 -34.13 -16.56 10.31
C SER G 265 -34.63 -16.75 9.03
C SER G 265 -35.15 -15.88 9.40
N GLY G 266 -35.32 -15.65 8.72
N GLY G 266 -35.25 -16.38 8.17
CA GLY G 266 -36.04 -15.52 7.47
CA GLY G 266 -36.04 -15.71 7.15
C GLY G 266 -35.29 -14.71 6.42
C GLY G 266 -35.21 -14.80 6.25
N VAL G 267 -34.04 -14.40 6.73
CA VAL G 267 -33.21 -13.57 5.89
C VAL G 267 -32.12 -14.41 5.23
N THR G 268 -32.07 -14.42 3.90
CA THR G 268 -31.03 -15.14 3.18
C THR G 268 -30.99 -14.49 1.80
N GLY G 269 -29.85 -14.58 1.11
CA GLY G 269 -29.66 -13.90 -0.19
C GLY G 269 -29.58 -12.38 -0.04
N GLU G 270 -29.47 -11.87 1.18
CA GLU G 270 -29.48 -10.43 1.40
C GLU G 270 -28.04 -9.81 1.49
N ASN G 271 -27.93 -8.49 1.20
CA ASN G 271 -26.72 -7.67 1.34
C ASN G 271 -27.06 -6.58 2.34
N ILE G 272 -26.62 -6.69 3.60
CA ILE G 272 -26.84 -5.58 4.51
C ILE G 272 -25.69 -4.55 4.47
N HIS G 273 -26.00 -3.30 4.15
CA HIS G 273 -24.98 -2.26 4.13
C HIS G 273 -24.74 -1.70 5.51
N VAL G 274 -23.49 -1.82 5.98
CA VAL G 274 -23.13 -1.28 7.29
C VAL G 274 -22.18 -0.12 7.01
N ASP G 275 -22.77 1.05 6.74
CA ASP G 275 -21.99 2.03 6.03
C ASP G 275 -22.51 3.42 6.27
N SER G 276 -23.14 3.64 7.43
CA SER G 276 -23.63 4.97 7.68
C SER G 276 -24.69 5.48 6.71
N GLY G 277 -25.38 4.59 6.01
CA GLY G 277 -26.45 5.02 5.10
C GLY G 277 -25.99 5.44 3.72
N PHE G 278 -24.70 5.29 3.38
CA PHE G 278 -24.10 5.86 2.16
C PHE G 278 -24.65 5.23 0.88
N HIS G 279 -25.04 3.94 0.97
CA HIS G 279 -25.51 3.21 -0.22
C HIS G 279 -26.77 3.90 -0.78
N ALA G 280 -27.48 4.63 0.08
CA ALA G 280 -28.82 5.10 -0.21
C ALA G 280 -28.93 6.54 -0.66
N ILE G 281 -27.78 7.20 -0.85
CA ILE G 281 -27.72 8.59 -1.25
C ILE G 281 -26.87 8.67 -2.53
N LYS G 282 -27.16 9.69 -3.31
CA LYS G 282 -26.36 10.11 -4.42
C LYS G 282 -26.28 11.63 -4.31
N ASN H 29 -30.09 5.86 -39.08
CA ASN H 29 -29.22 6.01 -40.30
C ASN H 29 -27.73 5.76 -40.03
N LEU H 30 -27.27 4.56 -40.38
CA LEU H 30 -25.94 4.13 -40.00
C LEU H 30 -24.98 4.00 -41.21
N GLU H 31 -25.24 4.74 -42.27
CA GLU H 31 -24.36 4.70 -43.44
C GLU H 31 -23.02 5.32 -43.06
N ASN H 32 -21.95 4.85 -43.68
CA ASN H 32 -20.61 5.28 -43.25
C ASN H 32 -20.29 5.02 -41.76
N LYS H 33 -21.03 4.12 -41.12
CA LYS H 33 -20.66 3.59 -39.82
C LYS H 33 -20.13 2.17 -40.02
N THR H 34 -19.29 1.74 -39.09
CA THR H 34 -18.62 0.45 -39.14
C THR H 34 -18.57 -0.23 -37.77
N TYR H 35 -19.08 -1.45 -37.71
CA TYR H 35 -19.30 -2.12 -36.46
C TYR H 35 -18.64 -3.51 -36.49
N VAL H 36 -18.07 -3.93 -35.37
CA VAL H 36 -17.60 -5.31 -35.21
C VAL H 36 -18.63 -6.07 -34.38
N ILE H 37 -19.10 -7.17 -34.97
CA ILE H 37 -20.03 -8.05 -34.29
C ILE H 37 -19.31 -9.36 -33.96
N MET H 38 -19.19 -9.64 -32.67
CA MET H 38 -18.57 -10.89 -32.20
C MET H 38 -19.60 -11.90 -31.70
N GLY H 39 -19.57 -13.11 -32.26
CA GLY H 39 -20.36 -14.23 -31.75
C GLY H 39 -21.55 -14.70 -32.57
N ILE H 40 -21.54 -14.54 -33.89
CA ILE H 40 -22.53 -15.29 -34.68
C ILE H 40 -22.11 -16.74 -34.80
N ALA H 41 -22.97 -17.67 -34.39
CA ALA H 41 -22.74 -19.09 -34.65
C ALA H 41 -23.60 -19.60 -35.81
N ASN H 42 -24.84 -19.16 -35.86
CA ASN H 42 -25.76 -19.56 -36.95
C ASN H 42 -26.91 -18.57 -37.15
N LYS H 43 -27.92 -18.95 -37.92
CA LYS H 43 -28.99 -18.01 -38.27
C LYS H 43 -29.75 -17.63 -37.03
N ARG H 44 -29.58 -18.38 -35.95
CA ARG H 44 -30.35 -18.17 -34.75
C ARG H 44 -29.64 -17.31 -33.71
N SER H 45 -28.36 -17.00 -33.93
CA SER H 45 -27.63 -16.24 -32.93
C SER H 45 -28.23 -14.86 -32.69
N ILE H 46 -28.31 -14.48 -31.42
CA ILE H 46 -28.72 -13.12 -31.12
C ILE H 46 -27.90 -12.14 -31.97
N ALA H 47 -26.61 -12.41 -32.11
CA ALA H 47 -25.75 -11.49 -32.83
C ALA H 47 -26.16 -11.37 -34.30
N PHE H 48 -26.79 -12.39 -34.87
CA PHE H 48 -27.21 -12.32 -36.29
C PHE H 48 -28.47 -11.43 -36.39
N GLY H 49 -29.27 -11.41 -35.33
CA GLY H 49 -30.36 -10.43 -35.27
C GLY H 49 -29.84 -9.01 -35.24
N VAL H 50 -28.72 -8.80 -34.54
CA VAL H 50 -28.03 -7.52 -34.52
C VAL H 50 -27.49 -7.20 -35.93
N ALA H 51 -26.89 -8.19 -36.58
CA ALA H 51 -26.34 -7.91 -37.90
C ALA H 51 -27.41 -7.50 -38.95
N LYS H 52 -28.47 -8.28 -39.10
CA LYS H 52 -29.57 -7.92 -39.99
C LYS H 52 -30.06 -6.50 -39.77
N VAL H 53 -30.26 -6.12 -38.52
CA VAL H 53 -30.75 -4.77 -38.25
C VAL H 53 -29.73 -3.69 -38.66
N LEU H 54 -28.49 -3.86 -38.23
CA LEU H 54 -27.46 -2.89 -38.57
C LEU H 54 -27.18 -2.90 -40.08
N ASP H 55 -27.26 -4.08 -40.68
CA ASP H 55 -27.03 -4.20 -42.13
C ASP H 55 -28.13 -3.42 -42.84
N GLN H 56 -29.32 -3.47 -42.28
CA GLN H 56 -30.46 -2.93 -42.99
C GLN H 56 -30.49 -1.42 -42.79
N LEU H 57 -29.80 -0.95 -41.77
CA LEU H 57 -29.62 0.49 -41.57
C LEU H 57 -28.40 1.06 -42.32
N GLY H 58 -27.73 0.25 -43.14
CA GLY H 58 -26.58 0.72 -43.94
C GLY H 58 -25.19 0.76 -43.31
N ALA H 59 -24.99 0.10 -42.18
CA ALA H 59 -23.65 -0.04 -41.58
C ALA H 59 -22.81 -1.05 -42.35
N LYS H 60 -21.53 -0.75 -42.59
CA LYS H 60 -20.53 -1.78 -42.90
C LYS H 60 -20.27 -2.65 -41.66
N LEU H 61 -20.36 -3.97 -41.81
CA LEU H 61 -20.13 -4.86 -40.66
C LEU H 61 -18.85 -5.67 -40.85
N VAL H 62 -18.19 -5.92 -39.73
CA VAL H 62 -17.07 -6.84 -39.65
C VAL H 62 -17.45 -7.93 -38.63
N PHE H 63 -17.04 -9.17 -38.87
CA PHE H 63 -17.50 -10.30 -38.06
C PHE H 63 -16.36 -11.08 -37.39
N THR H 64 -16.49 -11.43 -36.11
CA THR H 64 -15.58 -12.40 -35.53
C THR H 64 -16.23 -13.74 -35.15
N TYR H 65 -15.43 -14.80 -35.14
CA TYR H 65 -15.94 -16.15 -34.89
C TYR H 65 -14.84 -16.96 -34.22
N ARG H 66 -15.23 -17.99 -33.47
CA ARG H 66 -14.28 -18.79 -32.70
C ARG H 66 -13.53 -19.85 -33.54
N LYS H 67 -14.24 -20.68 -34.29
CA LYS H 67 -13.62 -21.84 -34.92
C LYS H 67 -13.94 -21.86 -36.41
N GLU H 68 -13.33 -22.76 -37.19
CA GLU H 68 -13.58 -22.73 -38.65
C GLU H 68 -14.94 -23.22 -39.13
N ARG H 69 -15.65 -23.99 -38.30
CA ARG H 69 -17.04 -24.33 -38.58
C ARG H 69 -17.90 -23.07 -38.56
N SER H 70 -17.70 -22.20 -37.57
CA SER H 70 -18.36 -20.91 -37.63
C SER H 70 -18.04 -20.10 -38.92
N ARG H 71 -16.98 -20.43 -39.66
CA ARG H 71 -16.53 -19.55 -40.75
C ARG H 71 -17.29 -19.81 -42.03
N LYS H 72 -17.21 -21.04 -42.51
CA LYS H 72 -18.01 -21.59 -43.61
C LYS H 72 -19.51 -21.26 -43.52
N GLU H 73 -20.18 -21.82 -42.52
CA GLU H 73 -21.40 -21.22 -41.95
C GLU H 73 -21.52 -19.73 -42.25
N LEU H 74 -20.73 -18.92 -41.54
CA LEU H 74 -20.81 -17.46 -41.59
C LEU H 74 -20.75 -16.90 -43.01
N GLU H 75 -19.86 -17.41 -43.83
CA GLU H 75 -19.83 -17.03 -45.24
C GLU H 75 -21.16 -17.25 -45.96
N LYS H 76 -21.87 -18.32 -45.63
CA LYS H 76 -23.26 -18.53 -46.09
C LYS H 76 -24.24 -17.47 -45.58
N LEU H 77 -24.26 -17.22 -44.26
CA LEU H 77 -25.21 -16.27 -43.71
C LEU H 77 -25.11 -14.90 -44.38
N LEU H 78 -23.90 -14.40 -44.57
CA LEU H 78 -23.70 -13.06 -45.09
C LEU H 78 -24.10 -12.88 -46.57
N GLU H 79 -24.49 -13.96 -47.24
CA GLU H 79 -25.18 -13.79 -48.51
C GLU H 79 -26.59 -13.22 -48.31
N GLN H 80 -27.16 -13.47 -47.14
CA GLN H 80 -28.43 -12.85 -46.75
C GLN H 80 -28.34 -11.35 -46.55
N LEU H 81 -27.15 -10.82 -46.34
CA LEU H 81 -27.03 -9.40 -46.02
C LEU H 81 -26.62 -8.56 -47.23
N ASN H 82 -26.73 -7.24 -47.07
CA ASN H 82 -26.39 -6.29 -48.13
C ASN H 82 -24.90 -5.99 -48.20
N GLN H 83 -24.12 -6.48 -47.23
CA GLN H 83 -22.66 -6.33 -47.23
C GLN H 83 -21.99 -6.67 -48.54
N PRO H 84 -21.32 -5.69 -49.17
CA PRO H 84 -20.70 -5.96 -50.47
C PRO H 84 -19.37 -6.66 -50.31
N GLU H 85 -18.82 -6.74 -49.10
CA GLU H 85 -17.70 -7.64 -48.91
C GLU H 85 -17.63 -8.30 -47.54
N ALA H 86 -17.05 -9.50 -47.53
CA ALA H 86 -17.00 -10.33 -46.34
C ALA H 86 -15.72 -10.00 -45.56
N HIS H 87 -15.91 -9.49 -44.34
CA HIS H 87 -14.80 -9.27 -43.42
C HIS H 87 -14.94 -10.17 -42.19
N LEU H 88 -14.25 -11.30 -42.24
CA LEU H 88 -14.35 -12.34 -41.22
C LEU H 88 -13.00 -12.55 -40.53
N TYR H 89 -13.01 -12.58 -39.20
CA TYR H 89 -11.77 -12.73 -38.45
C TYR H 89 -12.00 -13.76 -37.35
N GLN H 90 -11.10 -14.73 -37.33
CA GLN H 90 -11.10 -15.74 -36.30
C GLN H 90 -10.51 -15.16 -35.01
N ILE H 91 -11.31 -15.09 -33.96
CA ILE H 91 -10.84 -14.64 -32.65
C ILE H 91 -11.50 -15.53 -31.60
N ASP H 92 -10.68 -16.32 -30.92
CA ASP H 92 -11.12 -16.99 -29.71
C ASP H 92 -10.67 -16.09 -28.56
N VAL H 93 -11.64 -15.63 -27.80
CA VAL H 93 -11.34 -14.61 -26.79
C VAL H 93 -10.66 -15.16 -25.54
N GLN H 94 -10.35 -16.46 -25.49
CA GLN H 94 -9.48 -16.99 -24.44
C GLN H 94 -8.01 -16.62 -24.64
N SER H 95 -7.67 -16.07 -25.80
CA SER H 95 -6.29 -15.78 -26.17
C SER H 95 -6.09 -14.27 -26.36
N ASP H 96 -5.21 -13.67 -25.57
CA ASP H 96 -4.88 -12.26 -25.77
C ASP H 96 -4.41 -12.00 -27.20
N GLU H 97 -3.52 -12.86 -27.68
CA GLU H 97 -2.86 -12.73 -28.97
C GLU H 97 -3.87 -12.62 -30.07
N GLU H 98 -4.85 -13.52 -30.07
CA GLU H 98 -5.86 -13.54 -31.13
C GLU H 98 -6.74 -12.27 -31.16
N VAL H 99 -7.13 -11.82 -29.97
CA VAL H 99 -7.87 -10.56 -29.80
C VAL H 99 -7.06 -9.35 -30.27
N ILE H 100 -5.85 -9.20 -29.72
CA ILE H 100 -4.91 -8.16 -30.16
C ILE H 100 -4.67 -8.17 -31.65
N ASN H 101 -4.34 -9.34 -32.21
CA ASN H 101 -3.96 -9.41 -33.62
C ASN H 101 -5.18 -9.27 -34.52
N GLY H 102 -6.34 -9.61 -33.96
CA GLY H 102 -7.60 -9.58 -34.68
C GLY H 102 -8.02 -8.15 -34.90
N PHE H 103 -8.00 -7.38 -33.83
CA PHE H 103 -8.43 -6.00 -33.90
C PHE H 103 -7.42 -5.14 -34.67
N GLU H 104 -6.13 -5.44 -34.50
CA GLU H 104 -5.11 -4.81 -35.32
C GLU H 104 -5.37 -5.03 -36.80
N GLN H 105 -5.63 -6.27 -37.19
CA GLN H 105 -5.81 -6.58 -38.60
C GLN H 105 -7.11 -5.97 -39.15
N ILE H 106 -8.11 -5.85 -38.28
CA ILE H 106 -9.36 -5.15 -38.60
C ILE H 106 -9.10 -3.69 -38.92
N GLY H 107 -8.27 -3.06 -38.08
CA GLY H 107 -7.74 -1.73 -38.33
C GLY H 107 -7.07 -1.56 -39.68
N LYS H 108 -6.20 -2.49 -40.05
CA LYS H 108 -5.54 -2.38 -41.35
C LYS H 108 -6.57 -2.44 -42.47
N ASP H 109 -7.51 -3.37 -42.39
CA ASP H 109 -8.29 -3.77 -43.56
C ASP H 109 -9.42 -2.80 -43.86
N VAL H 110 -9.86 -2.10 -42.81
CA VAL H 110 -11.18 -1.50 -42.74
C VAL H 110 -11.12 -0.06 -42.18
N GLY H 111 -10.03 0.25 -41.45
CA GLY H 111 -9.88 1.58 -40.87
C GLY H 111 -10.43 1.62 -39.45
N ASN H 112 -10.72 2.82 -38.98
CA ASN H 112 -11.36 3.04 -37.68
C ASN H 112 -12.78 2.48 -37.59
N ILE H 113 -13.21 2.09 -36.40
CA ILE H 113 -14.55 1.55 -36.19
C ILE H 113 -15.42 2.42 -35.27
N ASP H 114 -16.73 2.16 -35.27
CA ASP H 114 -17.67 2.99 -34.52
C ASP H 114 -18.18 2.29 -33.27
N GLY H 115 -18.06 0.97 -33.21
CA GLY H 115 -18.53 0.20 -32.05
C GLY H 115 -18.29 -1.29 -32.19
N VAL H 116 -18.63 -2.00 -31.10
CA VAL H 116 -18.54 -3.45 -30.97
C VAL H 116 -19.76 -3.98 -30.25
N TYR H 117 -20.37 -4.95 -30.92
CA TYR H 117 -21.35 -5.81 -30.29
C TYR H 117 -20.69 -7.11 -29.81
N HIS H 118 -20.70 -7.30 -28.50
CA HIS H 118 -20.11 -8.49 -27.91
C HIS H 118 -21.23 -9.52 -27.64
N SER H 119 -21.19 -10.69 -28.30
CA SER H 119 -22.24 -11.67 -28.10
C SER H 119 -21.70 -13.05 -27.75
N ILE H 120 -20.83 -13.11 -26.75
CA ILE H 120 -20.04 -14.29 -26.43
C ILE H 120 -20.16 -14.69 -24.95
N ALA H 121 -20.47 -15.95 -24.66
CA ALA H 121 -20.35 -16.46 -23.27
C ALA H 121 -20.08 -17.95 -23.32
N PHE H 122 -19.59 -18.52 -22.22
CA PHE H 122 -19.42 -19.98 -22.12
C PHE H 122 -19.24 -20.45 -20.69
N ALA H 123 -19.79 -21.63 -20.38
CA ALA H 123 -19.53 -22.38 -19.17
C ALA H 123 -19.62 -23.86 -19.51
N ASN H 124 -19.18 -24.74 -18.61
CA ASN H 124 -19.25 -26.17 -18.89
C ASN H 124 -20.67 -26.65 -18.63
N MET H 125 -21.26 -27.34 -19.60
CA MET H 125 -22.68 -27.61 -19.53
C MET H 125 -22.90 -28.45 -18.28
N GLU H 126 -21.85 -29.17 -17.90
CA GLU H 126 -21.83 -29.85 -16.62
C GLU H 126 -22.17 -28.94 -15.44
N ASP H 127 -21.28 -27.99 -15.14
CA ASP H 127 -21.46 -27.04 -14.04
C ASP H 127 -22.88 -26.49 -13.98
N LEU H 128 -23.44 -26.16 -15.14
CA LEU H 128 -24.82 -25.65 -15.21
C LEU H 128 -25.92 -26.62 -14.76
N ARG H 129 -25.74 -27.93 -14.93
CA ARG H 129 -26.77 -28.86 -14.45
C ARG H 129 -26.60 -29.22 -12.98
N GLY H 130 -25.36 -29.37 -12.52
CA GLY H 130 -25.04 -29.58 -11.10
C GLY H 130 -25.64 -28.51 -10.18
N ARG H 131 -25.60 -28.75 -8.87
CA ARG H 131 -25.89 -27.74 -7.86
C ARG H 131 -24.79 -26.69 -7.95
N PHE H 132 -25.10 -25.43 -7.67
CA PHE H 132 -24.09 -24.40 -7.80
C PHE H 132 -22.94 -24.54 -6.78
N SER H 133 -23.23 -25.00 -5.56
CA SER H 133 -22.19 -25.20 -4.57
C SER H 133 -21.18 -26.29 -4.97
N GLU H 134 -21.49 -27.06 -6.01
CA GLU H 134 -20.58 -28.09 -6.45
C GLU H 134 -19.70 -27.66 -7.63
N THR H 135 -19.89 -26.44 -8.13
CA THR H 135 -19.04 -25.91 -9.18
C THR H 135 -17.53 -26.04 -8.88
N SER H 136 -16.77 -26.52 -9.86
CA SER H 136 -15.32 -26.59 -9.77
C SER H 136 -14.66 -25.23 -10.01
N ARG H 137 -13.53 -25.01 -9.35
CA ARG H 137 -12.76 -23.78 -9.55
C ARG H 137 -12.46 -23.49 -11.02
N GLU H 138 -12.06 -24.54 -11.74
CA GLU H 138 -11.73 -24.43 -13.15
CA GLU H 138 -11.73 -24.35 -13.15
C GLU H 138 -12.95 -23.96 -13.97
N GLY H 139 -14.12 -24.50 -13.64
CA GLY H 139 -15.31 -24.17 -14.41
C GLY H 139 -15.80 -22.76 -14.09
N PHE H 140 -15.67 -22.37 -12.83
CA PHE H 140 -16.05 -21.04 -12.42
C PHE H 140 -15.17 -20.02 -13.15
N LEU H 141 -13.87 -20.27 -13.18
CA LEU H 141 -12.95 -19.31 -13.77
C LEU H 141 -13.07 -19.32 -15.31
N LEU H 142 -13.33 -20.47 -15.91
CA LEU H 142 -13.56 -20.56 -17.37
C LEU H 142 -14.69 -19.63 -17.87
N ALA H 143 -15.76 -19.54 -17.08
CA ALA H 143 -16.91 -18.77 -17.46
C ALA H 143 -16.65 -17.27 -17.24
N GLN H 144 -16.02 -16.93 -16.12
CA GLN H 144 -15.51 -15.59 -15.88
C GLN H 144 -14.68 -15.12 -17.05
N ASP H 145 -13.78 -15.99 -17.46
CA ASP H 145 -12.82 -15.68 -18.50
C ASP H 145 -13.55 -15.33 -19.79
N ILE H 146 -14.30 -16.29 -20.32
CA ILE H 146 -14.88 -16.16 -21.64
C ILE H 146 -16.03 -15.16 -21.63
N SER H 147 -16.79 -15.13 -20.55
CA SER H 147 -18.09 -14.44 -20.51
C SER H 147 -18.01 -13.01 -19.94
N SER H 148 -16.96 -12.72 -19.16
CA SER H 148 -16.79 -11.41 -18.60
C SER H 148 -15.48 -10.73 -19.00
N TYR H 149 -14.35 -11.37 -18.73
CA TYR H 149 -13.05 -10.75 -18.97
C TYR H 149 -12.83 -10.47 -20.45
N SER H 150 -13.43 -11.27 -21.31
CA SER H 150 -13.26 -11.00 -22.73
C SER H 150 -13.74 -9.61 -23.10
N LEU H 151 -14.71 -9.06 -22.37
CA LEU H 151 -15.16 -7.72 -22.72
C LEU H 151 -14.12 -6.66 -22.41
N THR H 152 -13.24 -6.93 -21.44
CA THR H 152 -12.27 -5.94 -21.00
C THR H 152 -11.17 -5.81 -22.04
N ILE H 153 -10.67 -6.96 -22.51
CA ILE H 153 -9.59 -6.97 -23.48
C ILE H 153 -10.10 -6.54 -24.85
N VAL H 154 -11.32 -6.94 -25.20
CA VAL H 154 -11.95 -6.43 -26.41
C VAL H 154 -12.08 -4.90 -26.38
N ALA H 155 -12.52 -4.32 -25.26
CA ALA H 155 -12.64 -2.87 -25.16
C ALA H 155 -11.28 -2.19 -25.30
N HIS H 156 -10.27 -2.76 -24.63
CA HIS H 156 -8.90 -2.25 -24.71
C HIS H 156 -8.45 -2.19 -26.14
N GLU H 157 -8.65 -3.27 -26.90
CA GLU H 157 -8.04 -3.40 -28.22
C GLU H 157 -8.80 -2.54 -29.21
N ALA H 158 -10.10 -2.44 -28.95
CA ALA H 158 -11.08 -1.78 -29.82
C ALA H 158 -11.01 -0.26 -29.69
N LYS H 159 -10.73 0.21 -28.48
CA LYS H 159 -10.48 1.62 -28.20
C LYS H 159 -9.49 2.17 -29.21
N LYS H 160 -8.44 1.39 -29.49
CA LYS H 160 -7.42 1.79 -30.48
C LYS H 160 -7.99 2.14 -31.84
N LEU H 161 -9.17 1.64 -32.17
CA LEU H 161 -9.80 1.93 -33.46
C LEU H 161 -10.94 2.94 -33.37
N MET H 162 -11.07 3.55 -32.18
CA MET H 162 -12.10 4.54 -31.90
C MET H 162 -11.48 5.83 -31.35
N PRO H 163 -10.55 6.45 -32.09
CA PRO H 163 -9.91 7.68 -31.61
C PRO H 163 -10.89 8.83 -31.37
N GLU H 164 -12.03 8.81 -32.06
CA GLU H 164 -13.03 9.86 -31.92
C GLU H 164 -14.23 9.44 -31.06
N GLY H 165 -14.13 8.31 -30.39
CA GLY H 165 -15.23 7.82 -29.57
C GLY H 165 -16.00 6.71 -30.26
N GLY H 166 -16.99 6.16 -29.57
CA GLY H 166 -17.71 5.02 -30.11
C GLY H 166 -18.55 4.35 -29.05
N SER H 167 -19.02 3.15 -29.40
CA SER H 167 -19.99 2.47 -28.54
C SER H 167 -19.74 0.97 -28.42
N ILE H 168 -19.76 0.46 -27.19
CA ILE H 168 -19.64 -0.99 -26.94
C ILE H 168 -20.84 -1.58 -26.20
N VAL H 169 -21.33 -2.69 -26.74
CA VAL H 169 -22.53 -3.30 -26.21
C VAL H 169 -22.25 -4.77 -25.96
N ALA H 170 -22.61 -5.25 -24.77
CA ALA H 170 -22.51 -6.67 -24.46
C ALA H 170 -23.87 -7.26 -24.05
N THR H 171 -24.02 -8.58 -24.21
CA THR H 171 -25.32 -9.23 -24.04
C THR H 171 -25.43 -9.94 -22.68
N THR H 172 -26.28 -9.46 -21.77
CA THR H 172 -26.38 -10.16 -20.50
C THR H 172 -27.71 -10.92 -20.32
N TYR H 173 -27.94 -11.42 -19.10
CA TYR H 173 -29.20 -12.09 -18.80
C TYR H 173 -29.63 -11.73 -17.37
N LEU H 174 -30.94 -11.80 -17.14
CA LEU H 174 -31.53 -11.50 -15.82
C LEU H 174 -30.87 -12.32 -14.72
N GLY H 175 -30.43 -13.53 -15.06
CA GLY H 175 -29.68 -14.32 -14.11
C GLY H 175 -28.42 -13.67 -13.56
N GLY H 176 -27.97 -12.57 -14.14
CA GLY H 176 -26.84 -11.80 -13.58
C GLY H 176 -27.27 -10.94 -12.40
N GLU H 177 -28.58 -10.75 -12.23
CA GLU H 177 -29.15 -9.84 -11.24
C GLU H 177 -29.92 -10.54 -10.14
N PHE H 178 -30.52 -11.69 -10.42
CA PHE H 178 -31.17 -12.54 -9.43
C PHE H 178 -30.65 -13.95 -9.66
N ALA H 179 -30.70 -14.79 -8.65
CA ALA H 179 -30.49 -16.22 -8.83
C ALA H 179 -31.70 -16.88 -9.50
N VAL H 180 -31.45 -17.52 -10.64
CA VAL H 180 -32.43 -18.16 -11.51
C VAL H 180 -32.04 -19.64 -11.57
N GLN H 181 -32.96 -20.55 -11.25
CA GLN H 181 -32.61 -21.97 -11.22
C GLN H 181 -31.88 -22.33 -12.53
N ASN H 182 -30.89 -23.21 -12.42
CA ASN H 182 -30.10 -23.76 -13.55
C ASN H 182 -29.09 -22.86 -14.29
N TYR H 183 -29.00 -21.60 -13.92
CA TYR H 183 -28.08 -20.72 -14.62
C TYR H 183 -26.73 -20.67 -13.92
N ASN H 184 -26.77 -20.92 -12.62
CA ASN H 184 -25.62 -21.19 -11.78
C ASN H 184 -24.37 -20.37 -12.10
N VAL H 185 -23.33 -21.04 -12.56
CA VAL H 185 -22.05 -20.37 -12.81
C VAL H 185 -22.22 -19.24 -13.84
N MET H 186 -23.18 -19.37 -14.74
CA MET H 186 -23.27 -18.37 -15.81
C MET H 186 -23.87 -17.10 -15.22
N GLY H 187 -24.69 -17.26 -14.20
CA GLY H 187 -25.24 -16.12 -13.47
C GLY H 187 -24.16 -15.28 -12.82
N VAL H 188 -23.19 -15.95 -12.20
CA VAL H 188 -22.16 -15.24 -11.48
C VAL H 188 -21.27 -14.55 -12.54
N ALA H 189 -21.03 -15.22 -13.67
CA ALA H 189 -20.32 -14.60 -14.77
C ALA H 189 -21.04 -13.39 -15.38
N LYS H 190 -22.37 -13.43 -15.49
CA LYS H 190 -23.14 -12.28 -15.95
C LYS H 190 -23.17 -11.15 -14.91
N ALA H 191 -23.22 -11.47 -13.62
CA ALA H 191 -23.10 -10.44 -12.60
C ALA H 191 -21.78 -9.70 -12.79
N SER H 192 -20.72 -10.49 -13.00
CA SER H 192 -19.38 -9.95 -13.27
C SER H 192 -19.35 -9.08 -14.56
N LEU H 193 -19.90 -9.61 -15.67
CA LEU H 193 -20.10 -8.82 -16.91
C LEU H 193 -20.86 -7.48 -16.70
N GLU H 194 -21.96 -7.49 -15.95
CA GLU H 194 -22.66 -6.24 -15.71
C GLU H 194 -21.82 -5.18 -14.92
N ALA H 195 -21.01 -5.60 -13.95
CA ALA H 195 -20.04 -4.67 -13.34
C ALA H 195 -18.90 -4.30 -14.31
N ASN H 196 -18.45 -5.26 -15.09
CA ASN H 196 -17.43 -4.96 -16.10
C ASN H 196 -17.94 -3.73 -16.87
N VAL H 197 -19.22 -3.76 -17.27
CA VAL H 197 -19.80 -2.74 -18.13
C VAL H 197 -19.73 -1.40 -17.42
N LYS H 198 -20.12 -1.40 -16.14
CA LYS H 198 -20.04 -0.18 -15.38
C LYS H 198 -18.57 0.32 -15.30
N TYR H 199 -17.60 -0.58 -15.15
CA TYR H 199 -16.22 -0.11 -14.92
C TYR H 199 -15.59 0.36 -16.21
N LEU H 200 -15.87 -0.33 -17.31
CA LEU H 200 -15.46 0.18 -18.63
C LEU H 200 -16.13 1.53 -18.92
N ALA H 201 -17.36 1.73 -18.45
CA ALA H 201 -18.06 2.97 -18.80
C ALA H 201 -17.39 4.14 -18.13
N LEU H 202 -17.04 3.89 -16.87
CA LEU H 202 -16.35 4.90 -16.10
C LEU H 202 -14.99 5.21 -16.73
N ASP H 203 -14.21 4.17 -17.01
CA ASP H 203 -12.84 4.30 -17.55
C ASP H 203 -12.80 5.01 -18.90
N LEU H 204 -13.69 4.59 -19.79
CA LEU H 204 -13.65 4.93 -21.22
C LEU H 204 -14.52 6.14 -21.56
N GLY H 205 -15.33 6.56 -20.60
CA GLY H 205 -16.14 7.79 -20.65
C GLY H 205 -15.38 8.98 -21.21
N PRO H 206 -14.22 9.31 -20.62
CA PRO H 206 -13.59 10.54 -21.05
C PRO H 206 -13.03 10.41 -22.47
N ASP H 207 -13.00 9.20 -23.01
CA ASP H 207 -12.52 8.98 -24.37
C ASP H 207 -13.69 8.97 -25.35
N ASN H 208 -14.86 9.33 -24.82
CA ASN H 208 -16.13 9.27 -25.55
C ASN H 208 -16.44 7.88 -26.09
N ILE H 209 -16.10 6.86 -25.32
CA ILE H 209 -16.58 5.52 -25.59
C ILE H 209 -17.68 5.16 -24.57
N ARG H 210 -18.87 4.90 -25.09
CA ARG H 210 -19.95 4.45 -24.23
C ARG H 210 -19.94 2.93 -24.21
N VAL H 211 -20.28 2.38 -23.05
CA VAL H 211 -20.30 0.95 -22.88
C VAL H 211 -21.60 0.62 -22.19
N ASN H 212 -22.37 -0.27 -22.79
CA ASN H 212 -23.67 -0.66 -22.26
C ASN H 212 -23.91 -2.16 -22.39
N ALA H 213 -24.95 -2.62 -21.72
CA ALA H 213 -25.46 -3.96 -21.91
C ALA H 213 -26.91 -3.96 -22.38
N ILE H 214 -27.29 -5.07 -23.00
CA ILE H 214 -28.68 -5.45 -23.22
C ILE H 214 -28.92 -6.75 -22.50
N SER H 215 -29.95 -6.79 -21.68
CA SER H 215 -30.37 -8.02 -21.00
C SER H 215 -31.49 -8.66 -21.83
N ALA H 216 -31.14 -9.62 -22.70
CA ALA H 216 -32.14 -10.27 -23.53
C ALA H 216 -32.97 -11.22 -22.66
N GLY H 217 -34.27 -11.29 -22.95
CA GLY H 217 -35.11 -12.39 -22.49
C GLY H 217 -34.77 -13.69 -23.18
N PRO H 218 -35.38 -14.81 -22.73
CA PRO H 218 -35.08 -16.12 -23.29
C PRO H 218 -35.34 -16.22 -24.81
N ILE H 219 -34.37 -16.75 -25.55
CA ILE H 219 -34.48 -16.92 -27.01
C ILE H 219 -33.85 -18.25 -27.41
N ARG H 220 -34.63 -19.06 -28.13
CA ARG H 220 -34.14 -20.34 -28.65
C ARG H 220 -32.95 -20.14 -29.61
N THR H 221 -31.76 -20.41 -29.08
CA THR H 221 -30.50 -20.41 -29.82
C THR H 221 -29.71 -21.70 -29.60
N LEU H 222 -28.66 -21.92 -30.39
CA LEU H 222 -27.70 -22.99 -30.13
C LEU H 222 -27.23 -23.08 -28.67
N SER H 223 -26.86 -21.96 -28.09
CA SER H 223 -26.35 -21.95 -26.72
C SER H 223 -27.43 -22.22 -25.68
N ALA H 224 -28.65 -21.84 -26.00
CA ALA H 224 -29.78 -22.01 -25.06
C ALA H 224 -30.02 -23.48 -24.72
N LYS H 225 -29.61 -24.39 -25.58
CA LYS H 225 -29.67 -25.81 -25.27
C LYS H 225 -28.84 -26.15 -24.03
N GLY H 226 -27.89 -25.29 -23.70
CA GLY H 226 -27.07 -25.47 -22.49
C GLY H 226 -27.75 -25.11 -21.19
N VAL H 227 -28.91 -24.47 -21.29
CA VAL H 227 -29.67 -24.08 -20.11
C VAL H 227 -30.77 -25.10 -19.85
N GLY H 228 -30.62 -25.91 -18.81
CA GLY H 228 -31.65 -26.89 -18.46
C GLY H 228 -32.93 -26.16 -18.12
N GLY H 229 -34.07 -26.71 -18.56
CA GLY H 229 -35.39 -26.10 -18.29
C GLY H 229 -35.74 -24.88 -19.13
N PHE H 230 -35.02 -24.68 -20.24
CA PHE H 230 -35.26 -23.54 -21.13
C PHE H 230 -36.72 -23.34 -21.53
N ASN H 231 -37.36 -24.42 -21.99
CA ASN H 231 -38.74 -24.31 -22.46
CA ASN H 231 -38.76 -24.42 -22.42
C ASN H 231 -39.68 -23.83 -21.36
N THR H 232 -39.36 -24.16 -20.10
CA THR H 232 -40.12 -23.68 -18.96
C THR H 232 -39.90 -22.18 -18.80
N ILE H 233 -38.69 -21.70 -19.08
CA ILE H 233 -38.36 -20.29 -19.03
C ILE H 233 -39.23 -19.52 -20.06
N LEU H 234 -39.23 -19.99 -21.31
CA LEU H 234 -40.06 -19.44 -22.37
C LEU H 234 -41.52 -19.34 -21.95
N LYS H 235 -42.07 -20.45 -21.47
CA LYS H 235 -43.47 -20.47 -21.07
CA LYS H 235 -43.47 -20.49 -21.06
C LYS H 235 -43.75 -19.43 -20.00
N GLU H 236 -42.79 -19.22 -19.11
CA GLU H 236 -43.04 -18.32 -17.99
C GLU H 236 -43.02 -16.86 -18.43
N ILE H 237 -42.26 -16.54 -19.48
CA ILE H 237 -42.40 -15.20 -20.02
C ILE H 237 -43.77 -15.00 -20.64
N GLU H 238 -44.24 -15.99 -21.42
CA GLU H 238 -45.54 -15.91 -22.07
C GLU H 238 -46.61 -15.57 -21.08
N GLU H 239 -46.58 -16.27 -19.94
CA GLU H 239 -47.64 -16.20 -18.95
C GLU H 239 -47.53 -14.97 -18.08
N ARG H 240 -46.32 -14.52 -17.77
CA ARG H 240 -46.18 -13.58 -16.67
C ARG H 240 -45.57 -12.22 -17.02
N ALA H 241 -44.79 -12.13 -18.09
CA ALA H 241 -44.24 -10.82 -18.49
C ALA H 241 -45.31 -9.86 -19.03
N PRO H 242 -45.22 -8.55 -18.72
CA PRO H 242 -46.18 -7.54 -19.17
C PRO H 242 -46.67 -7.68 -20.64
N LEU H 243 -45.81 -8.07 -21.58
CA LEU H 243 -46.30 -8.18 -22.95
C LEU H 243 -46.84 -9.57 -23.27
N LYS H 244 -46.68 -10.55 -22.36
CA LYS H 244 -47.26 -11.87 -22.56
C LYS H 244 -46.76 -12.46 -23.86
N ARG H 245 -45.50 -12.19 -24.22
CA ARG H 245 -44.92 -12.89 -25.36
C ARG H 245 -43.42 -12.91 -25.12
N ASN H 246 -42.74 -13.79 -25.84
CA ASN H 246 -41.29 -13.79 -25.83
C ASN H 246 -40.76 -12.77 -26.81
N VAL H 247 -39.49 -12.40 -26.66
CA VAL H 247 -38.85 -11.48 -27.57
C VAL H 247 -38.08 -12.28 -28.65
N ASP H 248 -37.51 -11.61 -29.63
CA ASP H 248 -36.66 -12.32 -30.58
C ASP H 248 -35.38 -11.56 -30.87
N GLN H 249 -34.59 -12.08 -31.79
CA GLN H 249 -33.22 -11.61 -31.99
C GLN H 249 -33.21 -10.22 -32.65
N VAL H 250 -34.24 -9.96 -33.43
CA VAL H 250 -34.38 -8.68 -34.13
C VAL H 250 -34.77 -7.59 -33.12
N GLU H 251 -35.52 -7.95 -32.06
CA GLU H 251 -35.80 -6.95 -31.02
C GLU H 251 -34.54 -6.52 -30.28
N VAL H 252 -33.63 -7.46 -30.06
CA VAL H 252 -32.33 -7.16 -29.47
C VAL H 252 -31.53 -6.30 -30.44
N GLY H 253 -31.39 -6.77 -31.68
CA GLY H 253 -30.74 -6.00 -32.74
C GLY H 253 -31.22 -4.56 -32.83
N LYS H 254 -32.51 -4.32 -32.59
CA LYS H 254 -33.06 -2.95 -32.73
C LYS H 254 -32.66 -2.03 -31.58
N THR H 255 -32.69 -2.54 -30.35
CA THR H 255 -32.07 -1.88 -29.22
C THR H 255 -30.55 -1.76 -29.36
N ALA H 256 -29.90 -2.78 -29.91
CA ALA H 256 -28.52 -2.67 -30.27
C ALA H 256 -28.28 -1.45 -31.14
N ALA H 257 -29.13 -1.25 -32.16
CA ALA H 257 -28.95 -0.16 -33.11
C ALA H 257 -29.04 1.17 -32.37
N TYR H 258 -30.01 1.26 -31.46
CA TYR H 258 -30.12 2.45 -30.60
C TYR H 258 -28.81 2.70 -29.84
N LEU H 259 -28.37 1.69 -29.07
CA LEU H 259 -27.18 1.77 -28.22
C LEU H 259 -25.90 2.01 -29.00
N LEU H 260 -25.84 1.56 -30.26
CA LEU H 260 -24.62 1.75 -31.05
C LEU H 260 -24.62 3.06 -31.82
N SER H 261 -25.77 3.73 -31.89
CA SER H 261 -25.88 5.02 -32.60
C SER H 261 -25.84 6.24 -31.69
N ASP H 262 -25.87 7.39 -32.33
CA ASP H 262 -25.99 8.68 -31.65
C ASP H 262 -27.34 8.86 -30.95
N LEU H 263 -28.30 7.95 -31.16
CA LEU H 263 -29.59 8.15 -30.52
C LEU H 263 -29.38 8.05 -29.02
N SER H 264 -28.36 7.30 -28.61
CA SER H 264 -28.13 7.10 -27.19
C SER H 264 -26.88 7.82 -26.69
N SER H 265 -26.55 8.95 -27.31
CA SER H 265 -25.47 9.76 -26.79
C SER H 265 -25.89 10.09 -25.35
N GLY H 266 -25.00 10.18 -24.41
CA GLY H 266 -25.66 10.43 -23.11
C GLY H 266 -25.96 9.24 -22.22
N VAL H 267 -26.09 8.05 -22.82
CA VAL H 267 -26.42 6.82 -22.11
C VAL H 267 -25.18 5.94 -22.08
N THR H 268 -24.72 5.63 -20.86
CA THR H 268 -23.58 4.75 -20.66
C THR H 268 -23.65 4.04 -19.29
N GLY H 269 -23.03 2.87 -19.20
CA GLY H 269 -23.12 2.05 -18.01
C GLY H 269 -24.55 1.61 -17.71
N GLU H 270 -25.35 1.55 -18.77
CA GLU H 270 -26.76 1.14 -18.66
C GLU H 270 -26.95 -0.32 -19.08
N ASN H 271 -28.05 -0.89 -18.59
CA ASN H 271 -28.43 -2.26 -18.89
C ASN H 271 -29.89 -2.19 -19.35
N ILE H 272 -30.16 -2.33 -20.64
CA ILE H 272 -31.54 -2.27 -21.11
C ILE H 272 -32.10 -3.65 -21.29
N HIS H 273 -33.21 -3.92 -20.61
CA HIS H 273 -33.83 -5.25 -20.67
C HIS H 273 -34.72 -5.30 -21.89
N VAL H 274 -34.34 -6.13 -22.84
CA VAL H 274 -35.19 -6.40 -23.97
C VAL H 274 -35.81 -7.78 -23.75
N ASP H 275 -36.85 -7.80 -22.91
CA ASP H 275 -37.36 -9.01 -22.28
C ASP H 275 -38.86 -8.96 -21.98
N SER H 276 -39.64 -8.20 -22.76
CA SER H 276 -41.10 -8.06 -22.64
C SER H 276 -41.54 -7.54 -21.27
N GLY H 277 -40.64 -6.88 -20.54
CA GLY H 277 -40.99 -6.35 -19.22
C GLY H 277 -40.73 -7.29 -18.06
N PHE H 278 -40.23 -8.49 -18.34
CA PHE H 278 -40.07 -9.48 -17.26
C PHE H 278 -39.25 -9.02 -16.03
N HIS H 279 -38.25 -8.17 -16.23
CA HIS H 279 -37.43 -7.71 -15.12
C HIS H 279 -38.21 -6.85 -14.09
N ALA H 280 -39.31 -6.22 -14.53
CA ALA H 280 -40.04 -5.23 -13.73
C ALA H 280 -41.02 -5.89 -12.77
N ILE H 281 -41.29 -7.17 -12.97
CA ILE H 281 -42.35 -7.79 -12.19
C ILE H 281 -41.77 -8.89 -11.30
N LYS H 282 -42.52 -9.29 -10.27
CA LYS H 282 -42.09 -10.41 -9.46
C LYS H 282 -43.26 -11.33 -9.10
#